data_4I9O
# 
_entry.id   4I9O 
# 
_audit_conform.dict_name       mmcif_pdbx.dic 
_audit_conform.dict_version    5.398 
_audit_conform.dict_location   http://mmcif.pdb.org/dictionaries/ascii/mmcif_pdbx.dic 
# 
loop_
_database_2.database_id 
_database_2.database_code 
_database_2.pdbx_database_accession 
_database_2.pdbx_DOI 
PDB   4I9O         pdb_00004i9o 10.2210/pdb4i9o/pdb 
RCSB  RCSB076479   ?            ?                   
WWPDB D_1000076479 ?            ?                   
# 
loop_
_pdbx_audit_revision_history.ordinal 
_pdbx_audit_revision_history.data_content_type 
_pdbx_audit_revision_history.major_revision 
_pdbx_audit_revision_history.minor_revision 
_pdbx_audit_revision_history.revision_date 
1 'Structure model' 1 0 2013-03-06 
2 'Structure model' 1 1 2013-04-17 
3 'Structure model' 1 2 2017-11-15 
4 'Structure model' 1 3 2024-11-06 
# 
_pdbx_audit_revision_details.ordinal             1 
_pdbx_audit_revision_details.revision_ordinal    1 
_pdbx_audit_revision_details.data_content_type   'Structure model' 
_pdbx_audit_revision_details.provider            repository 
_pdbx_audit_revision_details.type                'Initial release' 
_pdbx_audit_revision_details.description         ? 
_pdbx_audit_revision_details.details             ? 
# 
loop_
_pdbx_audit_revision_group.ordinal 
_pdbx_audit_revision_group.revision_ordinal 
_pdbx_audit_revision_group.data_content_type 
_pdbx_audit_revision_group.group 
1 2 'Structure model' 'Database references'    
2 3 'Structure model' Advisory                 
3 3 'Structure model' 'Refinement description' 
4 4 'Structure model' Advisory                 
5 4 'Structure model' 'Data collection'        
6 4 'Structure model' 'Database references'    
7 4 'Structure model' 'Derived calculations'   
8 4 'Structure model' 'Structure summary'      
# 
loop_
_pdbx_audit_revision_category.ordinal 
_pdbx_audit_revision_category.revision_ordinal 
_pdbx_audit_revision_category.data_content_type 
_pdbx_audit_revision_category.category 
1  3 'Structure model' pdbx_unobs_or_zero_occ_atoms 
2  3 'Structure model' software                     
3  4 'Structure model' chem_comp_atom               
4  4 'Structure model' chem_comp_bond               
5  4 'Structure model' database_2                   
6  4 'Structure model' pdbx_entry_details           
7  4 'Structure model' pdbx_modification_feature    
8  4 'Structure model' pdbx_unobs_or_zero_occ_atoms 
9  4 'Structure model' struct_conn                  
10 4 'Structure model' struct_ref_seq_dif           
11 4 'Structure model' struct_site                  
# 
loop_
_pdbx_audit_revision_item.ordinal 
_pdbx_audit_revision_item.revision_ordinal 
_pdbx_audit_revision_item.data_content_type 
_pdbx_audit_revision_item.item 
1 4 'Structure model' '_database_2.pdbx_DOI'                
2 4 'Structure model' '_database_2.pdbx_database_accession' 
3 4 'Structure model' '_struct_conn.pdbx_leaving_atom_flag' 
4 4 'Structure model' '_struct_ref_seq_dif.details'         
5 4 'Structure model' '_struct_site.pdbx_auth_asym_id'      
6 4 'Structure model' '_struct_site.pdbx_auth_comp_id'      
7 4 'Structure model' '_struct_site.pdbx_auth_seq_id'       
# 
_pdbx_database_status.entry_id                        4I9O 
_pdbx_database_status.status_code                     REL 
_pdbx_database_status.deposit_site                    RCSB 
_pdbx_database_status.process_site                    RCSB 
_pdbx_database_status.recvd_initial_deposition_date   2012-12-05 
_pdbx_database_status.status_code_sf                  REL 
_pdbx_database_status.status_code_mr                  ? 
_pdbx_database_status.SG_entry                        ? 
_pdbx_database_status.status_code_cs                  ? 
_pdbx_database_status.methods_development_category    ? 
_pdbx_database_status.pdb_format_compatible           Y 
_pdbx_database_status.status_code_nmr_data            ? 
# 
loop_
_audit_author.name 
_audit_author.pdbx_ordinal 
'Wang, N.'      1 
'Meagher, J.L.' 2 
'Stuckey, J.A.' 3 
'Mapp, A.K.'    4 
# 
_citation.id                        primary 
_citation.title                     'Ordering a dynamic protein via a small-molecule stabilizer.' 
_citation.journal_abbrev            J.Am.Chem.Soc. 
_citation.journal_volume            135 
_citation.page_first                3363 
_citation.page_last                 3366 
_citation.year                      2013 
_citation.journal_id_ASTM           JACSAT 
_citation.country                   US 
_citation.journal_id_ISSN           0002-7863 
_citation.journal_id_CSD            0004 
_citation.book_publisher            ? 
_citation.pdbx_database_id_PubMed   23384013 
_citation.pdbx_database_id_DOI      10.1021/ja3122334 
# 
loop_
_citation_author.citation_id 
_citation_author.name 
_citation_author.ordinal 
_citation_author.identifier_ORCID 
primary 'Wang, N.'        1  ? 
primary 'Majmudar, C.Y.'  2  ? 
primary 'Pomerantz, W.C.' 3  ? 
primary 'Gagnon, J.K.'    4  ? 
primary 'Sadowsky, J.D.'  5  ? 
primary 'Meagher, J.L.'   6  ? 
primary 'Johnson, T.K.'   7  ? 
primary 'Stuckey, J.A.'   8  ? 
primary 'Brooks, C.L.'    9  ? 
primary 'Wells, J.A.'     10 ? 
primary 'Mapp, A.K.'      11 ? 
# 
loop_
_entity.id 
_entity.type 
_entity.src_method 
_entity.pdbx_description 
_entity.formula_weight 
_entity.pdbx_number_of_molecules 
_entity.pdbx_ec 
_entity.pdbx_mutation 
_entity.pdbx_fragment 
_entity.details 
1 polymer     man 'CREB-binding protein'                                                                      12139.228 1  
2.3.1.48 L664C 'UNP residues 562-672, GACKIX domain' ? 
2 non-polymer syn '1-{4-[4-chloro-3-(trifluoromethyl)phenyl]-4-hydroxypiperidin-1-yl}-3-sulfanylpropan-1-one' 367.814   1  ? ?     
?                                     ? 
3 non-polymer syn 1,2-ETHANEDIOL                                                                              62.068    2  ? ?     
?                                     ? 
4 water       nat water                                                                                       18.015    27 ? ?     
?                                     ? 
# 
_entity_poly.entity_id                      1 
_entity_poly.type                           'polypeptide(L)' 
_entity_poly.nstd_linkage                   no 
_entity_poly.nstd_monomer                   yes 
_entity_poly.pdbx_seq_one_letter_code       
;(MSE)RGSHHHHHHG(MSE)ASGVRKGWHEHVTQDLRSHLVHKLVQAIFPTPDPAALKDRR(MSE)ENLVAYAKKVEGD
(MSE)YESANSRDEYYHLLAEKIYKIQKECEEKRRSRL
;
_entity_poly.pdbx_seq_one_letter_code_can   
;MRGSHHHHHHGMASGVRKGWHEHVTQDLRSHLVHKLVQAIFPTPDPAALKDRRMENLVAYAKKVEGDMYESANSRDEYYH
LLAEKIYKIQKECEEKRRSRL
;
_entity_poly.pdbx_strand_id                 A 
_entity_poly.pdbx_target_identifier         ? 
# 
loop_
_pdbx_entity_nonpoly.entity_id 
_pdbx_entity_nonpoly.name 
_pdbx_entity_nonpoly.comp_id 
2 '1-{4-[4-chloro-3-(trifluoromethyl)phenyl]-4-hydroxypiperidin-1-yl}-3-sulfanylpropan-1-one' KI1 
3 1,2-ETHANEDIOL                                                                              EDO 
4 water                                                                                       HOH 
# 
loop_
_entity_poly_seq.entity_id 
_entity_poly_seq.num 
_entity_poly_seq.mon_id 
_entity_poly_seq.hetero 
1 1   MSE n 
1 2   ARG n 
1 3   GLY n 
1 4   SER n 
1 5   HIS n 
1 6   HIS n 
1 7   HIS n 
1 8   HIS n 
1 9   HIS n 
1 10  HIS n 
1 11  GLY n 
1 12  MSE n 
1 13  ALA n 
1 14  SER n 
1 15  GLY n 
1 16  VAL n 
1 17  ARG n 
1 18  LYS n 
1 19  GLY n 
1 20  TRP n 
1 21  HIS n 
1 22  GLU n 
1 23  HIS n 
1 24  VAL n 
1 25  THR n 
1 26  GLN n 
1 27  ASP n 
1 28  LEU n 
1 29  ARG n 
1 30  SER n 
1 31  HIS n 
1 32  LEU n 
1 33  VAL n 
1 34  HIS n 
1 35  LYS n 
1 36  LEU n 
1 37  VAL n 
1 38  GLN n 
1 39  ALA n 
1 40  ILE n 
1 41  PHE n 
1 42  PRO n 
1 43  THR n 
1 44  PRO n 
1 45  ASP n 
1 46  PRO n 
1 47  ALA n 
1 48  ALA n 
1 49  LEU n 
1 50  LYS n 
1 51  ASP n 
1 52  ARG n 
1 53  ARG n 
1 54  MSE n 
1 55  GLU n 
1 56  ASN n 
1 57  LEU n 
1 58  VAL n 
1 59  ALA n 
1 60  TYR n 
1 61  ALA n 
1 62  LYS n 
1 63  LYS n 
1 64  VAL n 
1 65  GLU n 
1 66  GLY n 
1 67  ASP n 
1 68  MSE n 
1 69  TYR n 
1 70  GLU n 
1 71  SER n 
1 72  ALA n 
1 73  ASN n 
1 74  SER n 
1 75  ARG n 
1 76  ASP n 
1 77  GLU n 
1 78  TYR n 
1 79  TYR n 
1 80  HIS n 
1 81  LEU n 
1 82  LEU n 
1 83  ALA n 
1 84  GLU n 
1 85  LYS n 
1 86  ILE n 
1 87  TYR n 
1 88  LYS n 
1 89  ILE n 
1 90  GLN n 
1 91  LYS n 
1 92  GLU n 
1 93  CYS n 
1 94  GLU n 
1 95  GLU n 
1 96  LYS n 
1 97  ARG n 
1 98  ARG n 
1 99  SER n 
1 100 ARG n 
1 101 LEU n 
# 
_entity_src_gen.entity_id                          1 
_entity_src_gen.pdbx_src_id                        1 
_entity_src_gen.pdbx_alt_source_flag               sample 
_entity_src_gen.pdbx_seq_type                      ? 
_entity_src_gen.pdbx_beg_seq_num                   ? 
_entity_src_gen.pdbx_end_seq_num                   ? 
_entity_src_gen.gene_src_common_name               mouse 
_entity_src_gen.gene_src_genus                     ? 
_entity_src_gen.pdbx_gene_src_gene                 'Crebbp, Cbp' 
_entity_src_gen.gene_src_species                   ? 
_entity_src_gen.gene_src_strain                    ? 
_entity_src_gen.gene_src_tissue                    ? 
_entity_src_gen.gene_src_tissue_fraction           ? 
_entity_src_gen.gene_src_details                   ? 
_entity_src_gen.pdbx_gene_src_fragment             ? 
_entity_src_gen.pdbx_gene_src_scientific_name      'Mus musculus' 
_entity_src_gen.pdbx_gene_src_ncbi_taxonomy_id     10090 
_entity_src_gen.pdbx_gene_src_variant              ? 
_entity_src_gen.pdbx_gene_src_cell_line            ? 
_entity_src_gen.pdbx_gene_src_atcc                 ? 
_entity_src_gen.pdbx_gene_src_organ                ? 
_entity_src_gen.pdbx_gene_src_organelle            ? 
_entity_src_gen.pdbx_gene_src_cell                 ? 
_entity_src_gen.pdbx_gene_src_cellular_location    ? 
_entity_src_gen.host_org_common_name               ? 
_entity_src_gen.pdbx_host_org_scientific_name      'Escherichia coli' 
_entity_src_gen.pdbx_host_org_ncbi_taxonomy_id     562 
_entity_src_gen.host_org_genus                     ? 
_entity_src_gen.pdbx_host_org_gene                 ? 
_entity_src_gen.pdbx_host_org_organ                ? 
_entity_src_gen.host_org_species                   ? 
_entity_src_gen.pdbx_host_org_tissue               ? 
_entity_src_gen.pdbx_host_org_tissue_fraction      ? 
_entity_src_gen.pdbx_host_org_strain               'Rossetta pLysS (DE3)' 
_entity_src_gen.pdbx_host_org_variant              ? 
_entity_src_gen.pdbx_host_org_cell_line            ? 
_entity_src_gen.pdbx_host_org_atcc                 ? 
_entity_src_gen.pdbx_host_org_culture_collection   ? 
_entity_src_gen.pdbx_host_org_cell                 ? 
_entity_src_gen.pdbx_host_org_organelle            ? 
_entity_src_gen.pdbx_host_org_cellular_location    ? 
_entity_src_gen.pdbx_host_org_vector_type          plasmid 
_entity_src_gen.pdbx_host_org_vector               ? 
_entity_src_gen.host_org_details                   ? 
_entity_src_gen.expression_system_id               ? 
_entity_src_gen.plasmid_name                       pRSET-b 
_entity_src_gen.plasmid_details                    ? 
_entity_src_gen.pdbx_description                   ? 
# 
loop_
_chem_comp.id 
_chem_comp.type 
_chem_comp.mon_nstd_flag 
_chem_comp.name 
_chem_comp.pdbx_synonyms 
_chem_comp.formula 
_chem_comp.formula_weight 
ALA 'L-peptide linking' y ALANINE                                                                                     ? 
'C3 H7 N O2'           89.093  
ARG 'L-peptide linking' y ARGININE                                                                                    ? 
'C6 H15 N4 O2 1'       175.209 
ASN 'L-peptide linking' y ASPARAGINE                                                                                  ? 
'C4 H8 N2 O3'          132.118 
ASP 'L-peptide linking' y 'ASPARTIC ACID'                                                                             ? 
'C4 H7 N O4'           133.103 
CYS 'L-peptide linking' y CYSTEINE                                                                                    ? 
'C3 H7 N O2 S'         121.158 
EDO non-polymer         . 1,2-ETHANEDIOL                                                                              
'ETHYLENE GLYCOL' 'C2 H6 O2'             62.068  
GLN 'L-peptide linking' y GLUTAMINE                                                                                   ? 
'C5 H10 N2 O3'         146.144 
GLU 'L-peptide linking' y 'GLUTAMIC ACID'                                                                             ? 
'C5 H9 N O4'           147.129 
GLY 'peptide linking'   y GLYCINE                                                                                     ? 
'C2 H5 N O2'           75.067  
HIS 'L-peptide linking' y HISTIDINE                                                                                   ? 
'C6 H10 N3 O2 1'       156.162 
HOH non-polymer         . WATER                                                                                       ? 'H2 O' 
18.015  
ILE 'L-peptide linking' y ISOLEUCINE                                                                                  ? 
'C6 H13 N O2'          131.173 
KI1 non-polymer         . '1-{4-[4-chloro-3-(trifluoromethyl)phenyl]-4-hydroxypiperidin-1-yl}-3-sulfanylpropan-1-one' ? 
'C15 H17 Cl F3 N O2 S' 367.814 
LEU 'L-peptide linking' y LEUCINE                                                                                     ? 
'C6 H13 N O2'          131.173 
LYS 'L-peptide linking' y LYSINE                                                                                      ? 
'C6 H15 N2 O2 1'       147.195 
MSE 'L-peptide linking' n SELENOMETHIONINE                                                                            ? 
'C5 H11 N O2 Se'       196.106 
PHE 'L-peptide linking' y PHENYLALANINE                                                                               ? 
'C9 H11 N O2'          165.189 
PRO 'L-peptide linking' y PROLINE                                                                                     ? 
'C5 H9 N O2'           115.130 
SER 'L-peptide linking' y SERINE                                                                                      ? 
'C3 H7 N O3'           105.093 
THR 'L-peptide linking' y THREONINE                                                                                   ? 
'C4 H9 N O3'           119.119 
TRP 'L-peptide linking' y TRYPTOPHAN                                                                                  ? 
'C11 H12 N2 O2'        204.225 
TYR 'L-peptide linking' y TYROSINE                                                                                    ? 
'C9 H11 N O3'          181.189 
VAL 'L-peptide linking' y VALINE                                                                                      ? 
'C5 H11 N O2'          117.146 
# 
loop_
_pdbx_poly_seq_scheme.asym_id 
_pdbx_poly_seq_scheme.entity_id 
_pdbx_poly_seq_scheme.seq_id 
_pdbx_poly_seq_scheme.mon_id 
_pdbx_poly_seq_scheme.ndb_seq_num 
_pdbx_poly_seq_scheme.pdb_seq_num 
_pdbx_poly_seq_scheme.auth_seq_num 
_pdbx_poly_seq_scheme.pdb_mon_id 
_pdbx_poly_seq_scheme.auth_mon_id 
_pdbx_poly_seq_scheme.pdb_strand_id 
_pdbx_poly_seq_scheme.pdb_ins_code 
_pdbx_poly_seq_scheme.hetero 
A 1 1   MSE 1   572 ?   ?   ?   A . n 
A 1 2   ARG 2   573 ?   ?   ?   A . n 
A 1 3   GLY 3   574 ?   ?   ?   A . n 
A 1 4   SER 4   575 ?   ?   ?   A . n 
A 1 5   HIS 5   576 ?   ?   ?   A . n 
A 1 6   HIS 6   577 ?   ?   ?   A . n 
A 1 7   HIS 7   578 ?   ?   ?   A . n 
A 1 8   HIS 8   579 ?   ?   ?   A . n 
A 1 9   HIS 9   580 ?   ?   ?   A . n 
A 1 10  HIS 10  581 ?   ?   ?   A . n 
A 1 11  GLY 11  582 ?   ?   ?   A . n 
A 1 12  MSE 12  583 ?   ?   ?   A . n 
A 1 13  ALA 13  584 ?   ?   ?   A . n 
A 1 14  SER 14  585 ?   ?   ?   A . n 
A 1 15  GLY 15  586 ?   ?   ?   A . n 
A 1 16  VAL 16  587 ?   ?   ?   A . n 
A 1 17  ARG 17  588 588 ARG ARG A . n 
A 1 18  LYS 18  589 589 LYS LYS A . n 
A 1 19  GLY 19  590 590 GLY GLY A . n 
A 1 20  TRP 20  591 591 TRP TRP A . n 
A 1 21  HIS 21  592 592 HIS HIS A . n 
A 1 22  GLU 22  593 593 GLU GLU A . n 
A 1 23  HIS 23  594 594 HIS HIS A . n 
A 1 24  VAL 24  595 595 VAL VAL A . n 
A 1 25  THR 25  596 596 THR THR A . n 
A 1 26  GLN 26  597 597 GLN GLN A . n 
A 1 27  ASP 27  598 598 ASP ASP A . n 
A 1 28  LEU 28  599 599 LEU LEU A . n 
A 1 29  ARG 29  600 600 ARG ARG A . n 
A 1 30  SER 30  601 601 SER SER A . n 
A 1 31  HIS 31  602 602 HIS HIS A . n 
A 1 32  LEU 32  603 603 LEU LEU A . n 
A 1 33  VAL 33  604 604 VAL VAL A . n 
A 1 34  HIS 34  605 605 HIS HIS A . n 
A 1 35  LYS 35  606 606 LYS LYS A . n 
A 1 36  LEU 36  607 607 LEU LEU A . n 
A 1 37  VAL 37  608 608 VAL VAL A . n 
A 1 38  GLN 38  609 609 GLN GLN A . n 
A 1 39  ALA 39  610 610 ALA ALA A . n 
A 1 40  ILE 40  611 611 ILE ILE A . n 
A 1 41  PHE 41  612 612 PHE PHE A . n 
A 1 42  PRO 42  613 613 PRO PRO A . n 
A 1 43  THR 43  614 614 THR THR A . n 
A 1 44  PRO 44  615 615 PRO PRO A . n 
A 1 45  ASP 45  616 616 ASP ASP A . n 
A 1 46  PRO 46  617 617 PRO PRO A . n 
A 1 47  ALA 47  618 618 ALA ALA A . n 
A 1 48  ALA 48  619 619 ALA ALA A . n 
A 1 49  LEU 49  620 620 LEU LEU A . n 
A 1 50  LYS 50  621 621 LYS LYS A . n 
A 1 51  ASP 51  622 622 ASP ASP A . n 
A 1 52  ARG 52  623 623 ARG ARG A . n 
A 1 53  ARG 53  624 624 ARG ARG A . n 
A 1 54  MSE 54  625 625 MSE MSE A . n 
A 1 55  GLU 55  626 626 GLU GLU A . n 
A 1 56  ASN 56  627 627 ASN ASN A . n 
A 1 57  LEU 57  628 628 LEU LEU A . n 
A 1 58  VAL 58  629 629 VAL VAL A . n 
A 1 59  ALA 59  630 630 ALA ALA A . n 
A 1 60  TYR 60  631 631 TYR TYR A . n 
A 1 61  ALA 61  632 632 ALA ALA A . n 
A 1 62  LYS 62  633 633 LYS LYS A . n 
A 1 63  LYS 63  634 634 LYS LYS A . n 
A 1 64  VAL 64  635 635 VAL VAL A . n 
A 1 65  GLU 65  636 636 GLU GLU A . n 
A 1 66  GLY 66  637 637 GLY GLY A . n 
A 1 67  ASP 67  638 638 ASP ASP A . n 
A 1 68  MSE 68  639 639 MSE MSE A . n 
A 1 69  TYR 69  640 640 TYR TYR A . n 
A 1 70  GLU 70  641 641 GLU GLU A . n 
A 1 71  SER 71  642 642 SER SER A . n 
A 1 72  ALA 72  643 643 ALA ALA A . n 
A 1 73  ASN 73  644 644 ASN ASN A . n 
A 1 74  SER 74  645 645 SER SER A . n 
A 1 75  ARG 75  646 646 ARG ARG A . n 
A 1 76  ASP 76  647 647 ASP ASP A . n 
A 1 77  GLU 77  648 648 GLU GLU A . n 
A 1 78  TYR 78  649 649 TYR TYR A . n 
A 1 79  TYR 79  650 650 TYR TYR A . n 
A 1 80  HIS 80  651 651 HIS HIS A . n 
A 1 81  LEU 81  652 652 LEU LEU A . n 
A 1 82  LEU 82  653 653 LEU LEU A . n 
A 1 83  ALA 83  654 654 ALA ALA A . n 
A 1 84  GLU 84  655 655 GLU GLU A . n 
A 1 85  LYS 85  656 656 LYS LYS A . n 
A 1 86  ILE 86  657 657 ILE ILE A . n 
A 1 87  TYR 87  658 658 TYR TYR A . n 
A 1 88  LYS 88  659 659 LYS LYS A . n 
A 1 89  ILE 89  660 660 ILE ILE A . n 
A 1 90  GLN 90  661 661 GLN GLN A . n 
A 1 91  LYS 91  662 662 LYS LYS A . n 
A 1 92  GLU 92  663 663 GLU GLU A . n 
A 1 93  CYS 93  664 664 CYS CYS A . n 
A 1 94  GLU 94  665 665 GLU GLU A . n 
A 1 95  GLU 95  666 ?   ?   ?   A . n 
A 1 96  LYS 96  667 ?   ?   ?   A . n 
A 1 97  ARG 97  668 ?   ?   ?   A . n 
A 1 98  ARG 98  669 ?   ?   ?   A . n 
A 1 99  SER 99  670 ?   ?   ?   A . n 
A 1 100 ARG 100 671 ?   ?   ?   A . n 
A 1 101 LEU 101 672 ?   ?   ?   A . n 
# 
loop_
_pdbx_nonpoly_scheme.asym_id 
_pdbx_nonpoly_scheme.entity_id 
_pdbx_nonpoly_scheme.mon_id 
_pdbx_nonpoly_scheme.ndb_seq_num 
_pdbx_nonpoly_scheme.pdb_seq_num 
_pdbx_nonpoly_scheme.auth_seq_num 
_pdbx_nonpoly_scheme.pdb_mon_id 
_pdbx_nonpoly_scheme.auth_mon_id 
_pdbx_nonpoly_scheme.pdb_strand_id 
_pdbx_nonpoly_scheme.pdb_ins_code 
B 2 KI1 1  701 1  KI1 KI1 A . 
C 3 EDO 1  702 1  EDO EDO A . 
D 3 EDO 1  703 2  EDO EDO A . 
E 4 HOH 1  801 1  HOH HOH A . 
E 4 HOH 2  802 2  HOH HOH A . 
E 4 HOH 3  803 3  HOH HOH A . 
E 4 HOH 4  804 4  HOH HOH A . 
E 4 HOH 5  805 5  HOH HOH A . 
E 4 HOH 6  806 6  HOH HOH A . 
E 4 HOH 7  807 7  HOH HOH A . 
E 4 HOH 8  808 8  HOH HOH A . 
E 4 HOH 9  809 9  HOH HOH A . 
E 4 HOH 10 810 10 HOH HOH A . 
E 4 HOH 11 811 11 HOH HOH A . 
E 4 HOH 12 812 12 HOH HOH A . 
E 4 HOH 13 813 13 HOH HOH A . 
E 4 HOH 14 814 14 HOH HOH A . 
E 4 HOH 15 815 15 HOH HOH A . 
E 4 HOH 16 816 16 HOH HOH A . 
E 4 HOH 17 817 17 HOH HOH A . 
E 4 HOH 18 818 18 HOH HOH A . 
E 4 HOH 19 819 19 HOH HOH A . 
E 4 HOH 20 820 20 HOH HOH A . 
E 4 HOH 21 821 21 HOH HOH A . 
E 4 HOH 22 822 22 HOH HOH A . 
E 4 HOH 23 823 23 HOH HOH A . 
E 4 HOH 24 824 24 HOH HOH A . 
E 4 HOH 25 825 25 HOH HOH A . 
E 4 HOH 26 826 26 HOH HOH A . 
E 4 HOH 27 827 27 HOH HOH A . 
# 
loop_
_pdbx_unobs_or_zero_occ_atoms.id 
_pdbx_unobs_or_zero_occ_atoms.PDB_model_num 
_pdbx_unobs_or_zero_occ_atoms.polymer_flag 
_pdbx_unobs_or_zero_occ_atoms.occupancy_flag 
_pdbx_unobs_or_zero_occ_atoms.auth_asym_id 
_pdbx_unobs_or_zero_occ_atoms.auth_comp_id 
_pdbx_unobs_or_zero_occ_atoms.auth_seq_id 
_pdbx_unobs_or_zero_occ_atoms.PDB_ins_code 
_pdbx_unobs_or_zero_occ_atoms.auth_atom_id 
_pdbx_unobs_or_zero_occ_atoms.label_alt_id 
_pdbx_unobs_or_zero_occ_atoms.label_asym_id 
_pdbx_unobs_or_zero_occ_atoms.label_comp_id 
_pdbx_unobs_or_zero_occ_atoms.label_seq_id 
_pdbx_unobs_or_zero_occ_atoms.label_atom_id 
1  1 Y 1 A ARG 588 ? CG  ? A ARG 17 CG  
2  1 Y 1 A ARG 588 ? CD  ? A ARG 17 CD  
3  1 Y 1 A ARG 588 ? NE  ? A ARG 17 NE  
4  1 Y 1 A ARG 588 ? CZ  ? A ARG 17 CZ  
5  1 Y 1 A ARG 588 ? NH1 ? A ARG 17 NH1 
6  1 Y 1 A ARG 588 ? NH2 ? A ARG 17 NH2 
7  1 Y 0 A LEU 620 ? CD1 ? A LEU 49 CD1 
8  1 Y 0 A LEU 620 ? CD2 ? A LEU 49 CD2 
9  1 Y 1 A LYS 621 ? CG  ? A LYS 50 CG  
10 1 Y 1 A LYS 621 ? CD  ? A LYS 50 CD  
11 1 Y 1 A LYS 621 ? CE  ? A LYS 50 CE  
12 1 Y 1 A LYS 621 ? NZ  ? A LYS 50 NZ  
13 1 Y 1 A ASP 622 ? CG  ? A ASP 51 CG  
14 1 Y 1 A ASP 622 ? OD1 ? A ASP 51 OD1 
15 1 Y 1 A ASP 622 ? OD2 ? A ASP 51 OD2 
16 1 Y 0 A ARG 623 ? CD  ? A ARG 52 CD  
17 1 Y 0 A ARG 623 ? NE  ? A ARG 52 NE  
18 1 Y 0 A ARG 623 ? CZ  ? A ARG 52 CZ  
19 1 Y 0 A ARG 623 ? NH1 ? A ARG 52 NH1 
20 1 Y 0 A ARG 623 ? NH2 ? A ARG 52 NH2 
21 1 Y 1 A ASP 638 ? CG  ? A ASP 67 CG  
22 1 Y 1 A ASP 638 ? OD1 ? A ASP 67 OD1 
23 1 Y 1 A ASP 638 ? OD2 ? A ASP 67 OD2 
24 1 Y 1 A LYS 662 ? CG  ? A LYS 91 CG  
25 1 Y 1 A LYS 662 ? CD  ? A LYS 91 CD  
26 1 Y 1 A LYS 662 ? CE  ? A LYS 91 CE  
27 1 Y 1 A LYS 662 ? NZ  ? A LYS 91 NZ  
28 1 Y 1 A GLU 665 ? CG  ? A GLU 94 CG  
29 1 Y 1 A GLU 665 ? CD  ? A GLU 94 CD  
30 1 Y 1 A GLU 665 ? OE1 ? A GLU 94 OE1 
31 1 Y 1 A GLU 665 ? OE2 ? A GLU 94 OE2 
# 
loop_
_software.pdbx_ordinal 
_software.name 
_software.version 
_software.date 
_software.type 
_software.contact_author 
_software.contact_author_email 
_software.classification 
_software.location 
_software.language 
_software.citation_id 
1 DENZO       .      ?                package 'Zbyszek Otwinowski' hkl@hkl-xray.com                 'data reduction'  
http://www.hkl-xray.com/                  ?   ? 
2 SCALEPACK   .      ?                package 'Zbyszek Otwinowski' hkl@hkl-xray.com                 'data scaling'    
http://www.hkl-xray.com/                  ?   ? 
3 BUSTER-TNT  .      ?                program 'Gerard Bricogne'    buster-develop@GlobalPhasing.com refinement        
http://www.globalphasing.com/buster/      ?   ? 
4 PDB_EXTRACT 3.11   'April 22, 2011' package PDB                  deposit@deposit.rcsb.org         'data extraction' 
http://sw-tools.pdb.org/apps/PDB_EXTRACT/ C++ ? 
5 MD2         .      ?                ?       ?                    ?                                'data collection' ? ?   ? 
6 HKL-2000    .      ?                ?       ?                    ?                                'data reduction'  ? ?   ? 
7 HKL-2000    .      ?                ?       ?                    ?                                'data scaling'    ? ?   ? 
8 PHENIX      .      ?                ?       ?                    ?                                phasing           ? ?   ? 
9 BUSTER      2.10.0 ?                ?       ?                    ?                                refinement        ? ?   ? 
# 
_cell.length_a           48.330 
_cell.length_b           48.330 
_cell.length_c           85.464 
_cell.angle_alpha        90.000 
_cell.angle_beta         90.000 
_cell.angle_gamma        90.000 
_cell.entry_id           4I9O 
_cell.pdbx_unique_axis   ? 
_cell.Z_PDB              8 
_cell.length_a_esd       ? 
_cell.length_b_esd       ? 
_cell.length_c_esd       ? 
_cell.angle_alpha_esd    ? 
_cell.angle_beta_esd     ? 
_cell.angle_gamma_esd    ? 
# 
_symmetry.space_group_name_H-M             'P 43 21 2' 
_symmetry.entry_id                         4I9O 
_symmetry.Int_Tables_number                96 
_symmetry.pdbx_full_space_group_name_H-M   ? 
_symmetry.cell_setting                     ? 
_symmetry.space_group_name_Hall            ? 
# 
_exptl.crystals_number   1 
_exptl.entry_id          4I9O 
_exptl.method            'X-RAY DIFFRACTION' 
# 
_exptl_crystal.id                    1 
_exptl_crystal.density_Matthews      2.06 
_exptl_crystal.density_meas          ? 
_exptl_crystal.density_percent_sol   40.16 
_exptl_crystal.description           ? 
_exptl_crystal.F_000                 ? 
_exptl_crystal.preparation           ? 
# 
_exptl_crystal_grow.crystal_id      1 
_exptl_crystal_grow.method          'VAPOR DIFFUSION, HANGING DROP' 
_exptl_crystal_grow.pH              7.0 
_exptl_crystal_grow.temp            293 
_exptl_crystal_grow.pdbx_details    '1.8 M (NH4)2SO4, 0.1 M Tris-HCl, pH 7.0, VAPOR DIFFUSION, HANGING DROP, temperature 293K' 
_exptl_crystal_grow.temp_details    ? 
_exptl_crystal_grow.pdbx_pH_range   ? 
# 
_diffrn.id                     1 
_diffrn.ambient_temp           100 
_diffrn.ambient_temp_details   ? 
_diffrn.crystal_id             1 
# 
_diffrn_detector.diffrn_id              1 
_diffrn_detector.detector               CCD 
_diffrn_detector.type                   'MARMOSAIC 225 mm CCD' 
_diffrn_detector.pdbx_collection_date   2012-06-13 
_diffrn_detector.details                ? 
# 
_diffrn_radiation.diffrn_id                        1 
_diffrn_radiation.pdbx_diffrn_protocol             SAD 
_diffrn_radiation.monochromator                    'Diamond [111]' 
_diffrn_radiation.wavelength_id                    1 
_diffrn_radiation.pdbx_monochromatic_or_laue_m_l   ? 
_diffrn_radiation.pdbx_scattering_type             x-ray 
# 
_diffrn_radiation_wavelength.id           1 
_diffrn_radiation_wavelength.wavelength   0.97852 
_diffrn_radiation_wavelength.wt           1.0 
# 
_diffrn_source.diffrn_id                   1 
_diffrn_source.source                      SYNCHROTRON 
_diffrn_source.type                        'APS BEAMLINE 21-ID-F' 
_diffrn_source.pdbx_wavelength_list        0.97852 
_diffrn_source.pdbx_wavelength             ? 
_diffrn_source.pdbx_synchrotron_site       APS 
_diffrn_source.pdbx_synchrotron_beamline   21-ID-F 
# 
_reflns.entry_id                     4I9O 
_reflns.d_resolution_high            2.000 
_reflns.d_resolution_low             50.000 
_reflns.number_obs                   7383 
_reflns.pdbx_Rmerge_I_obs            0.067 
_reflns.pdbx_netI_over_sigmaI        15.700 
_reflns.pdbx_chi_squared             1.188 
_reflns.pdbx_redundancy              20.800 
_reflns.percent_possible_obs         100.000 
_reflns.observed_criterion_sigma_F   ? 
_reflns.observed_criterion_sigma_I   -3 
_reflns.number_all                   7383 
_reflns.B_iso_Wilson_estimate        ? 
_reflns.R_free_details               ? 
_reflns.limit_h_max                  ? 
_reflns.limit_h_min                  ? 
_reflns.limit_k_max                  ? 
_reflns.limit_k_min                  ? 
_reflns.limit_l_max                  ? 
_reflns.limit_l_min                  ? 
_reflns.observed_criterion_F_max     ? 
_reflns.observed_criterion_F_min     ? 
_reflns.pdbx_scaling_rejects         ? 
_reflns.pdbx_Rsym_value              ? 
_reflns.pdbx_ordinal                 1 
_reflns.pdbx_diffrn_id               1 
# 
loop_
_reflns_shell.d_res_high 
_reflns_shell.d_res_low 
_reflns_shell.number_measured_obs 
_reflns_shell.number_measured_all 
_reflns_shell.number_unique_obs 
_reflns_shell.Rmerge_I_obs 
_reflns_shell.meanI_over_sigI_obs 
_reflns_shell.pdbx_Rsym_value 
_reflns_shell.pdbx_chi_squared 
_reflns_shell.pdbx_redundancy 
_reflns_shell.percent_possible_obs 
_reflns_shell.number_unique_all 
_reflns_shell.percent_possible_all 
_reflns_shell.pdbx_ordinal 
_reflns_shell.pdbx_diffrn_id 
2.000 2.030 ? ? ? 0.233 ? ? 0.923 21.200 ? 349 100.000 1  1 
2.030 2.070 ? ? ? 0.223 ? ? 0.917 21.800 ? 359 100.000 2  1 
2.070 2.110 ? ? ? 0.202 ? ? 0.938 21.300 ? 355 100.000 3  1 
2.110 2.150 ? ? ? 0.197 ? ? 0.918 21.400 ? 364 100.000 4  1 
2.150 2.200 ? ? ? 0.164 ? ? 0.935 21.500 ? 357 100.000 5  1 
2.200 2.250 ? ? ? 0.150 ? ? 0.964 21.500 ? 349 100.000 6  1 
2.250 2.310 ? ? ? 0.117 ? ? 0.957 21.200 ? 374 100.000 7  1 
2.310 2.370 ? ? ? 0.106 ? ? 0.936 21.800 ? 350 100.000 8  1 
2.370 2.440 ? ? ? 0.098 ? ? 0.954 21.200 ? 368 100.000 9  1 
2.440 2.520 ? ? ? 0.102 ? ? 1.062 21.400 ? 364 100.000 10 1 
2.520 2.610 ? ? ? 0.110 ? ? 1.305 21.200 ? 350 100.000 11 1 
2.610 2.710 ? ? ? 0.100 ? ? 1.423 21.300 ? 366 100.000 12 1 
2.710 2.840 ? ? ? 0.090 ? ? 1.379 21.300 ? 366 100.000 13 1 
2.840 2.990 ? ? ? 0.077 ? ? 1.301 21.000 ? 369 100.000 14 1 
2.990 3.170 ? ? ? 0.067 ? ? 1.369 20.800 ? 372 100.000 15 1 
3.170 3.420 ? ? ? 0.060 ? ? 1.215 20.700 ? 378 100.000 16 1 
3.420 3.760 ? ? ? 0.054 ? ? 1.245 20.500 ? 370 100.000 17 1 
3.760 4.310 ? ? ? 0.051 ? ? 1.440 19.700 ? 385 100.000 18 1 
4.310 5.430 ? ? ? 0.049 ? ? 1.548 18.800 ? 398 100.000 19 1 
5.430 50.00 ? ? ? 0.061 ? ? 2.111 16.500 ? 440 99.800  20 1 
# 
_refine.entry_id                                 4I9O 
_refine.ls_d_res_high                            2.0000 
_refine.ls_d_res_low                             42.0700 
_refine.pdbx_ls_sigma_F                          0.000 
_refine.pdbx_data_cutoff_high_absF               ? 
_refine.pdbx_data_cutoff_low_absF                ? 
_refine.ls_percent_reflns_obs                    99.9900 
_refine.ls_number_reflns_obs                     7312 
_refine.ls_number_reflns_all                     ? 
_refine.pdbx_ls_cross_valid_method               THROUGHOUT 
_refine.pdbx_R_Free_selection_details            RANDOM 
_refine.details                                  ? 
_refine.ls_R_factor_obs                          0.2076 
_refine.ls_R_factor_R_work                       0.2064 
_refine.ls_wR_factor_R_work                      ? 
_refine.ls_R_factor_R_free                       0.2329 
_refine.ls_wR_factor_R_free                      ? 
_refine.ls_percent_reflns_R_free                 4.6500 
_refine.ls_number_reflns_R_free                  340 
_refine.ls_R_factor_R_free_error                 ? 
_refine.B_iso_mean                               35.8758 
_refine.solvent_model_param_bsol                 ? 
_refine.solvent_model_param_ksol                 ? 
_refine.pdbx_isotropic_thermal_model             ? 
_refine.aniso_B[1][1]                            -2.2045 
_refine.aniso_B[2][2]                            -2.2045 
_refine.aniso_B[3][3]                            4.4090 
_refine.aniso_B[1][2]                            0.0000 
_refine.aniso_B[1][3]                            0.0000 
_refine.aniso_B[2][3]                            0.0000 
_refine.correlation_coeff_Fo_to_Fc               0.9403 
_refine.correlation_coeff_Fo_to_Fc_free          0.9233 
_refine.overall_SU_R_Cruickshank_DPI             0.1610 
_refine.overall_SU_R_free                        ? 
_refine.pdbx_overall_ESU_R                       ? 
_refine.pdbx_overall_ESU_R_Free                  ? 
_refine.overall_SU_ML                            ? 
_refine.overall_SU_B                             ? 
_refine.solvent_model_details                    ? 
_refine.pdbx_solvent_vdw_probe_radii             ? 
_refine.pdbx_solvent_ion_probe_radii             ? 
_refine.pdbx_solvent_shrinkage_radii             ? 
_refine.ls_number_parameters                     ? 
_refine.ls_number_restraints                     ? 
_refine.pdbx_starting_model                      ? 
_refine.pdbx_method_to_determine_struct          SAD 
_refine.pdbx_stereochemistry_target_values       'MAXIMUM LIKELIHOOD' 
_refine.pdbx_stereochem_target_val_spec_case     ? 
_refine.overall_FOM_work_R_set                   ? 
_refine.B_iso_max                                106.960 
_refine.B_iso_min                                15.050 
_refine.pdbx_overall_phase_error                 ? 
_refine.occupancy_max                            1.000 
_refine.occupancy_min                            0.000 
_refine.pdbx_ls_sigma_I                          ? 
_refine.ls_redundancy_reflns_obs                 ? 
_refine.ls_R_factor_R_free_error_details         ? 
_refine.pdbx_data_cutoff_high_rms_absF           ? 
_refine.overall_FOM_free_R_set                   ? 
_refine.ls_R_factor_all                          ? 
_refine.pdbx_diffrn_id                           1 
_refine.pdbx_refine_id                           'X-RAY DIFFRACTION' 
_refine.pdbx_TLS_residual_ADP_flag               ? 
_refine.pdbx_overall_SU_R_free_Cruickshank_DPI   ? 
_refine.pdbx_overall_SU_R_Blow_DPI               ? 
_refine.pdbx_overall_SU_R_free_Blow_DPI          ? 
# 
_refine_analyze.entry_id                        4I9O 
_refine_analyze.Luzzati_coordinate_error_obs    0.220 
_refine_analyze.Luzzati_sigma_a_obs             ? 
_refine_analyze.Luzzati_d_res_low_obs           ? 
_refine_analyze.Luzzati_coordinate_error_free   ? 
_refine_analyze.Luzzati_sigma_a_free            ? 
_refine_analyze.Luzzati_d_res_low_free          ? 
_refine_analyze.number_disordered_residues      ? 
_refine_analyze.occupancy_sum_non_hydrogen      ? 
_refine_analyze.occupancy_sum_hydrogen          ? 
_refine_analyze.pdbx_Luzzati_d_res_high_obs     ? 
_refine_analyze.pdbx_refine_id                  'X-RAY DIFFRACTION' 
# 
_refine_hist.pdbx_refine_id                   'X-RAY DIFFRACTION' 
_refine_hist.cycle_id                         LAST 
_refine_hist.pdbx_number_atoms_protein        626 
_refine_hist.pdbx_number_atoms_nucleic_acid   0 
_refine_hist.pdbx_number_atoms_ligand         31 
_refine_hist.number_atoms_solvent             27 
_refine_hist.number_atoms_total               684 
_refine_hist.d_res_high                       2.0000 
_refine_hist.d_res_low                        42.0700 
# 
loop_
_refine_ls_restr.type 
_refine_ls_restr.number 
_refine_ls_restr.dev_ideal 
_refine_ls_restr.dev_ideal_target 
_refine_ls_restr.weight 
_refine_ls_restr.pdbx_restraint_function 
_refine_ls_restr.pdbx_refine_id 
t_dihedral_angle_d        322 ?     ? 2.000  SINUSOIDAL   'X-RAY DIFFRACTION' 
t_trig_c_planes           15  ?     ? 2.000  HARMONIC     'X-RAY DIFFRACTION' 
t_gen_planes              109 ?     ? 5.000  HARMONIC     'X-RAY DIFFRACTION' 
t_it                      684 ?     ? 20.000 HARMONIC     'X-RAY DIFFRACTION' 
t_nbd                     ?   ?     ? ?      ?            'X-RAY DIFFRACTION' 
t_improper_torsion        ?   ?     ? ?      ?            'X-RAY DIFFRACTION' 
t_pseud_angle             ?   ?     ? ?      ?            'X-RAY DIFFRACTION' 
t_chiral_improper_torsion 83  ?     ? 5.000  SEMIHARMONIC 'X-RAY DIFFRACTION' 
t_sum_occupancies         ?   ?     ? ?      ?            'X-RAY DIFFRACTION' 
t_utility_distance        ?   ?     ? ?      ?            'X-RAY DIFFRACTION' 
t_utility_angle           ?   ?     ? ?      ?            'X-RAY DIFFRACTION' 
t_utility_torsion         ?   ?     ? ?      ?            'X-RAY DIFFRACTION' 
t_ideal_dist_contact      821 ?     ? 4.000  SEMIHARMONIC 'X-RAY DIFFRACTION' 
t_bond_d                  684 0.010 ? 2.000  HARMONIC     'X-RAY DIFFRACTION' 
t_angle_deg               926 0.870 ? 2.000  HARMONIC     'X-RAY DIFFRACTION' 
t_omega_torsion           ?   2.890 ? ?      ?            'X-RAY DIFFRACTION' 
t_other_torsion           ?   3.020 ? ?      ?            'X-RAY DIFFRACTION' 
# 
_refine_ls_shell.d_res_high                       2.0000 
_refine_ls_shell.d_res_low                        2.2400 
_refine_ls_shell.pdbx_total_number_of_bins_used   5 
_refine_ls_shell.percent_reflns_obs               99.9900 
_refine_ls_shell.number_reflns_R_work             1919 
_refine_ls_shell.R_factor_all                     0.1760 
_refine_ls_shell.R_factor_R_work                  0.1742 
_refine_ls_shell.R_factor_R_free                  0.2159 
_refine_ls_shell.percent_reflns_R_free            4.1900 
_refine_ls_shell.number_reflns_R_free             84 
_refine_ls_shell.R_factor_R_free_error            ? 
_refine_ls_shell.number_reflns_all                2003 
_refine_ls_shell.number_reflns_obs                ? 
_refine_ls_shell.redundancy_reflns_obs            ? 
_refine_ls_shell.pdbx_refine_id                   'X-RAY DIFFRACTION' 
# 
_struct.entry_id                  4I9O 
_struct.title                     'Crystal Structure of GACKIX L664C Tethered to 1-10' 
_struct.pdbx_model_details        ? 
_struct.pdbx_CASP_flag            ? 
_struct.pdbx_model_type_details   ? 
# 
_struct_keywords.entry_id        4I9O 
_struct_keywords.text            'KIX domain, Transcriptional Coactivator, TRANSFERASE' 
_struct_keywords.pdbx_keywords   TRANSFERASE 
# 
loop_
_struct_asym.id 
_struct_asym.pdbx_blank_PDB_chainid_flag 
_struct_asym.pdbx_modified 
_struct_asym.entity_id 
_struct_asym.details 
A N N 1 ? 
B N N 2 ? 
C N N 3 ? 
D N N 3 ? 
E N N 4 ? 
# 
_struct_ref.id                         1 
_struct_ref.db_name                    UNP 
_struct_ref.db_code                    CBP_MOUSE 
_struct_ref.pdbx_db_accession          P45481 
_struct_ref.entity_id                  1 
_struct_ref.pdbx_seq_one_letter_code   
;GVRKGWHEHVTQDLRSHLVHKLVQAIFPTPDPAALKDRRMENLVAYAKKVEGDMYESANSRDEYYHLLAEKIYKIQKELE
EKRRSRL
;
_struct_ref.pdbx_align_begin           586 
_struct_ref.pdbx_db_isoform            ? 
# 
_struct_ref_seq.align_id                      1 
_struct_ref_seq.ref_id                        1 
_struct_ref_seq.pdbx_PDB_id_code              4I9O 
_struct_ref_seq.pdbx_strand_id                A 
_struct_ref_seq.seq_align_beg                 15 
_struct_ref_seq.pdbx_seq_align_beg_ins_code   ? 
_struct_ref_seq.seq_align_end                 101 
_struct_ref_seq.pdbx_seq_align_end_ins_code   ? 
_struct_ref_seq.pdbx_db_accession             P45481 
_struct_ref_seq.db_align_beg                  586 
_struct_ref_seq.pdbx_db_align_beg_ins_code    ? 
_struct_ref_seq.db_align_end                  672 
_struct_ref_seq.pdbx_db_align_end_ins_code    ? 
_struct_ref_seq.pdbx_auth_seq_align_beg       586 
_struct_ref_seq.pdbx_auth_seq_align_end       672 
# 
loop_
_struct_ref_seq_dif.align_id 
_struct_ref_seq_dif.pdbx_pdb_id_code 
_struct_ref_seq_dif.mon_id 
_struct_ref_seq_dif.pdbx_pdb_strand_id 
_struct_ref_seq_dif.seq_num 
_struct_ref_seq_dif.pdbx_pdb_ins_code 
_struct_ref_seq_dif.pdbx_seq_db_name 
_struct_ref_seq_dif.pdbx_seq_db_accession_code 
_struct_ref_seq_dif.db_mon_id 
_struct_ref_seq_dif.pdbx_seq_db_seq_num 
_struct_ref_seq_dif.details 
_struct_ref_seq_dif.pdbx_auth_seq_num 
_struct_ref_seq_dif.pdbx_ordinal 
1 4I9O MSE A 1  ? UNP P45481 ?   ?   'expression tag'      572 1  
1 4I9O ARG A 2  ? UNP P45481 ?   ?   'expression tag'      573 2  
1 4I9O GLY A 3  ? UNP P45481 ?   ?   'expression tag'      574 3  
1 4I9O SER A 4  ? UNP P45481 ?   ?   'expression tag'      575 4  
1 4I9O HIS A 5  ? UNP P45481 ?   ?   'expression tag'      576 5  
1 4I9O HIS A 6  ? UNP P45481 ?   ?   'expression tag'      577 6  
1 4I9O HIS A 7  ? UNP P45481 ?   ?   'expression tag'      578 7  
1 4I9O HIS A 8  ? UNP P45481 ?   ?   'expression tag'      579 8  
1 4I9O HIS A 9  ? UNP P45481 ?   ?   'expression tag'      580 9  
1 4I9O HIS A 10 ? UNP P45481 ?   ?   'expression tag'      581 10 
1 4I9O GLY A 11 ? UNP P45481 ?   ?   'expression tag'      582 11 
1 4I9O MSE A 12 ? UNP P45481 ?   ?   'expression tag'      583 12 
1 4I9O ALA A 13 ? UNP P45481 ?   ?   'expression tag'      584 13 
1 4I9O SER A 14 ? UNP P45481 ?   ?   'expression tag'      585 14 
1 4I9O CYS A 93 ? UNP P45481 LEU 664 'engineered mutation' 664 15 
# 
loop_
_pdbx_struct_assembly.id 
_pdbx_struct_assembly.details 
_pdbx_struct_assembly.method_details 
_pdbx_struct_assembly.oligomeric_details 
_pdbx_struct_assembly.oligomeric_count 
1 author_defined_assembly   ?    monomeric 1 
2 software_defined_assembly PISA dimeric   2 
# 
loop_
_pdbx_struct_assembly_prop.biol_id 
_pdbx_struct_assembly_prop.type 
_pdbx_struct_assembly_prop.value 
_pdbx_struct_assembly_prop.details 
2 'ABSA (A^2)' 2600 ? 
2 MORE         -9   ? 
2 'SSA (A^2)'  9150 ? 
# 
loop_
_pdbx_struct_assembly_gen.assembly_id 
_pdbx_struct_assembly_gen.oper_expression 
_pdbx_struct_assembly_gen.asym_id_list 
1 1   A,B,C,D,E 
2 1,2 A,B,C,D,E 
# 
loop_
_pdbx_struct_oper_list.id 
_pdbx_struct_oper_list.type 
_pdbx_struct_oper_list.name 
_pdbx_struct_oper_list.symmetry_operation 
_pdbx_struct_oper_list.matrix[1][1] 
_pdbx_struct_oper_list.matrix[1][2] 
_pdbx_struct_oper_list.matrix[1][3] 
_pdbx_struct_oper_list.vector[1] 
_pdbx_struct_oper_list.matrix[2][1] 
_pdbx_struct_oper_list.matrix[2][2] 
_pdbx_struct_oper_list.matrix[2][3] 
_pdbx_struct_oper_list.vector[2] 
_pdbx_struct_oper_list.matrix[3][1] 
_pdbx_struct_oper_list.matrix[3][2] 
_pdbx_struct_oper_list.matrix[3][3] 
_pdbx_struct_oper_list.vector[3] 
1 'identity operation'         1_555 x,y,z            1.0000000000  0.0000000000  0.0000000000 0.0000000000  0.0000000000  1.0000000000  0.0000000000  0.0000000000  0.0000000000 0.0000000000  1.0000000000  0.0000000000   
2 'crystal symmetry operation' 8_665 -y+1,-x+1,-z+1/2 -0.2421753471 -0.5018255876 0.8303747232 11.6714770172 -0.5018255876 -0.6676950013 -0.5498676795 -1.9070247308 0.8303747232 -0.5498676795 -0.0901296516 -11.8042210963 
# 
_struct_biol.id        1 
_struct_biol.details   ? 
# 
loop_
_struct_conf.conf_type_id 
_struct_conf.id 
_struct_conf.pdbx_PDB_helix_id 
_struct_conf.beg_label_comp_id 
_struct_conf.beg_label_asym_id 
_struct_conf.beg_label_seq_id 
_struct_conf.pdbx_beg_PDB_ins_code 
_struct_conf.end_label_comp_id 
_struct_conf.end_label_asym_id 
_struct_conf.end_label_seq_id 
_struct_conf.pdbx_end_PDB_ins_code 
_struct_conf.beg_auth_comp_id 
_struct_conf.beg_auth_asym_id 
_struct_conf.beg_auth_seq_id 
_struct_conf.end_auth_comp_id 
_struct_conf.end_auth_asym_id 
_struct_conf.end_auth_seq_id 
_struct_conf.pdbx_PDB_helix_class 
_struct_conf.details 
_struct_conf.pdbx_PDB_helix_length 
HELX_P HELX_P1 1 LYS A 18 ? VAL A 24 ? LYS A 589 VAL A 595 5 ? 7  
HELX_P HELX_P2 2 THR A 25 ? PHE A 41 ? THR A 596 PHE A 612 1 ? 17 
HELX_P HELX_P3 3 LYS A 50 ? ALA A 72 ? LYS A 621 ALA A 643 1 ? 23 
HELX_P HELX_P4 4 SER A 74 ? GLU A 94 ? SER A 645 GLU A 665 1 ? 21 
# 
_struct_conf_type.id          HELX_P 
_struct_conf_type.criteria    ? 
_struct_conf_type.reference   ? 
# 
loop_
_struct_conn.id 
_struct_conn.conn_type_id 
_struct_conn.pdbx_leaving_atom_flag 
_struct_conn.pdbx_PDB_id 
_struct_conn.ptnr1_label_asym_id 
_struct_conn.ptnr1_label_comp_id 
_struct_conn.ptnr1_label_seq_id 
_struct_conn.ptnr1_label_atom_id 
_struct_conn.pdbx_ptnr1_label_alt_id 
_struct_conn.pdbx_ptnr1_PDB_ins_code 
_struct_conn.pdbx_ptnr1_standard_comp_id 
_struct_conn.ptnr1_symmetry 
_struct_conn.ptnr2_label_asym_id 
_struct_conn.ptnr2_label_comp_id 
_struct_conn.ptnr2_label_seq_id 
_struct_conn.ptnr2_label_atom_id 
_struct_conn.pdbx_ptnr2_label_alt_id 
_struct_conn.pdbx_ptnr2_PDB_ins_code 
_struct_conn.ptnr1_auth_asym_id 
_struct_conn.ptnr1_auth_comp_id 
_struct_conn.ptnr1_auth_seq_id 
_struct_conn.ptnr2_auth_asym_id 
_struct_conn.ptnr2_auth_comp_id 
_struct_conn.ptnr2_auth_seq_id 
_struct_conn.ptnr2_symmetry 
_struct_conn.pdbx_ptnr3_label_atom_id 
_struct_conn.pdbx_ptnr3_label_seq_id 
_struct_conn.pdbx_ptnr3_label_comp_id 
_struct_conn.pdbx_ptnr3_label_asym_id 
_struct_conn.pdbx_ptnr3_label_alt_id 
_struct_conn.pdbx_ptnr3_PDB_ins_code 
_struct_conn.details 
_struct_conn.pdbx_dist_value 
_struct_conn.pdbx_value_order 
_struct_conn.pdbx_role 
covale1 covale both ? A ARG 53 C  ? ? ? 1_555 A MSE 54 N ? ? A ARG 624 A MSE 625 1_555 ? ? ? ? ? ? ? 1.345 ? ? 
covale2 covale both ? A MSE 54 C  ? ? ? 1_555 A GLU 55 N ? ? A MSE 625 A GLU 626 1_555 ? ? ? ? ? ? ? 1.341 ? ? 
covale3 covale both ? A ASP 67 C  ? ? ? 1_555 A MSE 68 N ? ? A ASP 638 A MSE 639 1_555 ? ? ? ? ? ? ? 1.349 ? ? 
covale4 covale both ? A MSE 68 C  ? ? ? 1_555 A TYR 69 N ? ? A MSE 639 A TYR 640 1_555 ? ? ? ? ? ? ? 1.341 ? ? 
covale5 covale none ? A CYS 93 SG ? ? ? 1_555 B KI1 .  S ? ? A CYS 664 A KI1 701 1_555 ? ? ? ? ? ? ? 2.082 ? ? 
# 
_struct_conn_type.id          covale 
_struct_conn_type.criteria    ? 
_struct_conn_type.reference   ? 
# 
loop_
_pdbx_modification_feature.ordinal 
_pdbx_modification_feature.label_comp_id 
_pdbx_modification_feature.label_asym_id 
_pdbx_modification_feature.label_seq_id 
_pdbx_modification_feature.label_alt_id 
_pdbx_modification_feature.modified_residue_label_comp_id 
_pdbx_modification_feature.modified_residue_label_asym_id 
_pdbx_modification_feature.modified_residue_label_seq_id 
_pdbx_modification_feature.modified_residue_label_alt_id 
_pdbx_modification_feature.auth_comp_id 
_pdbx_modification_feature.auth_asym_id 
_pdbx_modification_feature.auth_seq_id 
_pdbx_modification_feature.PDB_ins_code 
_pdbx_modification_feature.symmetry 
_pdbx_modification_feature.modified_residue_auth_comp_id 
_pdbx_modification_feature.modified_residue_auth_asym_id 
_pdbx_modification_feature.modified_residue_auth_seq_id 
_pdbx_modification_feature.modified_residue_PDB_ins_code 
_pdbx_modification_feature.modified_residue_symmetry 
_pdbx_modification_feature.comp_id_linking_atom 
_pdbx_modification_feature.modified_residue_id_linking_atom 
_pdbx_modification_feature.modified_residue_id 
_pdbx_modification_feature.ref_pcm_id 
_pdbx_modification_feature.ref_comp_id 
_pdbx_modification_feature.type 
_pdbx_modification_feature.category 
1 MSE A 54 ? .   . .  . MSE A 625 ? 1_555 .   . .   . .     . .  MET 1 MSE Selenomethionine 'Named protein modification'     
2 MSE A 68 ? .   . .  . MSE A 639 ? 1_555 .   . .   . .     . .  MET 1 MSE Selenomethionine 'Named protein modification'     
3 KI1 B .  ? CYS A 93 ? KI1 A 701 ? 1_555 CYS A 664 ? 1_555 S SG CYS 1 KI1 None             'Covalent chemical modification' 
# 
loop_
_struct_site.id 
_struct_site.pdbx_evidence_code 
_struct_site.pdbx_auth_asym_id 
_struct_site.pdbx_auth_comp_id 
_struct_site.pdbx_auth_seq_id 
_struct_site.pdbx_auth_ins_code 
_struct_site.pdbx_num_residues 
_struct_site.details 
AC1 Software A KI1 701 ? 10 'BINDING SITE FOR RESIDUE KI1 A 701' 
AC2 Software A EDO 702 ? 2  'BINDING SITE FOR RESIDUE EDO A 702' 
AC3 Software A EDO 703 ? 3  'BINDING SITE FOR RESIDUE EDO A 703' 
# 
loop_
_struct_site_gen.id 
_struct_site_gen.site_id 
_struct_site_gen.pdbx_num_res 
_struct_site_gen.label_comp_id 
_struct_site_gen.label_asym_id 
_struct_site_gen.label_seq_id 
_struct_site_gen.pdbx_auth_ins_code 
_struct_site_gen.auth_comp_id 
_struct_site_gen.auth_asym_id 
_struct_site_gen.auth_seq_id 
_struct_site_gen.label_atom_id 
_struct_site_gen.label_alt_id 
_struct_site_gen.symmetry 
_struct_site_gen.details 
1  AC1 10 LEU A 36 ? LEU A 607 . ? 1_555 ? 
2  AC1 10 ILE A 40 ? ILE A 611 . ? 1_555 ? 
3  AC1 10 LEU A 57 ? LEU A 628 . ? 1_555 ? 
4  AC1 10 TYR A 60 ? TYR A 631 . ? 1_555 ? 
5  AC1 10 ALA A 61 ? ALA A 632 . ? 1_555 ? 
6  AC1 10 VAL A 64 ? VAL A 635 . ? 1_555 ? 
7  AC1 10 ILE A 89 ? ILE A 660 . ? 1_555 ? 
8  AC1 10 GLU A 92 ? GLU A 663 . ? 1_555 ? 
9  AC1 10 CYS A 93 ? CYS A 664 . ? 1_555 ? 
10 AC1 10 EDO C .  ? EDO A 702 . ? 1_555 ? 
11 AC2 2  GLU A 84 ? GLU A 655 . ? 3_544 ? 
12 AC2 2  KI1 B .  ? KI1 A 701 . ? 1_555 ? 
13 AC3 3  TRP A 20 ? TRP A 591 . ? 1_555 ? 
14 AC3 3  ARG A 75 ? ARG A 646 . ? 1_555 ? 
15 AC3 3  HOH E .  ? HOH A 819 . ? 1_555 ? 
# 
_pdbx_entry_details.entry_id                   4I9O 
_pdbx_entry_details.compound_details           ? 
_pdbx_entry_details.source_details             ? 
_pdbx_entry_details.nonpolymer_details         ? 
_pdbx_entry_details.sequence_details           ? 
_pdbx_entry_details.has_ligand_of_interest     ? 
_pdbx_entry_details.has_protein_modification   Y 
# 
_pdbx_validate_torsion.id              1 
_pdbx_validate_torsion.PDB_model_num   1 
_pdbx_validate_torsion.auth_comp_id    PRO 
_pdbx_validate_torsion.auth_asym_id    A 
_pdbx_validate_torsion.auth_seq_id     615 
_pdbx_validate_torsion.PDB_ins_code    ? 
_pdbx_validate_torsion.label_alt_id    ? 
_pdbx_validate_torsion.phi             -82.44 
_pdbx_validate_torsion.psi             49.32 
# 
loop_
_pdbx_struct_mod_residue.id 
_pdbx_struct_mod_residue.label_asym_id 
_pdbx_struct_mod_residue.label_comp_id 
_pdbx_struct_mod_residue.label_seq_id 
_pdbx_struct_mod_residue.auth_asym_id 
_pdbx_struct_mod_residue.auth_comp_id 
_pdbx_struct_mod_residue.auth_seq_id 
_pdbx_struct_mod_residue.PDB_ins_code 
_pdbx_struct_mod_residue.parent_comp_id 
_pdbx_struct_mod_residue.details 
1 A MSE 54 A MSE 625 ? MET SELENOMETHIONINE 
2 A MSE 68 A MSE 639 ? MET SELENOMETHIONINE 
# 
loop_
_pdbx_struct_special_symmetry.id 
_pdbx_struct_special_symmetry.PDB_model_num 
_pdbx_struct_special_symmetry.auth_asym_id 
_pdbx_struct_special_symmetry.auth_comp_id 
_pdbx_struct_special_symmetry.auth_seq_id 
_pdbx_struct_special_symmetry.PDB_ins_code 
_pdbx_struct_special_symmetry.label_asym_id 
_pdbx_struct_special_symmetry.label_comp_id 
_pdbx_struct_special_symmetry.label_seq_id 
1 1 A HOH 820 ? E HOH . 
2 1 A HOH 822 ? E HOH . 
# 
loop_
_pdbx_refine_tls.pdbx_refine_id 
_pdbx_refine_tls.id 
_pdbx_refine_tls.details 
_pdbx_refine_tls.method 
_pdbx_refine_tls.origin_x 
_pdbx_refine_tls.origin_y 
_pdbx_refine_tls.origin_z 
_pdbx_refine_tls.T[1][1] 
_pdbx_refine_tls.T[2][2] 
_pdbx_refine_tls.T[3][3] 
_pdbx_refine_tls.T[1][2] 
_pdbx_refine_tls.T[1][3] 
_pdbx_refine_tls.T[2][3] 
_pdbx_refine_tls.L[1][1] 
_pdbx_refine_tls.L[2][2] 
_pdbx_refine_tls.L[3][3] 
_pdbx_refine_tls.L[1][2] 
_pdbx_refine_tls.L[1][3] 
_pdbx_refine_tls.L[2][3] 
_pdbx_refine_tls.S[1][1] 
_pdbx_refine_tls.S[2][2] 
_pdbx_refine_tls.S[3][3] 
_pdbx_refine_tls.S[1][2] 
_pdbx_refine_tls.S[1][3] 
_pdbx_refine_tls.S[2][3] 
_pdbx_refine_tls.S[2][1] 
_pdbx_refine_tls.S[3][1] 
_pdbx_refine_tls.S[3][2] 
'X-RAY DIFFRACTION' 1 ? refined 2.4942  -2.6321 -1.7352 0.0057  -0.0236 -0.0261 -0.0373 -0.0105 0.0033  2.4233 -0.8503 1.3767 0.3189  -0.8590 -0.4777 0.0013  0.0161 -0.0173 -0.0193 0.0200  -0.0001 0.0084  0.0705  0.0151  
'X-RAY DIFFRACTION' 2 ? refined 3.0329  2.4258  4.6714  -0.0031 0.0203  -0.0394 0.0009  0.0034  -0.0435 1.0736 0.9641  0.6013 -0.5158 0.2827  0.5917  -0.0155 0.0324 -0.0169 -0.0573 -0.0273 -0.0075 -0.0008 -0.0064 -0.0287 
'X-RAY DIFFRACTION' 3 ? refined -7.8903 -0.4534 -2.4496 -0.0701 -0.0499 0.0861  0.0082  -0.0238 -0.0080 3.1505 -0.7066 0.2164 -0.0394 0.5132  -0.3651 -0.0057 0.0042 0.0016  -0.0147 0.0457  0.0111  0.0099  0.0213  -0.0501 
# 
loop_
_pdbx_refine_tls_group.pdbx_refine_id 
_pdbx_refine_tls_group.id 
_pdbx_refine_tls_group.refine_tls_id 
_pdbx_refine_tls_group.beg_auth_asym_id 
_pdbx_refine_tls_group.beg_auth_seq_id 
_pdbx_refine_tls_group.end_auth_asym_id 
_pdbx_refine_tls_group.end_auth_seq_id 
_pdbx_refine_tls_group.selection_details 
_pdbx_refine_tls_group.beg_label_asym_id 
_pdbx_refine_tls_group.beg_label_seq_id 
_pdbx_refine_tls_group.end_label_asym_id 
_pdbx_refine_tls_group.end_label_seq_id 
_pdbx_refine_tls_group.selection 
'X-RAY DIFFRACTION' 1 1 A 588 A 619 '{A|588 - 619}' ? ? ? ? ? 
'X-RAY DIFFRACTION' 2 2 A 620 A 644 '{A|620 - 644}' ? ? ? ? ? 
'X-RAY DIFFRACTION' 3 3 A 645 A 665 '{A|645 - 665}' ? ? ? ? ? 
# 
loop_
_pdbx_unobs_or_zero_occ_residues.id 
_pdbx_unobs_or_zero_occ_residues.PDB_model_num 
_pdbx_unobs_or_zero_occ_residues.polymer_flag 
_pdbx_unobs_or_zero_occ_residues.occupancy_flag 
_pdbx_unobs_or_zero_occ_residues.auth_asym_id 
_pdbx_unobs_or_zero_occ_residues.auth_comp_id 
_pdbx_unobs_or_zero_occ_residues.auth_seq_id 
_pdbx_unobs_or_zero_occ_residues.PDB_ins_code 
_pdbx_unobs_or_zero_occ_residues.label_asym_id 
_pdbx_unobs_or_zero_occ_residues.label_comp_id 
_pdbx_unobs_or_zero_occ_residues.label_seq_id 
1  1 Y 1 A MSE 572 ? A MSE 1   
2  1 Y 1 A ARG 573 ? A ARG 2   
3  1 Y 1 A GLY 574 ? A GLY 3   
4  1 Y 1 A SER 575 ? A SER 4   
5  1 Y 1 A HIS 576 ? A HIS 5   
6  1 Y 1 A HIS 577 ? A HIS 6   
7  1 Y 1 A HIS 578 ? A HIS 7   
8  1 Y 1 A HIS 579 ? A HIS 8   
9  1 Y 1 A HIS 580 ? A HIS 9   
10 1 Y 1 A HIS 581 ? A HIS 10  
11 1 Y 1 A GLY 582 ? A GLY 11  
12 1 Y 1 A MSE 583 ? A MSE 12  
13 1 Y 1 A ALA 584 ? A ALA 13  
14 1 Y 1 A SER 585 ? A SER 14  
15 1 Y 1 A GLY 586 ? A GLY 15  
16 1 Y 1 A VAL 587 ? A VAL 16  
17 1 Y 1 A GLU 666 ? A GLU 95  
18 1 Y 1 A LYS 667 ? A LYS 96  
19 1 Y 1 A ARG 668 ? A ARG 97  
20 1 Y 1 A ARG 669 ? A ARG 98  
21 1 Y 1 A SER 670 ? A SER 99  
22 1 Y 1 A ARG 671 ? A ARG 100 
23 1 Y 1 A LEU 672 ? A LEU 101 
# 
loop_
_chem_comp_atom.comp_id 
_chem_comp_atom.atom_id 
_chem_comp_atom.type_symbol 
_chem_comp_atom.pdbx_aromatic_flag 
_chem_comp_atom.pdbx_stereo_config 
_chem_comp_atom.pdbx_ordinal 
ALA N    N  N N 1   
ALA CA   C  N S 2   
ALA C    C  N N 3   
ALA O    O  N N 4   
ALA CB   C  N N 5   
ALA OXT  O  N N 6   
ALA H    H  N N 7   
ALA H2   H  N N 8   
ALA HA   H  N N 9   
ALA HB1  H  N N 10  
ALA HB2  H  N N 11  
ALA HB3  H  N N 12  
ALA HXT  H  N N 13  
ARG N    N  N N 14  
ARG CA   C  N S 15  
ARG C    C  N N 16  
ARG O    O  N N 17  
ARG CB   C  N N 18  
ARG CG   C  N N 19  
ARG CD   C  N N 20  
ARG NE   N  N N 21  
ARG CZ   C  N N 22  
ARG NH1  N  N N 23  
ARG NH2  N  N N 24  
ARG OXT  O  N N 25  
ARG H    H  N N 26  
ARG H2   H  N N 27  
ARG HA   H  N N 28  
ARG HB2  H  N N 29  
ARG HB3  H  N N 30  
ARG HG2  H  N N 31  
ARG HG3  H  N N 32  
ARG HD2  H  N N 33  
ARG HD3  H  N N 34  
ARG HE   H  N N 35  
ARG HH11 H  N N 36  
ARG HH12 H  N N 37  
ARG HH21 H  N N 38  
ARG HH22 H  N N 39  
ARG HXT  H  N N 40  
ASN N    N  N N 41  
ASN CA   C  N S 42  
ASN C    C  N N 43  
ASN O    O  N N 44  
ASN CB   C  N N 45  
ASN CG   C  N N 46  
ASN OD1  O  N N 47  
ASN ND2  N  N N 48  
ASN OXT  O  N N 49  
ASN H    H  N N 50  
ASN H2   H  N N 51  
ASN HA   H  N N 52  
ASN HB2  H  N N 53  
ASN HB3  H  N N 54  
ASN HD21 H  N N 55  
ASN HD22 H  N N 56  
ASN HXT  H  N N 57  
ASP N    N  N N 58  
ASP CA   C  N S 59  
ASP C    C  N N 60  
ASP O    O  N N 61  
ASP CB   C  N N 62  
ASP CG   C  N N 63  
ASP OD1  O  N N 64  
ASP OD2  O  N N 65  
ASP OXT  O  N N 66  
ASP H    H  N N 67  
ASP H2   H  N N 68  
ASP HA   H  N N 69  
ASP HB2  H  N N 70  
ASP HB3  H  N N 71  
ASP HD2  H  N N 72  
ASP HXT  H  N N 73  
CYS N    N  N N 74  
CYS CA   C  N R 75  
CYS C    C  N N 76  
CYS O    O  N N 77  
CYS CB   C  N N 78  
CYS SG   S  N N 79  
CYS OXT  O  N N 80  
CYS H    H  N N 81  
CYS H2   H  N N 82  
CYS HA   H  N N 83  
CYS HB2  H  N N 84  
CYS HB3  H  N N 85  
CYS HG   H  N N 86  
CYS HXT  H  N N 87  
EDO C1   C  N N 88  
EDO O1   O  N N 89  
EDO C2   C  N N 90  
EDO O2   O  N N 91  
EDO H11  H  N N 92  
EDO H12  H  N N 93  
EDO HO1  H  N N 94  
EDO H21  H  N N 95  
EDO H22  H  N N 96  
EDO HO2  H  N N 97  
GLN N    N  N N 98  
GLN CA   C  N S 99  
GLN C    C  N N 100 
GLN O    O  N N 101 
GLN CB   C  N N 102 
GLN CG   C  N N 103 
GLN CD   C  N N 104 
GLN OE1  O  N N 105 
GLN NE2  N  N N 106 
GLN OXT  O  N N 107 
GLN H    H  N N 108 
GLN H2   H  N N 109 
GLN HA   H  N N 110 
GLN HB2  H  N N 111 
GLN HB3  H  N N 112 
GLN HG2  H  N N 113 
GLN HG3  H  N N 114 
GLN HE21 H  N N 115 
GLN HE22 H  N N 116 
GLN HXT  H  N N 117 
GLU N    N  N N 118 
GLU CA   C  N S 119 
GLU C    C  N N 120 
GLU O    O  N N 121 
GLU CB   C  N N 122 
GLU CG   C  N N 123 
GLU CD   C  N N 124 
GLU OE1  O  N N 125 
GLU OE2  O  N N 126 
GLU OXT  O  N N 127 
GLU H    H  N N 128 
GLU H2   H  N N 129 
GLU HA   H  N N 130 
GLU HB2  H  N N 131 
GLU HB3  H  N N 132 
GLU HG2  H  N N 133 
GLU HG3  H  N N 134 
GLU HE2  H  N N 135 
GLU HXT  H  N N 136 
GLY N    N  N N 137 
GLY CA   C  N N 138 
GLY C    C  N N 139 
GLY O    O  N N 140 
GLY OXT  O  N N 141 
GLY H    H  N N 142 
GLY H2   H  N N 143 
GLY HA2  H  N N 144 
GLY HA3  H  N N 145 
GLY HXT  H  N N 146 
HIS N    N  N N 147 
HIS CA   C  N S 148 
HIS C    C  N N 149 
HIS O    O  N N 150 
HIS CB   C  N N 151 
HIS CG   C  Y N 152 
HIS ND1  N  Y N 153 
HIS CD2  C  Y N 154 
HIS CE1  C  Y N 155 
HIS NE2  N  Y N 156 
HIS OXT  O  N N 157 
HIS H    H  N N 158 
HIS H2   H  N N 159 
HIS HA   H  N N 160 
HIS HB2  H  N N 161 
HIS HB3  H  N N 162 
HIS HD1  H  N N 163 
HIS HD2  H  N N 164 
HIS HE1  H  N N 165 
HIS HE2  H  N N 166 
HIS HXT  H  N N 167 
HOH O    O  N N 168 
HOH H1   H  N N 169 
HOH H2   H  N N 170 
ILE N    N  N N 171 
ILE CA   C  N S 172 
ILE C    C  N N 173 
ILE O    O  N N 174 
ILE CB   C  N S 175 
ILE CG1  C  N N 176 
ILE CG2  C  N N 177 
ILE CD1  C  N N 178 
ILE OXT  O  N N 179 
ILE H    H  N N 180 
ILE H2   H  N N 181 
ILE HA   H  N N 182 
ILE HB   H  N N 183 
ILE HG12 H  N N 184 
ILE HG13 H  N N 185 
ILE HG21 H  N N 186 
ILE HG22 H  N N 187 
ILE HG23 H  N N 188 
ILE HD11 H  N N 189 
ILE HD12 H  N N 190 
ILE HD13 H  N N 191 
ILE HXT  H  N N 192 
KI1 O2   O  N N 193 
KI1 C3   C  N N 194 
KI1 C2   C  N N 195 
KI1 C1   C  N N 196 
KI1 S    S  N N 197 
KI1 N    N  N N 198 
KI1 C6   C  N N 199 
KI1 C7   C  N N 200 
KI1 C8   C  N N 201 
KI1 O1   O  N N 202 
KI1 C5   C  N N 203 
KI1 C4   C  N N 204 
KI1 C9   C  Y N 205 
KI1 C15  C  Y N 206 
KI1 C14  C  Y N 207 
KI1 C13  C  Y N 208 
KI1 CL   CL N N 209 
KI1 C11  C  Y N 210 
KI1 C10  C  Y N 211 
KI1 C12  C  N N 212 
KI1 F1   F  N N 213 
KI1 F2   F  N N 214 
KI1 F3   F  N N 215 
KI1 H1   H  N N 216 
KI1 H2   H  N N 217 
KI1 H3   H  N N 218 
KI1 H4   H  N N 219 
KI1 H5   H  N N 220 
KI1 H6   H  N N 221 
KI1 H7   H  N N 222 
KI1 H8   H  N N 223 
KI1 H9   H  N N 224 
KI1 H10  H  N N 225 
KI1 H11  H  N N 226 
KI1 H12  H  N N 227 
KI1 H13  H  N N 228 
KI1 H14  H  N N 229 
KI1 H15  H  N N 230 
KI1 H16  H  N N 231 
KI1 H17  H  N N 232 
LEU N    N  N N 233 
LEU CA   C  N S 234 
LEU C    C  N N 235 
LEU O    O  N N 236 
LEU CB   C  N N 237 
LEU CG   C  N N 238 
LEU CD1  C  N N 239 
LEU CD2  C  N N 240 
LEU OXT  O  N N 241 
LEU H    H  N N 242 
LEU H2   H  N N 243 
LEU HA   H  N N 244 
LEU HB2  H  N N 245 
LEU HB3  H  N N 246 
LEU HG   H  N N 247 
LEU HD11 H  N N 248 
LEU HD12 H  N N 249 
LEU HD13 H  N N 250 
LEU HD21 H  N N 251 
LEU HD22 H  N N 252 
LEU HD23 H  N N 253 
LEU HXT  H  N N 254 
LYS N    N  N N 255 
LYS CA   C  N S 256 
LYS C    C  N N 257 
LYS O    O  N N 258 
LYS CB   C  N N 259 
LYS CG   C  N N 260 
LYS CD   C  N N 261 
LYS CE   C  N N 262 
LYS NZ   N  N N 263 
LYS OXT  O  N N 264 
LYS H    H  N N 265 
LYS H2   H  N N 266 
LYS HA   H  N N 267 
LYS HB2  H  N N 268 
LYS HB3  H  N N 269 
LYS HG2  H  N N 270 
LYS HG3  H  N N 271 
LYS HD2  H  N N 272 
LYS HD3  H  N N 273 
LYS HE2  H  N N 274 
LYS HE3  H  N N 275 
LYS HZ1  H  N N 276 
LYS HZ2  H  N N 277 
LYS HZ3  H  N N 278 
LYS HXT  H  N N 279 
MSE N    N  N N 280 
MSE CA   C  N S 281 
MSE C    C  N N 282 
MSE O    O  N N 283 
MSE OXT  O  N N 284 
MSE CB   C  N N 285 
MSE CG   C  N N 286 
MSE SE   SE N N 287 
MSE CE   C  N N 288 
MSE H    H  N N 289 
MSE H2   H  N N 290 
MSE HA   H  N N 291 
MSE HXT  H  N N 292 
MSE HB2  H  N N 293 
MSE HB3  H  N N 294 
MSE HG2  H  N N 295 
MSE HG3  H  N N 296 
MSE HE1  H  N N 297 
MSE HE2  H  N N 298 
MSE HE3  H  N N 299 
PHE N    N  N N 300 
PHE CA   C  N S 301 
PHE C    C  N N 302 
PHE O    O  N N 303 
PHE CB   C  N N 304 
PHE CG   C  Y N 305 
PHE CD1  C  Y N 306 
PHE CD2  C  Y N 307 
PHE CE1  C  Y N 308 
PHE CE2  C  Y N 309 
PHE CZ   C  Y N 310 
PHE OXT  O  N N 311 
PHE H    H  N N 312 
PHE H2   H  N N 313 
PHE HA   H  N N 314 
PHE HB2  H  N N 315 
PHE HB3  H  N N 316 
PHE HD1  H  N N 317 
PHE HD2  H  N N 318 
PHE HE1  H  N N 319 
PHE HE2  H  N N 320 
PHE HZ   H  N N 321 
PHE HXT  H  N N 322 
PRO N    N  N N 323 
PRO CA   C  N S 324 
PRO C    C  N N 325 
PRO O    O  N N 326 
PRO CB   C  N N 327 
PRO CG   C  N N 328 
PRO CD   C  N N 329 
PRO OXT  O  N N 330 
PRO H    H  N N 331 
PRO HA   H  N N 332 
PRO HB2  H  N N 333 
PRO HB3  H  N N 334 
PRO HG2  H  N N 335 
PRO HG3  H  N N 336 
PRO HD2  H  N N 337 
PRO HD3  H  N N 338 
PRO HXT  H  N N 339 
SER N    N  N N 340 
SER CA   C  N S 341 
SER C    C  N N 342 
SER O    O  N N 343 
SER CB   C  N N 344 
SER OG   O  N N 345 
SER OXT  O  N N 346 
SER H    H  N N 347 
SER H2   H  N N 348 
SER HA   H  N N 349 
SER HB2  H  N N 350 
SER HB3  H  N N 351 
SER HG   H  N N 352 
SER HXT  H  N N 353 
THR N    N  N N 354 
THR CA   C  N S 355 
THR C    C  N N 356 
THR O    O  N N 357 
THR CB   C  N R 358 
THR OG1  O  N N 359 
THR CG2  C  N N 360 
THR OXT  O  N N 361 
THR H    H  N N 362 
THR H2   H  N N 363 
THR HA   H  N N 364 
THR HB   H  N N 365 
THR HG1  H  N N 366 
THR HG21 H  N N 367 
THR HG22 H  N N 368 
THR HG23 H  N N 369 
THR HXT  H  N N 370 
TRP N    N  N N 371 
TRP CA   C  N S 372 
TRP C    C  N N 373 
TRP O    O  N N 374 
TRP CB   C  N N 375 
TRP CG   C  Y N 376 
TRP CD1  C  Y N 377 
TRP CD2  C  Y N 378 
TRP NE1  N  Y N 379 
TRP CE2  C  Y N 380 
TRP CE3  C  Y N 381 
TRP CZ2  C  Y N 382 
TRP CZ3  C  Y N 383 
TRP CH2  C  Y N 384 
TRP OXT  O  N N 385 
TRP H    H  N N 386 
TRP H2   H  N N 387 
TRP HA   H  N N 388 
TRP HB2  H  N N 389 
TRP HB3  H  N N 390 
TRP HD1  H  N N 391 
TRP HE1  H  N N 392 
TRP HE3  H  N N 393 
TRP HZ2  H  N N 394 
TRP HZ3  H  N N 395 
TRP HH2  H  N N 396 
TRP HXT  H  N N 397 
TYR N    N  N N 398 
TYR CA   C  N S 399 
TYR C    C  N N 400 
TYR O    O  N N 401 
TYR CB   C  N N 402 
TYR CG   C  Y N 403 
TYR CD1  C  Y N 404 
TYR CD2  C  Y N 405 
TYR CE1  C  Y N 406 
TYR CE2  C  Y N 407 
TYR CZ   C  Y N 408 
TYR OH   O  N N 409 
TYR OXT  O  N N 410 
TYR H    H  N N 411 
TYR H2   H  N N 412 
TYR HA   H  N N 413 
TYR HB2  H  N N 414 
TYR HB3  H  N N 415 
TYR HD1  H  N N 416 
TYR HD2  H  N N 417 
TYR HE1  H  N N 418 
TYR HE2  H  N N 419 
TYR HH   H  N N 420 
TYR HXT  H  N N 421 
VAL N    N  N N 422 
VAL CA   C  N S 423 
VAL C    C  N N 424 
VAL O    O  N N 425 
VAL CB   C  N N 426 
VAL CG1  C  N N 427 
VAL CG2  C  N N 428 
VAL OXT  O  N N 429 
VAL H    H  N N 430 
VAL H2   H  N N 431 
VAL HA   H  N N 432 
VAL HB   H  N N 433 
VAL HG11 H  N N 434 
VAL HG12 H  N N 435 
VAL HG13 H  N N 436 
VAL HG21 H  N N 437 
VAL HG22 H  N N 438 
VAL HG23 H  N N 439 
VAL HXT  H  N N 440 
# 
loop_
_chem_comp_bond.comp_id 
_chem_comp_bond.atom_id_1 
_chem_comp_bond.atom_id_2 
_chem_comp_bond.value_order 
_chem_comp_bond.pdbx_aromatic_flag 
_chem_comp_bond.pdbx_stereo_config 
_chem_comp_bond.pdbx_ordinal 
ALA N   CA   sing N N 1   
ALA N   H    sing N N 2   
ALA N   H2   sing N N 3   
ALA CA  C    sing N N 4   
ALA CA  CB   sing N N 5   
ALA CA  HA   sing N N 6   
ALA C   O    doub N N 7   
ALA C   OXT  sing N N 8   
ALA CB  HB1  sing N N 9   
ALA CB  HB2  sing N N 10  
ALA CB  HB3  sing N N 11  
ALA OXT HXT  sing N N 12  
ARG N   CA   sing N N 13  
ARG N   H    sing N N 14  
ARG N   H2   sing N N 15  
ARG CA  C    sing N N 16  
ARG CA  CB   sing N N 17  
ARG CA  HA   sing N N 18  
ARG C   O    doub N N 19  
ARG C   OXT  sing N N 20  
ARG CB  CG   sing N N 21  
ARG CB  HB2  sing N N 22  
ARG CB  HB3  sing N N 23  
ARG CG  CD   sing N N 24  
ARG CG  HG2  sing N N 25  
ARG CG  HG3  sing N N 26  
ARG CD  NE   sing N N 27  
ARG CD  HD2  sing N N 28  
ARG CD  HD3  sing N N 29  
ARG NE  CZ   sing N N 30  
ARG NE  HE   sing N N 31  
ARG CZ  NH1  sing N N 32  
ARG CZ  NH2  doub N N 33  
ARG NH1 HH11 sing N N 34  
ARG NH1 HH12 sing N N 35  
ARG NH2 HH21 sing N N 36  
ARG NH2 HH22 sing N N 37  
ARG OXT HXT  sing N N 38  
ASN N   CA   sing N N 39  
ASN N   H    sing N N 40  
ASN N   H2   sing N N 41  
ASN CA  C    sing N N 42  
ASN CA  CB   sing N N 43  
ASN CA  HA   sing N N 44  
ASN C   O    doub N N 45  
ASN C   OXT  sing N N 46  
ASN CB  CG   sing N N 47  
ASN CB  HB2  sing N N 48  
ASN CB  HB3  sing N N 49  
ASN CG  OD1  doub N N 50  
ASN CG  ND2  sing N N 51  
ASN ND2 HD21 sing N N 52  
ASN ND2 HD22 sing N N 53  
ASN OXT HXT  sing N N 54  
ASP N   CA   sing N N 55  
ASP N   H    sing N N 56  
ASP N   H2   sing N N 57  
ASP CA  C    sing N N 58  
ASP CA  CB   sing N N 59  
ASP CA  HA   sing N N 60  
ASP C   O    doub N N 61  
ASP C   OXT  sing N N 62  
ASP CB  CG   sing N N 63  
ASP CB  HB2  sing N N 64  
ASP CB  HB3  sing N N 65  
ASP CG  OD1  doub N N 66  
ASP CG  OD2  sing N N 67  
ASP OD2 HD2  sing N N 68  
ASP OXT HXT  sing N N 69  
CYS N   CA   sing N N 70  
CYS N   H    sing N N 71  
CYS N   H2   sing N N 72  
CYS CA  C    sing N N 73  
CYS CA  CB   sing N N 74  
CYS CA  HA   sing N N 75  
CYS C   O    doub N N 76  
CYS C   OXT  sing N N 77  
CYS CB  SG   sing N N 78  
CYS CB  HB2  sing N N 79  
CYS CB  HB3  sing N N 80  
CYS SG  HG   sing N N 81  
CYS OXT HXT  sing N N 82  
EDO C1  O1   sing N N 83  
EDO C1  C2   sing N N 84  
EDO C1  H11  sing N N 85  
EDO C1  H12  sing N N 86  
EDO O1  HO1  sing N N 87  
EDO C2  O2   sing N N 88  
EDO C2  H21  sing N N 89  
EDO C2  H22  sing N N 90  
EDO O2  HO2  sing N N 91  
GLN N   CA   sing N N 92  
GLN N   H    sing N N 93  
GLN N   H2   sing N N 94  
GLN CA  C    sing N N 95  
GLN CA  CB   sing N N 96  
GLN CA  HA   sing N N 97  
GLN C   O    doub N N 98  
GLN C   OXT  sing N N 99  
GLN CB  CG   sing N N 100 
GLN CB  HB2  sing N N 101 
GLN CB  HB3  sing N N 102 
GLN CG  CD   sing N N 103 
GLN CG  HG2  sing N N 104 
GLN CG  HG3  sing N N 105 
GLN CD  OE1  doub N N 106 
GLN CD  NE2  sing N N 107 
GLN NE2 HE21 sing N N 108 
GLN NE2 HE22 sing N N 109 
GLN OXT HXT  sing N N 110 
GLU N   CA   sing N N 111 
GLU N   H    sing N N 112 
GLU N   H2   sing N N 113 
GLU CA  C    sing N N 114 
GLU CA  CB   sing N N 115 
GLU CA  HA   sing N N 116 
GLU C   O    doub N N 117 
GLU C   OXT  sing N N 118 
GLU CB  CG   sing N N 119 
GLU CB  HB2  sing N N 120 
GLU CB  HB3  sing N N 121 
GLU CG  CD   sing N N 122 
GLU CG  HG2  sing N N 123 
GLU CG  HG3  sing N N 124 
GLU CD  OE1  doub N N 125 
GLU CD  OE2  sing N N 126 
GLU OE2 HE2  sing N N 127 
GLU OXT HXT  sing N N 128 
GLY N   CA   sing N N 129 
GLY N   H    sing N N 130 
GLY N   H2   sing N N 131 
GLY CA  C    sing N N 132 
GLY CA  HA2  sing N N 133 
GLY CA  HA3  sing N N 134 
GLY C   O    doub N N 135 
GLY C   OXT  sing N N 136 
GLY OXT HXT  sing N N 137 
HIS N   CA   sing N N 138 
HIS N   H    sing N N 139 
HIS N   H2   sing N N 140 
HIS CA  C    sing N N 141 
HIS CA  CB   sing N N 142 
HIS CA  HA   sing N N 143 
HIS C   O    doub N N 144 
HIS C   OXT  sing N N 145 
HIS CB  CG   sing N N 146 
HIS CB  HB2  sing N N 147 
HIS CB  HB3  sing N N 148 
HIS CG  ND1  sing Y N 149 
HIS CG  CD2  doub Y N 150 
HIS ND1 CE1  doub Y N 151 
HIS ND1 HD1  sing N N 152 
HIS CD2 NE2  sing Y N 153 
HIS CD2 HD2  sing N N 154 
HIS CE1 NE2  sing Y N 155 
HIS CE1 HE1  sing N N 156 
HIS NE2 HE2  sing N N 157 
HIS OXT HXT  sing N N 158 
HOH O   H1   sing N N 159 
HOH O   H2   sing N N 160 
ILE N   CA   sing N N 161 
ILE N   H    sing N N 162 
ILE N   H2   sing N N 163 
ILE CA  C    sing N N 164 
ILE CA  CB   sing N N 165 
ILE CA  HA   sing N N 166 
ILE C   O    doub N N 167 
ILE C   OXT  sing N N 168 
ILE CB  CG1  sing N N 169 
ILE CB  CG2  sing N N 170 
ILE CB  HB   sing N N 171 
ILE CG1 CD1  sing N N 172 
ILE CG1 HG12 sing N N 173 
ILE CG1 HG13 sing N N 174 
ILE CG2 HG21 sing N N 175 
ILE CG2 HG22 sing N N 176 
ILE CG2 HG23 sing N N 177 
ILE CD1 HD11 sing N N 178 
ILE CD1 HD12 sing N N 179 
ILE CD1 HD13 sing N N 180 
ILE OXT HXT  sing N N 181 
KI1 C1  S    sing N N 182 
KI1 C1  C2   sing N N 183 
KI1 O2  C3   doub N N 184 
KI1 C2  C3   sing N N 185 
KI1 C3  N    sing N N 186 
KI1 C14 C15  doub Y N 187 
KI1 C14 C13  sing Y N 188 
KI1 C15 C9   sing Y N 189 
KI1 N   C6   sing N N 190 
KI1 N   C4   sing N N 191 
KI1 C7  C6   sing N N 192 
KI1 C7  C8   sing N N 193 
KI1 CL  C13  sing N N 194 
KI1 C13 C11  doub Y N 195 
KI1 C9  C8   sing N N 196 
KI1 C9  C10  doub Y N 197 
KI1 C4  C5   sing N N 198 
KI1 C8  C5   sing N N 199 
KI1 C8  O1   sing N N 200 
KI1 C11 C10  sing Y N 201 
KI1 C11 C12  sing N N 202 
KI1 C12 F1   sing N N 203 
KI1 C12 F2   sing N N 204 
KI1 C12 F3   sing N N 205 
KI1 C2  H1   sing N N 206 
KI1 C2  H2   sing N N 207 
KI1 C1  H3   sing N N 208 
KI1 C1  H4   sing N N 209 
KI1 S   H5   sing N N 210 
KI1 C6  H6   sing N N 211 
KI1 C6  H7   sing N N 212 
KI1 C7  H8   sing N N 213 
KI1 C7  H9   sing N N 214 
KI1 O1  H10  sing N N 215 
KI1 C5  H11  sing N N 216 
KI1 C5  H12  sing N N 217 
KI1 C4  H13  sing N N 218 
KI1 C4  H14  sing N N 219 
KI1 C15 H15  sing N N 220 
KI1 C14 H16  sing N N 221 
KI1 C10 H17  sing N N 222 
LEU N   CA   sing N N 223 
LEU N   H    sing N N 224 
LEU N   H2   sing N N 225 
LEU CA  C    sing N N 226 
LEU CA  CB   sing N N 227 
LEU CA  HA   sing N N 228 
LEU C   O    doub N N 229 
LEU C   OXT  sing N N 230 
LEU CB  CG   sing N N 231 
LEU CB  HB2  sing N N 232 
LEU CB  HB3  sing N N 233 
LEU CG  CD1  sing N N 234 
LEU CG  CD2  sing N N 235 
LEU CG  HG   sing N N 236 
LEU CD1 HD11 sing N N 237 
LEU CD1 HD12 sing N N 238 
LEU CD1 HD13 sing N N 239 
LEU CD2 HD21 sing N N 240 
LEU CD2 HD22 sing N N 241 
LEU CD2 HD23 sing N N 242 
LEU OXT HXT  sing N N 243 
LYS N   CA   sing N N 244 
LYS N   H    sing N N 245 
LYS N   H2   sing N N 246 
LYS CA  C    sing N N 247 
LYS CA  CB   sing N N 248 
LYS CA  HA   sing N N 249 
LYS C   O    doub N N 250 
LYS C   OXT  sing N N 251 
LYS CB  CG   sing N N 252 
LYS CB  HB2  sing N N 253 
LYS CB  HB3  sing N N 254 
LYS CG  CD   sing N N 255 
LYS CG  HG2  sing N N 256 
LYS CG  HG3  sing N N 257 
LYS CD  CE   sing N N 258 
LYS CD  HD2  sing N N 259 
LYS CD  HD3  sing N N 260 
LYS CE  NZ   sing N N 261 
LYS CE  HE2  sing N N 262 
LYS CE  HE3  sing N N 263 
LYS NZ  HZ1  sing N N 264 
LYS NZ  HZ2  sing N N 265 
LYS NZ  HZ3  sing N N 266 
LYS OXT HXT  sing N N 267 
MSE N   CA   sing N N 268 
MSE N   H    sing N N 269 
MSE N   H2   sing N N 270 
MSE CA  C    sing N N 271 
MSE CA  CB   sing N N 272 
MSE CA  HA   sing N N 273 
MSE C   O    doub N N 274 
MSE C   OXT  sing N N 275 
MSE OXT HXT  sing N N 276 
MSE CB  CG   sing N N 277 
MSE CB  HB2  sing N N 278 
MSE CB  HB3  sing N N 279 
MSE CG  SE   sing N N 280 
MSE CG  HG2  sing N N 281 
MSE CG  HG3  sing N N 282 
MSE SE  CE   sing N N 283 
MSE CE  HE1  sing N N 284 
MSE CE  HE2  sing N N 285 
MSE CE  HE3  sing N N 286 
PHE N   CA   sing N N 287 
PHE N   H    sing N N 288 
PHE N   H2   sing N N 289 
PHE CA  C    sing N N 290 
PHE CA  CB   sing N N 291 
PHE CA  HA   sing N N 292 
PHE C   O    doub N N 293 
PHE C   OXT  sing N N 294 
PHE CB  CG   sing N N 295 
PHE CB  HB2  sing N N 296 
PHE CB  HB3  sing N N 297 
PHE CG  CD1  doub Y N 298 
PHE CG  CD2  sing Y N 299 
PHE CD1 CE1  sing Y N 300 
PHE CD1 HD1  sing N N 301 
PHE CD2 CE2  doub Y N 302 
PHE CD2 HD2  sing N N 303 
PHE CE1 CZ   doub Y N 304 
PHE CE1 HE1  sing N N 305 
PHE CE2 CZ   sing Y N 306 
PHE CE2 HE2  sing N N 307 
PHE CZ  HZ   sing N N 308 
PHE OXT HXT  sing N N 309 
PRO N   CA   sing N N 310 
PRO N   CD   sing N N 311 
PRO N   H    sing N N 312 
PRO CA  C    sing N N 313 
PRO CA  CB   sing N N 314 
PRO CA  HA   sing N N 315 
PRO C   O    doub N N 316 
PRO C   OXT  sing N N 317 
PRO CB  CG   sing N N 318 
PRO CB  HB2  sing N N 319 
PRO CB  HB3  sing N N 320 
PRO CG  CD   sing N N 321 
PRO CG  HG2  sing N N 322 
PRO CG  HG3  sing N N 323 
PRO CD  HD2  sing N N 324 
PRO CD  HD3  sing N N 325 
PRO OXT HXT  sing N N 326 
SER N   CA   sing N N 327 
SER N   H    sing N N 328 
SER N   H2   sing N N 329 
SER CA  C    sing N N 330 
SER CA  CB   sing N N 331 
SER CA  HA   sing N N 332 
SER C   O    doub N N 333 
SER C   OXT  sing N N 334 
SER CB  OG   sing N N 335 
SER CB  HB2  sing N N 336 
SER CB  HB3  sing N N 337 
SER OG  HG   sing N N 338 
SER OXT HXT  sing N N 339 
THR N   CA   sing N N 340 
THR N   H    sing N N 341 
THR N   H2   sing N N 342 
THR CA  C    sing N N 343 
THR CA  CB   sing N N 344 
THR CA  HA   sing N N 345 
THR C   O    doub N N 346 
THR C   OXT  sing N N 347 
THR CB  OG1  sing N N 348 
THR CB  CG2  sing N N 349 
THR CB  HB   sing N N 350 
THR OG1 HG1  sing N N 351 
THR CG2 HG21 sing N N 352 
THR CG2 HG22 sing N N 353 
THR CG2 HG23 sing N N 354 
THR OXT HXT  sing N N 355 
TRP N   CA   sing N N 356 
TRP N   H    sing N N 357 
TRP N   H2   sing N N 358 
TRP CA  C    sing N N 359 
TRP CA  CB   sing N N 360 
TRP CA  HA   sing N N 361 
TRP C   O    doub N N 362 
TRP C   OXT  sing N N 363 
TRP CB  CG   sing N N 364 
TRP CB  HB2  sing N N 365 
TRP CB  HB3  sing N N 366 
TRP CG  CD1  doub Y N 367 
TRP CG  CD2  sing Y N 368 
TRP CD1 NE1  sing Y N 369 
TRP CD1 HD1  sing N N 370 
TRP CD2 CE2  doub Y N 371 
TRP CD2 CE3  sing Y N 372 
TRP NE1 CE2  sing Y N 373 
TRP NE1 HE1  sing N N 374 
TRP CE2 CZ2  sing Y N 375 
TRP CE3 CZ3  doub Y N 376 
TRP CE3 HE3  sing N N 377 
TRP CZ2 CH2  doub Y N 378 
TRP CZ2 HZ2  sing N N 379 
TRP CZ3 CH2  sing Y N 380 
TRP CZ3 HZ3  sing N N 381 
TRP CH2 HH2  sing N N 382 
TRP OXT HXT  sing N N 383 
TYR N   CA   sing N N 384 
TYR N   H    sing N N 385 
TYR N   H2   sing N N 386 
TYR CA  C    sing N N 387 
TYR CA  CB   sing N N 388 
TYR CA  HA   sing N N 389 
TYR C   O    doub N N 390 
TYR C   OXT  sing N N 391 
TYR CB  CG   sing N N 392 
TYR CB  HB2  sing N N 393 
TYR CB  HB3  sing N N 394 
TYR CG  CD1  doub Y N 395 
TYR CG  CD2  sing Y N 396 
TYR CD1 CE1  sing Y N 397 
TYR CD1 HD1  sing N N 398 
TYR CD2 CE2  doub Y N 399 
TYR CD2 HD2  sing N N 400 
TYR CE1 CZ   doub Y N 401 
TYR CE1 HE1  sing N N 402 
TYR CE2 CZ   sing Y N 403 
TYR CE2 HE2  sing N N 404 
TYR CZ  OH   sing N N 405 
TYR OH  HH   sing N N 406 
TYR OXT HXT  sing N N 407 
VAL N   CA   sing N N 408 
VAL N   H    sing N N 409 
VAL N   H2   sing N N 410 
VAL CA  C    sing N N 411 
VAL CA  CB   sing N N 412 
VAL CA  HA   sing N N 413 
VAL C   O    doub N N 414 
VAL C   OXT  sing N N 415 
VAL CB  CG1  sing N N 416 
VAL CB  CG2  sing N N 417 
VAL CB  HB   sing N N 418 
VAL CG1 HG11 sing N N 419 
VAL CG1 HG12 sing N N 420 
VAL CG1 HG13 sing N N 421 
VAL CG2 HG21 sing N N 422 
VAL CG2 HG22 sing N N 423 
VAL CG2 HG23 sing N N 424 
VAL OXT HXT  sing N N 425 
# 
_atom_sites.entry_id                    4I9O 
_atom_sites.fract_transf_matrix[1][1]   -0.00130266 
_atom_sites.fract_transf_matrix[1][2]   -0.00024122 
_atom_sites.fract_transf_matrix[1][3]   -0.02064854 
_atom_sites.fract_transf_matrix[2][1]   0.01670951 
_atom_sites.fract_transf_matrix[2][2]   -0.01216874 
_atom_sites.fract_transf_matrix[2][3]   -0.00091199 
_atom_sites.fract_transf_matrix[3][1]   -0.00686143 
_atom_sites.fract_transf_matrix[3][2]   -0.00946250 
_atom_sites.fract_transf_matrix[3][3]   0.00054341 
_atom_sites.fract_transf_vector[1]      0.550426 
_atom_sites.fract_transf_vector[2]      0.220574 
_atom_sites.fract_transf_vector[3]      0.284230 
# 
loop_
_atom_type.symbol 
C  
CL 
F  
N  
O  
S  
SE 
# 
loop_
_atom_site.group_PDB 
_atom_site.id 
_atom_site.type_symbol 
_atom_site.label_atom_id 
_atom_site.label_alt_id 
_atom_site.label_comp_id 
_atom_site.label_asym_id 
_atom_site.label_entity_id 
_atom_site.label_seq_id 
_atom_site.pdbx_PDB_ins_code 
_atom_site.Cartn_x 
_atom_site.Cartn_y 
_atom_site.Cartn_z 
_atom_site.occupancy 
_atom_site.B_iso_or_equiv 
_atom_site.pdbx_formal_charge 
_atom_site.auth_seq_id 
_atom_site.auth_comp_id 
_atom_site.auth_asym_id 
_atom_site.auth_atom_id 
_atom_site.pdbx_PDB_model_num 
ATOM   1   N  N   . ARG A 1 17 ? -2.321  -15.312 13.551  1.00 45.79  ? 588 ARG A N   1 
ATOM   2   C  CA  . ARG A 1 17 ? -1.937  -15.886 12.263  1.00 44.94  ? 588 ARG A CA  1 
ATOM   3   C  C   . ARG A 1 17 ? -3.188  -16.397 11.546  1.00 44.06  ? 588 ARG A C   1 
ATOM   4   O  O   . ARG A 1 17 ? -3.768  -17.396 11.982  1.00 44.10  ? 588 ARG A O   1 
ATOM   5   C  CB  . ARG A 1 17 ? -0.919  -17.020 12.473  1.00 47.24  ? 588 ARG A CB  1 
ATOM   6   N  N   . LYS A 1 18 ? -3.619  -15.710 10.464  1.00 35.72  ? 589 LYS A N   1 
ATOM   7   C  CA  . LYS A 1 18 ? -4.822  -16.124 9.741   1.00 34.62  ? 589 LYS A CA  1 
ATOM   8   C  C   . LYS A 1 18 ? -4.464  -17.044 8.591   1.00 34.96  ? 589 LYS A C   1 
ATOM   9   O  O   . LYS A 1 18 ? -3.359  -16.984 8.066   1.00 33.48  ? 589 LYS A O   1 
ATOM   10  C  CB  . LYS A 1 18 ? -5.643  -14.921 9.264   1.00 35.53  ? 589 LYS A CB  1 
ATOM   11  C  CG  . LYS A 1 18 ? -6.189  -14.091 10.422  1.00 44.15  ? 589 LYS A CG  1 
ATOM   12  C  CD  . LYS A 1 18 ? -7.012  -12.892 9.941   1.00 44.86  ? 589 LYS A CD  1 
ATOM   13  C  CE  . LYS A 1 18 ? -7.373  -12.007 11.112  1.00 39.38  ? 589 LYS A CE  1 
ATOM   14  N  NZ  . LYS A 1 18 ? -8.220  -10.856 10.700  1.00 35.16  ? 589 LYS A NZ  1 
ATOM   15  N  N   . GLY A 1 19 ? -5.378  -17.939 8.251   1.00 30.64  ? 590 GLY A N   1 
ATOM   16  C  CA  . GLY A 1 19 ? -5.166  -18.912 7.182   1.00 30.53  ? 590 GLY A CA  1 
ATOM   17  C  C   . GLY A 1 19 ? -4.714  -18.280 5.880   1.00 31.78  ? 590 GLY A C   1 
ATOM   18  O  O   . GLY A 1 19 ? -3.702  -18.691 5.316   1.00 30.92  ? 590 GLY A O   1 
ATOM   19  N  N   . TRP A 1 20 ? -5.428  -17.215 5.427   1.00 26.42  ? 591 TRP A N   1 
ATOM   20  C  CA  . TRP A 1 20 ? -5.150  -16.527 4.157   1.00 25.25  ? 591 TRP A CA  1 
ATOM   21  C  C   . TRP A 1 20 ? -3.759  -15.880 4.145   1.00 25.33  ? 591 TRP A C   1 
ATOM   22  O  O   . TRP A 1 20 ? -3.157  -15.807 3.074   1.00 25.79  ? 591 TRP A O   1 
ATOM   23  C  CB  . TRP A 1 20 ? -6.268  -15.518 3.810   1.00 23.73  ? 591 TRP A CB  1 
ATOM   24  C  CG  . TRP A 1 20 ? -6.300  -14.290 4.667   1.00 22.99  ? 591 TRP A CG  1 
ATOM   25  C  CD1 . TRP A 1 20 ? -7.064  -14.075 5.774   1.00 25.64  ? 591 TRP A CD1 1 
ATOM   26  C  CD2 . TRP A 1 20 ? -5.576  -13.076 4.430   1.00 22.10  ? 591 TRP A CD2 1 
ATOM   27  N  NE1 . TRP A 1 20 ? -6.849  -12.805 6.254   1.00 25.33  ? 591 TRP A NE1 1 
ATOM   28  C  CE2 . TRP A 1 20 ? -5.950  -12.162 5.436   1.00 26.36  ? 591 TRP A CE2 1 
ATOM   29  C  CE3 . TRP A 1 20 ? -4.670  -12.664 3.442   1.00 23.00  ? 591 TRP A CE3 1 
ATOM   30  C  CZ2 . TRP A 1 20 ? -5.400  -10.875 5.518   1.00 24.51  ? 591 TRP A CZ2 1 
ATOM   31  C  CZ3 . TRP A 1 20 ? -4.155  -11.370 3.502   1.00 23.61  ? 591 TRP A CZ3 1 
ATOM   32  C  CH2 . TRP A 1 20 ? -4.496  -10.510 4.553   1.00 23.68  ? 591 TRP A CH2 1 
ATOM   33  N  N   . HIS A 1 21 ? -3.190  -15.532 5.315   1.00 22.77  ? 592 HIS A N   1 
ATOM   34  C  CA  . HIS A 1 21 ? -1.824  -14.976 5.411   1.00 25.04  ? 592 HIS A CA  1 
ATOM   35  C  C   . HIS A 1 21 ? -0.756  -15.929 4.851   1.00 30.23  ? 592 HIS A C   1 
ATOM   36  O  O   . HIS A 1 21 ? 0.272   -15.472 4.364   1.00 27.95  ? 592 HIS A O   1 
ATOM   37  C  CB  . HIS A 1 21 ? -1.469  -14.692 6.877   1.00 27.37  ? 592 HIS A CB  1 
ATOM   38  C  CG  . HIS A 1 21 ? -2.153  -13.505 7.476   1.00 30.62  ? 592 HIS A CG  1 
ATOM   39  N  ND1 . HIS A 1 21 ? -2.076  -13.248 8.830   1.00 32.99  ? 592 HIS A ND1 1 
ATOM   40  C  CD2 . HIS A 1 21 ? -2.895  -12.537 6.890   1.00 31.83  ? 592 HIS A CD2 1 
ATOM   41  C  CE1 . HIS A 1 21 ? -2.776  -12.142 9.035   1.00 31.58  ? 592 HIS A CE1 1 
ATOM   42  N  NE2 . HIS A 1 21 ? -3.309  -11.690 7.899   1.00 31.33  ? 592 HIS A NE2 1 
ATOM   43  N  N   . GLU A 1 22 ? -1.005  -17.248 4.911   1.00 29.59  ? 593 GLU A N   1 
ATOM   44  C  CA  . GLU A 1 22 ? -0.067  -18.276 4.424   1.00 30.80  ? 593 GLU A CA  1 
ATOM   45  C  C   . GLU A 1 22 ? 0.042   -18.283 2.885   1.00 36.58  ? 593 GLU A C   1 
ATOM   46  O  O   . GLU A 1 22 ? 1.007   -18.824 2.337   1.00 37.81  ? 593 GLU A O   1 
ATOM   47  C  CB  . GLU A 1 22 ? -0.508  -19.676 4.913   1.00 33.26  ? 593 GLU A CB  1 
ATOM   48  C  CG  . GLU A 1 22 ? -0.635  -19.812 6.425   1.00 42.50  ? 593 GLU A CG  1 
ATOM   49  C  CD  . GLU A 1 22 ? 0.615   -19.455 7.207   1.00 63.90  ? 593 GLU A CD  1 
ATOM   50  O  OE1 . GLU A 1 22 ? 1.717   -19.870 6.789   1.00 48.07  ? 593 GLU A OE1 1 
ATOM   51  O  OE2 . GLU A 1 22 ? 0.500   -18.695 8.194   1.00 66.14  ? 593 GLU A OE2 1 
ATOM   52  N  N   . HIS A 1 23 ? -0.937  -17.687 2.196   1.00 32.91  ? 594 HIS A N   1 
ATOM   53  C  CA  . HIS A 1 23 ? -0.954  -17.667 0.731   1.00 33.72  ? 594 HIS A CA  1 
ATOM   54  C  C   . HIS A 1 23 ? -0.558  -16.287 0.161   1.00 38.49  ? 594 HIS A C   1 
ATOM   55  O  O   . HIS A 1 23 ? -0.549  -16.124 -1.054  1.00 41.64  ? 594 HIS A O   1 
ATOM   56  C  CB  . HIS A 1 23 ? -2.343  -18.096 0.226   1.00 34.94  ? 594 HIS A CB  1 
ATOM   57  C  CG  . HIS A 1 23 ? -2.700  -19.492 0.652   1.00 38.96  ? 594 HIS A CG  1 
ATOM   58  N  ND1 . HIS A 1 23 ? -3.457  -19.726 1.779   1.00 41.01  ? 594 HIS A ND1 1 
ATOM   59  C  CD2 . HIS A 1 23 ? -2.331  -20.681 0.121   1.00 42.46  ? 594 HIS A CD2 1 
ATOM   60  C  CE1 . HIS A 1 23 ? -3.562  -21.046 1.885   1.00 41.59  ? 594 HIS A CE1 1 
ATOM   61  N  NE2 . HIS A 1 23 ? -2.896  -21.666 0.917   1.00 43.07  ? 594 HIS A NE2 1 
ATOM   62  N  N   . VAL A 1 24 ? -0.231  -15.317 1.014   1.00 32.53  ? 595 VAL A N   1 
ATOM   63  C  CA  . VAL A 1 24 ? 0.169   -13.949 0.587   1.00 32.52  ? 595 VAL A CA  1 
ATOM   64  C  C   . VAL A 1 24 ? 1.666   -13.809 0.828   1.00 40.53  ? 595 VAL A C   1 
ATOM   65  O  O   . VAL A 1 24 ? 2.136   -14.043 1.941   1.00 42.57  ? 595 VAL A O   1 
ATOM   66  C  CB  . VAL A 1 24 ? -0.654  -12.824 1.300   1.00 34.79  ? 595 VAL A CB  1 
ATOM   67  C  CG1 . VAL A 1 24 ? -0.091  -11.418 1.008   1.00 34.71  ? 595 VAL A CG1 1 
ATOM   68  C  CG2 . VAL A 1 24 ? -2.112  -12.882 0.876   1.00 34.01  ? 595 VAL A CG2 1 
ATOM   69  N  N   . THR A 1 25 ? 2.418   -13.485 -0.232  1.00 35.93  ? 596 THR A N   1 
ATOM   70  C  CA  . THR A 1 25 ? 3.867   -13.307 -0.160  1.00 34.08  ? 596 THR A CA  1 
ATOM   71  C  C   . THR A 1 25 ? 4.174   -11.881 0.264   1.00 32.55  ? 596 THR A C   1 
ATOM   72  O  O   . THR A 1 25 ? 3.406   -10.962 -0.049  1.00 29.81  ? 596 THR A O   1 
ATOM   73  C  CB  . THR A 1 25 ? 4.538   -13.645 -1.542  1.00 41.97  ? 596 THR A CB  1 
ATOM   74  O  OG1 . THR A 1 25 ? 5.923   -13.310 -1.520  1.00 48.57  ? 596 THR A OG1 1 
ATOM   75  C  CG2 . THR A 1 25 ? 3.907   -12.927 -2.718  1.00 35.38  ? 596 THR A CG2 1 
ATOM   76  N  N   . GLN A 1 26 ? 5.338   -11.685 0.889   1.00 26.89  ? 597 GLN A N   1 
ATOM   77  C  CA  . GLN A 1 26 ? 5.847   -10.364 1.234   1.00 26.80  ? 597 GLN A CA  1 
ATOM   78  C  C   . GLN A 1 26 ? 5.955   -9.487  -0.025  1.00 29.31  ? 597 GLN A C   1 
ATOM   79  O  O   . GLN A 1 26 ? 5.770   -8.272  0.064   1.00 26.81  ? 597 GLN A O   1 
ATOM   80  C  CB  . GLN A 1 26 ? 7.211   -10.474 1.917   1.00 28.67  ? 597 GLN A CB  1 
ATOM   81  C  CG  . GLN A 1 26 ? 7.853   -9.126  2.277   1.00 47.00  ? 597 GLN A CG  1 
ATOM   82  C  CD  . GLN A 1 26 ? 7.022   -8.279  3.218   1.00 67.05  ? 597 GLN A CD  1 
ATOM   83  O  OE1 . GLN A 1 26 ? 6.440   -8.764  4.197   1.00 61.00  ? 597 GLN A OE1 1 
ATOM   84  N  NE2 . GLN A 1 26 ? 6.976   -6.980  2.955   1.00 61.82  ? 597 GLN A NE2 1 
ATOM   85  N  N   . ASP A 1 27 ? 6.292   -10.104 -1.191  1.00 26.70  ? 598 ASP A N   1 
ATOM   86  C  CA  . ASP A 1 27 ? 6.379   -9.370  -2.477  1.00 25.20  ? 598 ASP A CA  1 
ATOM   87  C  C   . ASP A 1 27 ? 5.023   -8.774  -2.846  1.00 25.15  ? 598 ASP A C   1 
ATOM   88  O  O   . ASP A 1 27 ? 4.994   -7.659  -3.336  1.00 23.60  ? 598 ASP A O   1 
ATOM   89  C  CB  . ASP A 1 27 ? 6.891   -10.283 -3.606  1.00 26.65  ? 598 ASP A CB  1 
ATOM   90  C  CG  . ASP A 1 27 ? 8.397   -10.542 -3.524  1.00 37.10  ? 598 ASP A CG  1 
ATOM   91  O  OD1 . ASP A 1 27 ? 9.103   -9.774  -2.828  1.00 37.93  ? 598 ASP A OD1 1 
ATOM   92  O  OD2 . ASP A 1 27 ? 8.871   -11.469 -4.186  1.00 45.26  ? 598 ASP A OD2 1 
ATOM   93  N  N   . LEU A 1 28 ? 3.896   -9.476  -2.579  1.00 21.12  ? 599 LEU A N   1 
ATOM   94  C  CA  . LEU A 1 28 ? 2.591   -8.850  -2.844  1.00 21.03  ? 599 LEU A CA  1 
ATOM   95  C  C   . LEU A 1 28 ? 2.341   -7.711  -1.844  1.00 21.78  ? 599 LEU A C   1 
ATOM   96  O  O   . LEU A 1 28 ? 1.802   -6.671  -2.229  1.00 21.70  ? 599 LEU A O   1 
ATOM   97  C  CB  . LEU A 1 28 ? 1.411   -9.850  -2.776  1.00 23.11  ? 599 LEU A CB  1 
ATOM   98  C  CG  . LEU A 1 28 ? 0.011   -9.155  -2.851  1.00 29.50  ? 599 LEU A CG  1 
ATOM   99  C  CD1 . LEU A 1 28 ? -0.234  -8.528  -4.257  1.00 31.42  ? 599 LEU A CD1 1 
ATOM   100 C  CD2 . LEU A 1 28 ? -1.091  -10.123 -2.519  1.00 32.58  ? 599 LEU A CD2 1 
ATOM   101 N  N   . ARG A 1 29 ? 2.687   -7.908  -0.563  1.00 17.94  ? 600 ARG A N   1 
ATOM   102 C  CA  . ARG A 1 29 ? 2.466   -6.854  0.434   1.00 17.03  ? 600 ARG A CA  1 
ATOM   103 C  C   . ARG A 1 29 ? 3.273   -5.590  0.066   1.00 21.48  ? 600 ARG A C   1 
ATOM   104 O  O   . ARG A 1 29 ? 2.745   -4.469  0.105   1.00 20.05  ? 600 ARG A O   1 
ATOM   105 C  CB  . ARG A 1 29 ? 2.867   -7.343  1.832   1.00 16.63  ? 600 ARG A CB  1 
ATOM   106 C  CG  . ARG A 1 29 ? 2.084   -8.589  2.287   1.00 20.76  ? 600 ARG A CG  1 
ATOM   107 C  CD  . ARG A 1 29 ? 2.437   -8.884  3.747   1.00 24.24  ? 600 ARG A CD  1 
ATOM   108 N  NE  . ARG A 1 29 ? 2.040   -7.777  4.632   1.00 25.27  ? 600 ARG A NE  1 
ATOM   109 C  CZ  . ARG A 1 29 ? 2.409   -7.680  5.903   1.00 40.12  ? 600 ARG A CZ  1 
ATOM   110 N  NH1 . ARG A 1 29 ? 3.172   -8.616  6.451   1.00 28.62  ? 600 ARG A NH1 1 
ATOM   111 N  NH2 . ARG A 1 29 ? 2.026   -6.636  6.637   1.00 29.83  ? 600 ARG A NH2 1 
ATOM   112 N  N   . SER A 1 30 ? 4.540   -5.777  -0.339  1.00 18.43  ? 601 SER A N   1 
ATOM   113 C  CA  . SER A 1 30 ? 5.365   -4.607  -0.748  1.00 17.15  ? 601 SER A CA  1 
ATOM   114 C  C   . SER A 1 30 ? 4.830   -3.966  -1.988  1.00 17.48  ? 601 SER A C   1 
ATOM   115 O  O   . SER A 1 30 ? 4.895   -2.740  -2.122  1.00 18.51  ? 601 SER A O   1 
ATOM   116 C  CB  . SER A 1 30 ? 6.808   -5.027  -1.003  1.00 22.91  ? 601 SER A CB  1 
ATOM   117 O  OG  . SER A 1 30 ? 7.315   -5.611  0.177   1.00 40.37  ? 601 SER A OG  1 
ATOM   118 N  N   . HIS A 1 31 ? 4.320   -4.786  -2.938  1.00 16.12  ? 602 HIS A N   1 
ATOM   119 C  CA  . HIS A 1 31 ? 3.743   -4.264  -4.167  1.00 16.60  ? 602 HIS A CA  1 
ATOM   120 C  C   . HIS A 1 31 ? 2.577   -3.292  -3.872  1.00 19.80  ? 602 HIS A C   1 
ATOM   121 O  O   . HIS A 1 31 ? 2.478   -2.244  -4.500  1.00 16.66  ? 602 HIS A O   1 
ATOM   122 C  CB  . HIS A 1 31 ? 3.229   -5.441  -5.057  1.00 18.67  ? 602 HIS A CB  1 
ATOM   123 C  CG  . HIS A 1 31 ? 2.878   -5.018  -6.444  1.00 22.18  ? 602 HIS A CG  1 
ATOM   124 N  ND1 . HIS A 1 31 ? 3.864   -4.683  -7.372  1.00 24.27  ? 602 HIS A ND1 1 
ATOM   125 C  CD2 . HIS A 1 31 ? 1.665   -4.935  -7.050  1.00 23.90  ? 602 HIS A CD2 1 
ATOM   126 C  CE1 . HIS A 1 31 ? 3.213   -4.341  -8.481  1.00 23.45  ? 602 HIS A CE1 1 
ATOM   127 N  NE2 . HIS A 1 31 ? 1.895   -4.465  -8.336  1.00 23.31  ? 602 HIS A NE2 1 
ATOM   128 N  N   . LEU A 1 32 ? 1.695   -3.653  -2.917  1.00 17.28  ? 603 LEU A N   1 
ATOM   129 C  CA  A LEU A 1 32 ? 0.539   -2.822  -2.577  0.50 15.63  ? 603 LEU A CA  1 
ATOM   130 C  CA  B LEU A 1 32 ? 0.527   -2.843  -2.536  0.50 17.70  ? 603 LEU A CA  1 
ATOM   131 C  C   . LEU A 1 32 ? 0.959   -1.586  -1.794  1.00 20.32  ? 603 LEU A C   1 
ATOM   132 O  O   . LEU A 1 32 ? 0.329   -0.544  -1.935  1.00 22.20  ? 603 LEU A O   1 
ATOM   133 C  CB  A LEU A 1 32 ? -0.501  -3.645  -1.815  0.50 15.38  ? 603 LEU A CB  1 
ATOM   134 C  CB  B LEU A 1 32 ? -0.436  -3.676  -1.670  0.50 19.06  ? 603 LEU A CB  1 
ATOM   135 C  CG  A LEU A 1 32 ? -1.109  -4.786  -2.660  0.50 17.66  ? 603 LEU A CG  1 
ATOM   136 C  CG  B LEU A 1 32 ? -1.547  -4.472  -2.401  0.50 25.32  ? 603 LEU A CG  1 
ATOM   137 C  CD1 A LEU A 1 32 ? -2.052  -5.609  -1.832  0.50 19.11  ? 603 LEU A CD1 1 
ATOM   138 C  CD1 B LEU A 1 32 ? -1.126  -4.990  -3.750  0.50 25.95  ? 603 LEU A CD1 1 
ATOM   139 C  CD2 A LEU A 1 32 ? -1.872  -4.214  -3.886  0.50 17.51  ? 603 LEU A CD2 1 
ATOM   140 C  CD2 B LEU A 1 32 ? -2.046  -5.597  -1.567  0.50 29.69  ? 603 LEU A CD2 1 
ATOM   141 N  N   . VAL A 1 33 ? 2.040   -1.683  -1.004  1.00 15.87  ? 604 VAL A N   1 
ATOM   142 C  CA  . VAL A 1 33 ? 2.610   -0.520  -0.292  1.00 15.05  ? 604 VAL A CA  1 
ATOM   143 C  C   . VAL A 1 33 ? 3.030   0.494   -1.369  1.00 17.35  ? 604 VAL A C   1 
ATOM   144 O  O   . VAL A 1 33 ? 2.732   1.691   -1.264  1.00 17.95  ? 604 VAL A O   1 
ATOM   145 C  CB  . VAL A 1 33 ? 3.823   -0.933  0.619   1.00 18.55  ? 604 VAL A CB  1 
ATOM   146 C  CG1 . VAL A 1 33 ? 4.742   0.263   0.936   1.00 19.34  ? 604 VAL A CG1 1 
ATOM   147 C  CG2 . VAL A 1 33 ? 3.342   -1.595  1.907   1.00 17.82  ? 604 VAL A CG2 1 
ATOM   148 N  N   . HIS A 1 34 ? 3.708   0.015   -2.422  1.00 15.56  ? 605 HIS A N   1 
ATOM   149 C  CA  . HIS A 1 34 ? 4.217   0.907   -3.481  1.00 16.93  ? 605 HIS A CA  1 
ATOM   150 C  C   . HIS A 1 34 ? 3.092   1.445   -4.379  1.00 20.86  ? 605 HIS A C   1 
ATOM   151 O  O   . HIS A 1 34 ? 3.214   2.562   -4.881  1.00 20.82  ? 605 HIS A O   1 
ATOM   152 C  CB  . HIS A 1 34 ? 5.333   0.219   -4.284  1.00 17.91  ? 605 HIS A CB  1 
ATOM   153 C  CG  . HIS A 1 34 ? 6.603   0.305   -3.510  1.00 20.32  ? 605 HIS A CG  1 
ATOM   154 N  ND1 . HIS A 1 34 ? 7.149   -0.804  -2.885  1.00 23.36  ? 605 HIS A ND1 1 
ATOM   155 C  CD2 . HIS A 1 34 ? 7.336   1.391   -3.195  1.00 19.99  ? 605 HIS A CD2 1 
ATOM   156 C  CE1 . HIS A 1 34 ? 8.213   -0.365  -2.232  1.00 21.21  ? 605 HIS A CE1 1 
ATOM   157 N  NE2 . HIS A 1 34 ? 8.363   0.955   -2.388  1.00 22.43  ? 605 HIS A NE2 1 
ATOM   158 N  N   . LYS A 1 35 ? 1.969   0.708   -4.499  1.00 17.97  ? 606 LYS A N   1 
ATOM   159 C  CA  . LYS A 1 35 ? 0.776   1.210   -5.193  1.00 18.76  ? 606 LYS A CA  1 
ATOM   160 C  C   . LYS A 1 35 ? 0.166   2.364   -4.419  1.00 19.53  ? 606 LYS A C   1 
ATOM   161 O  O   . LYS A 1 35 ? -0.299  3.316   -5.026  1.00 20.77  ? 606 LYS A O   1 
ATOM   162 C  CB  . LYS A 1 35 ? -0.271  0.107   -5.399  1.00 21.69  ? 606 LYS A CB  1 
ATOM   163 C  CG  . LYS A 1 35 ? 0.073   -0.774  -6.586  1.00 37.16  ? 606 LYS A CG  1 
ATOM   164 C  CD  . LYS A 1 35 ? -1.154  -1.442  -7.132  1.00 43.97  ? 606 LYS A CD  1 
ATOM   165 C  CE  . LYS A 1 35 ? -0.782  -2.252  -8.329  1.00 49.08  ? 606 LYS A CE  1 
ATOM   166 N  NZ  . LYS A 1 35 ? -1.365  -1.738  -9.603  1.00 39.01  ? 606 LYS A NZ  1 
ATOM   167 N  N   . LEU A 1 36 ? 0.191   2.307   -3.081  1.00 17.64  ? 607 LEU A N   1 
ATOM   168 C  CA  . LEU A 1 36 ? -0.317  3.414   -2.244  1.00 17.76  ? 607 LEU A CA  1 
ATOM   169 C  C   . LEU A 1 36 ? 0.566   4.633   -2.433  1.00 24.06  ? 607 LEU A C   1 
ATOM   170 O  O   . LEU A 1 36 ? 0.067   5.738   -2.636  1.00 23.71  ? 607 LEU A O   1 
ATOM   171 C  CB  . LEU A 1 36 ? -0.345  3.016   -0.744  1.00 19.06  ? 607 LEU A CB  1 
ATOM   172 C  CG  . LEU A 1 36 ? -1.453  2.057   -0.311  1.00 26.80  ? 607 LEU A CG  1 
ATOM   173 C  CD1 . LEU A 1 36 ? -1.044  1.281   0.928   1.00 28.83  ? 607 LEU A CD1 1 
ATOM   174 C  CD2 . LEU A 1 36 ? -2.785  2.809   -0.051  1.00 29.99  ? 607 LEU A CD2 1 
ATOM   175 N  N   . VAL A 1 37 ? 1.889   4.436   -2.473  1.00 19.40  ? 608 VAL A N   1 
ATOM   176 C  CA  . VAL A 1 37 ? 2.806   5.580   -2.675  1.00 19.71  ? 608 VAL A CA  1 
ATOM   177 C  C   . VAL A 1 37 ? 2.567   6.207   -4.061  1.00 23.78  ? 608 VAL A C   1 
ATOM   178 O  O   . VAL A 1 37 ? 2.593   7.436   -4.228  1.00 23.98  ? 608 VAL A O   1 
ATOM   179 C  CB  . VAL A 1 37 ? 4.285   5.104   -2.501  1.00 23.90  ? 608 VAL A CB  1 
ATOM   180 C  CG1 . VAL A 1 37 ? 5.277   6.215   -2.889  1.00 24.94  ? 608 VAL A CG1 1 
ATOM   181 C  CG2 . VAL A 1 37 ? 4.542   4.620   -1.067  1.00 23.82  ? 608 VAL A CG2 1 
ATOM   182 N  N   . GLN A 1 38 ? 2.408   5.354   -5.070  1.00 19.89  ? 609 GLN A N   1 
ATOM   183 C  CA  . GLN A 1 38 ? 2.177   5.791   -6.452  1.00 19.95  ? 609 GLN A CA  1 
ATOM   184 C  C   . GLN A 1 38 ? 0.868   6.606   -6.567  1.00 27.30  ? 609 GLN A C   1 
ATOM   185 O  O   . GLN A 1 38 ? 0.783   7.512   -7.398  1.00 29.88  ? 609 GLN A O   1 
ATOM   186 C  CB  . GLN A 1 38 ? 2.136   4.561   -7.366  1.00 20.34  ? 609 GLN A CB  1 
ATOM   187 C  CG  . GLN A 1 38 ? 1.665   4.850   -8.814  1.00 32.56  ? 609 GLN A CG  1 
ATOM   188 C  CD  . GLN A 1 38 ? 1.601   3.580   -9.610  1.00 41.11  ? 609 GLN A CD  1 
ATOM   189 O  OE1 . GLN A 1 38 ? 2.461   3.314   -10.425 1.00 36.80  ? 609 GLN A OE1 1 
ATOM   190 N  NE2 . GLN A 1 38 ? 0.623   2.730   -9.332  1.00 32.87  ? 609 GLN A NE2 1 
ATOM   191 N  N   . ALA A 1 39 ? -0.126  6.306   -5.735  1.00 25.81  ? 610 ALA A N   1 
ATOM   192 C  CA  . ALA A 1 39 ? -1.413  7.028   -5.753  1.00 26.50  ? 610 ALA A CA  1 
ATOM   193 C  C   . ALA A 1 39 ? -1.197  8.525   -5.379  1.00 35.96  ? 610 ALA A C   1 
ATOM   194 O  O   . ALA A 1 39 ? -1.869  9.401   -5.932  1.00 38.18  ? 610 ALA A O   1 
ATOM   195 C  CB  . ALA A 1 39 ? -2.391  6.368   -4.793  1.00 25.97  ? 610 ALA A CB  1 
ATOM   196 N  N   . ILE A 1 40 ? -0.252  8.807   -4.472  1.00 34.55  ? 611 ILE A N   1 
ATOM   197 C  CA  . ILE A 1 40 ? 0.097   10.185  -4.080  1.00 38.12  ? 611 ILE A CA  1 
ATOM   198 C  C   . ILE A 1 40 ? 1.127   10.777  -5.069  1.00 45.06  ? 611 ILE A C   1 
ATOM   199 O  O   . ILE A 1 40 ? 0.968   11.925  -5.496  1.00 47.20  ? 611 ILE A O   1 
ATOM   200 C  CB  . ILE A 1 40 ? 0.653   10.269  -2.629  1.00 42.34  ? 611 ILE A CB  1 
ATOM   201 C  CG1 . ILE A 1 40 ? -0.129  9.399   -1.654  1.00 42.64  ? 611 ILE A CG1 1 
ATOM   202 C  CG2 . ILE A 1 40 ? 0.782   11.732  -2.125  1.00 45.12  ? 611 ILE A CG2 1 
ATOM   203 C  CD1 . ILE A 1 40 ? 0.731   8.439   -1.123  1.00 57.02  ? 611 ILE A CD1 1 
ATOM   204 N  N   . PHE A 1 41 ? 2.200   10.017  -5.390  1.00 40.90  ? 612 PHE A N   1 
ATOM   205 C  CA  . PHE A 1 41 ? 3.280   10.492  -6.270  1.00 41.73  ? 612 PHE A CA  1 
ATOM   206 C  C   . PHE A 1 41 ? 3.471   9.592   -7.499  1.00 42.14  ? 612 PHE A C   1 
ATOM   207 O  O   . PHE A 1 41 ? 4.354   8.720   -7.514  1.00 39.73  ? 612 PHE A O   1 
ATOM   208 C  CB  . PHE A 1 41 ? 4.591   10.689  -5.491  1.00 45.17  ? 612 PHE A CB  1 
ATOM   209 C  CG  . PHE A 1 41 ? 4.519   11.965  -4.690  1.00 50.18  ? 612 PHE A CG  1 
ATOM   210 C  CD1 . PHE A 1 41 ? 4.495   13.203  -5.326  1.00 56.52  ? 612 PHE A CD1 1 
ATOM   211 C  CD2 . PHE A 1 41 ? 4.346   11.931  -3.314  1.00 54.40  ? 612 PHE A CD2 1 
ATOM   212 C  CE1 . PHE A 1 41 ? 4.349   14.386  -4.589  1.00 59.48  ? 612 PHE A CE1 1 
ATOM   213 C  CE2 . PHE A 1 41 ? 4.215   13.113  -2.576  1.00 58.84  ? 612 PHE A CE2 1 
ATOM   214 C  CZ  . PHE A 1 41 ? 4.208   14.332  -3.218  1.00 58.54  ? 612 PHE A CZ  1 
ATOM   215 N  N   . PRO A 1 42 ? 2.667   9.848   -8.559  1.00 38.59  ? 613 PRO A N   1 
ATOM   216 C  CA  . PRO A 1 42 ? 2.730   8.993   -9.758  1.00 38.72  ? 613 PRO A CA  1 
ATOM   217 C  C   . PRO A 1 42 ? 3.992   9.145   -10.598 1.00 42.62  ? 613 PRO A C   1 
ATOM   218 O  O   . PRO A 1 42 ? 4.257   8.251   -11.395 1.00 43.05  ? 613 PRO A O   1 
ATOM   219 C  CB  . PRO A 1 42 ? 1.481   9.391   -10.560 1.00 41.54  ? 613 PRO A CB  1 
ATOM   220 C  CG  . PRO A 1 42 ? 1.119   10.747  -10.081 1.00 47.00  ? 613 PRO A CG  1 
ATOM   221 C  CD  . PRO A 1 42 ? 1.544   10.811  -8.642  1.00 42.23  ? 613 PRO A CD  1 
ATOM   222 N  N   . THR A 1 43 ? 4.776   10.235  -10.416 1.00 37.95  ? 614 THR A N   1 
ATOM   223 C  CA  . THR A 1 43 ? 6.040   10.449  -11.138 1.00 38.30  ? 614 THR A CA  1 
ATOM   224 C  C   . THR A 1 43 ? 7.127   10.594  -10.050 1.00 40.95  ? 614 THR A C   1 
ATOM   225 O  O   . THR A 1 43 ? 7.361   11.695  -9.544  1.00 42.00  ? 614 THR A O   1 
ATOM   226 C  CB  . THR A 1 43 ? 5.922   11.632  -12.121 1.00 54.28  ? 614 THR A CB  1 
ATOM   227 O  OG1 . THR A 1 43 ? 5.350   12.743  -11.441 1.00 58.26  ? 614 THR A OG1 1 
ATOM   228 C  CG2 . THR A 1 43 ? 5.070   11.294  -13.328 1.00 55.32  ? 614 THR A CG2 1 
ATOM   229 N  N   . PRO A 1 44 ? 7.733   9.462   -9.621  1.00 35.44  ? 615 PRO A N   1 
ATOM   230 C  CA  . PRO A 1 44 ? 8.635   9.492   -8.450  1.00 34.63  ? 615 PRO A CA  1 
ATOM   231 C  C   . PRO A 1 44 ? 10.049  9.941   -8.769  1.00 37.65  ? 615 PRO A C   1 
ATOM   232 O  O   . PRO A 1 44 ? 11.007  9.293   -8.338  1.00 36.68  ? 615 PRO A O   1 
ATOM   233 C  CB  . PRO A 1 44 ? 8.624   8.033   -7.974  1.00 36.10  ? 615 PRO A CB  1 
ATOM   234 C  CG  . PRO A 1 44 ? 8.452   7.247   -9.228  1.00 40.20  ? 615 PRO A CG  1 
ATOM   235 C  CD  . PRO A 1 44 ? 7.518   8.082   -10.102 1.00 36.53  ? 615 PRO A CD  1 
ATOM   236 N  N   . ASP A 1 45 ? 10.179  11.062  -9.483  1.00 33.05  ? 616 ASP A N   1 
ATOM   237 C  CA  . ASP A 1 45 ? 11.479  11.576  -9.905  1.00 32.95  ? 616 ASP A CA  1 
ATOM   238 C  C   . ASP A 1 45 ? 12.298  11.962  -8.667  1.00 39.54  ? 616 ASP A C   1 
ATOM   239 O  O   . ASP A 1 45 ? 11.896  12.871  -7.939  1.00 39.01  ? 616 ASP A O   1 
ATOM   240 C  CB  . ASP A 1 45 ? 11.286  12.757  -10.872 1.00 35.04  ? 616 ASP A CB  1 
ATOM   241 C  CG  . ASP A 1 45 ? 12.559  13.418  -11.364 1.00 42.64  ? 616 ASP A CG  1 
ATOM   242 O  OD1 . ASP A 1 45 ? 13.656  12.937  -11.018 1.00 43.48  ? 616 ASP A OD1 1 
ATOM   243 O  OD2 . ASP A 1 45 ? 12.459  14.425  -12.061 1.00 48.67  ? 616 ASP A OD2 1 
ATOM   244 N  N   . PRO A 1 46 ? 13.457  11.291  -8.430  1.00 38.62  ? 617 PRO A N   1 
ATOM   245 C  CA  . PRO A 1 46 ? 14.258  11.601  -7.231  1.00 39.72  ? 617 PRO A CA  1 
ATOM   246 C  C   . PRO A 1 46 ? 14.840  13.020  -7.210  1.00 46.51  ? 617 PRO A C   1 
ATOM   247 O  O   . PRO A 1 46 ? 15.322  13.437  -6.159  1.00 47.68  ? 617 PRO A O   1 
ATOM   248 C  CB  . PRO A 1 46 ? 15.344  10.523  -7.237  1.00 41.09  ? 617 PRO A CB  1 
ATOM   249 C  CG  . PRO A 1 46 ? 15.422  10.067  -8.671  1.00 44.26  ? 617 PRO A CG  1 
ATOM   250 C  CD  . PRO A 1 46 ? 14.039  10.159  -9.189  1.00 39.29  ? 617 PRO A CD  1 
ATOM   251 N  N   . ALA A 1 47 ? 14.738  13.785  -8.319  1.00 45.03  ? 618 ALA A N   1 
ATOM   252 C  CA  . ALA A 1 47 ? 15.147  15.196  -8.356  1.00 47.36  ? 618 ALA A CA  1 
ATOM   253 C  C   . ALA A 1 47 ? 14.024  16.066  -7.752  1.00 56.05  ? 618 ALA A C   1 
ATOM   254 O  O   . ALA A 1 47 ? 14.282  17.168  -7.267  1.00 56.65  ? 618 ALA A O   1 
ATOM   255 C  CB  . ALA A 1 47 ? 15.444  15.630  -9.780  1.00 48.37  ? 618 ALA A CB  1 
ATOM   256 N  N   . ALA A 1 48 ? 12.776  15.556  -7.796  1.00 54.69  ? 619 ALA A N   1 
ATOM   257 C  CA  . ALA A 1 48 ? 11.583  16.208  -7.255  1.00 56.33  ? 619 ALA A CA  1 
ATOM   258 C  C   . ALA A 1 48 ? 11.343  15.760  -5.811  1.00 60.79  ? 619 ALA A C   1 
ATOM   259 O  O   . ALA A 1 48 ? 11.010  16.605  -4.980  1.00 62.51  ? 619 ALA A O   1 
ATOM   260 C  CB  . ALA A 1 48 ? 10.367  15.892  -8.116  1.00 56.77  ? 619 ALA A CB  1 
ATOM   261 N  N   . LEU A 1 49 ? 11.515  14.444  -5.507  1.00 54.27  ? 620 LEU A N   1 
ATOM   262 C  CA  . LEU A 1 49 ? 11.353  13.918  -4.145  1.00 52.72  ? 620 LEU A CA  1 
ATOM   263 C  C   . LEU A 1 49 ? 12.603  13.167  -3.660  1.00 54.19  ? 620 LEU A C   1 
ATOM   264 O  O   . LEU A 1 49 ? 12.883  12.049  -4.100  1.00 53.98  ? 620 LEU A O   1 
ATOM   265 C  CB  . LEU A 1 49 ? 10.093  13.037  -3.950  1.00 52.52  ? 620 LEU A CB  1 
ATOM   266 C  CG  . LEU A 1 49 ? 9.419   12.374  -5.149  1.00 57.14  ? 620 LEU A CG  1 
ATOM   267 C  CD1 . LEU A 1 49 ? 8.862   11.039  -4.763  0.00 56.44  ? 620 LEU A CD1 1 
ATOM   268 C  CD2 . LEU A 1 49 ? 8.295   13.240  -5.699  0.00 59.96  ? 620 LEU A CD2 1 
ATOM   269 N  N   . LYS A 1 50 ? 13.312  13.781  -2.698  1.00 49.74  ? 621 LYS A N   1 
ATOM   270 C  CA  . LYS A 1 50 ? 14.534  13.295  -2.047  1.00 49.02  ? 621 LYS A CA  1 
ATOM   271 C  C   . LYS A 1 50 ? 14.330  11.992  -1.254  1.00 49.98  ? 621 LYS A C   1 
ATOM   272 O  O   . LYS A 1 50 ? 13.200  11.586  -0.976  1.00 49.14  ? 621 LYS A O   1 
ATOM   273 C  CB  . LYS A 1 50 ? 15.091  14.379  -1.113  1.00 53.06  ? 621 LYS A CB  1 
ATOM   274 N  N   . ASP A 1 51 ? 15.450  11.353  -0.881  1.00 44.59  ? 622 ASP A N   1 
ATOM   275 C  CA  . ASP A 1 51 ? 15.522  10.069  -0.188  1.00 42.21  ? 622 ASP A CA  1 
ATOM   276 C  C   . ASP A 1 51 ? 14.649  9.998   1.075   1.00 41.62  ? 622 ASP A C   1 
ATOM   277 O  O   . ASP A 1 51 ? 13.797  9.115   1.148   1.00 38.66  ? 622 ASP A O   1 
ATOM   278 C  CB  . ASP A 1 51 ? 16.971  9.736   0.173   1.00 44.54  ? 622 ASP A CB  1 
ATOM   279 N  N   . ARG A 1 52 ? 14.849  10.910  2.061   1.00 35.00  ? 623 ARG A N   1 
ATOM   280 C  CA  . ARG A 1 52 ? 14.084  10.887  3.320   1.00 32.78  ? 623 ARG A CA  1 
ATOM   281 C  C   . ARG A 1 52 ? 12.589  11.110  3.081   1.00 32.46  ? 623 ARG A C   1 
ATOM   282 O  O   . ARG A 1 52 ? 11.745  10.554  3.793   1.00 30.58  ? 623 ARG A O   1 
ATOM   283 C  CB  . ARG A 1 52 ? 14.634  11.931  4.299   1.00 35.73  ? 623 ARG A CB  1 
ATOM   284 C  CG  . ARG A 1 52 ? 15.979  11.559  4.923   1.00 51.47  ? 623 ARG A CG  1 
ATOM   285 C  CD  . ARG A 1 52 ? 15.811  10.631  6.113   0.00 69.07  ? 623 ARG A CD  1 
ATOM   286 N  NE  . ARG A 1 52 ? 16.885  10.797  7.092   0.00 86.78  ? 623 ARG A NE  1 
ATOM   287 C  CZ  . ARG A 1 52 ? 16.970  10.120  8.234   0.00 106.26 ? 623 ARG A CZ  1 
ATOM   288 N  NH1 . ARG A 1 52 ? 16.049  9.218   8.550   0.00 95.14  ? 623 ARG A NH1 1 
ATOM   289 N  NH2 . ARG A 1 52 ? 17.978  10.337  9.065   0.00 95.56  ? 623 ARG A NH2 1 
ATOM   290 N  N   . ARG A 1 53 ? 12.267  11.928  2.080   1.00 28.91  ? 624 ARG A N   1 
ATOM   291 C  CA  . ARG A 1 53 ? 10.901  12.230  1.710   1.00 28.36  ? 624 ARG A CA  1 
ATOM   292 C  C   . ARG A 1 53 ? 10.194  10.963  1.226   1.00 31.21  ? 624 ARG A C   1 
ATOM   293 O  O   . ARG A 1 53 ? 9.062   10.689  1.642   1.00 27.18  ? 624 ARG A O   1 
ATOM   294 C  CB  . ARG A 1 53 ? 10.878  13.323  0.640   1.00 30.42  ? 624 ARG A CB  1 
ATOM   295 C  CG  . ARG A 1 53 ? 9.468   13.830  0.369   1.00 32.26  ? 624 ARG A CG  1 
ATOM   296 C  CD  . ARG A 1 53 ? 9.521   15.038  -0.544  1.00 35.40  ? 624 ARG A CD  1 
ATOM   297 N  NE  . ARG A 1 53 ? 8.176   15.470  -0.908  1.00 34.07  ? 624 ARG A NE  1 
ATOM   298 C  CZ  . ARG A 1 53 ? 7.923   16.379  -1.841  1.00 48.57  ? 624 ARG A CZ  1 
ATOM   299 N  NH1 . ARG A 1 53 ? 8.918   16.969  -2.488  1.00 39.94  ? 624 ARG A NH1 1 
ATOM   300 N  NH2 . ARG A 1 53 ? 6.668   16.699  -2.141  1.00 38.78  ? 624 ARG A NH2 1 
HETATM 301 N  N   . MSE A 1 54 ? 10.876  10.175  0.376   1.00 30.44  ? 625 MSE A N   1 
HETATM 302 C  CA  . MSE A 1 54 ? 10.351  8.913   -0.146  1.00 31.38  ? 625 MSE A CA  1 
HETATM 303 C  C   . MSE A 1 54 ? 10.150  7.929   1.006   1.00 30.42  ? 625 MSE A C   1 
HETATM 304 O  O   . MSE A 1 54 ? 9.103   7.296   1.082   1.00 30.27  ? 625 MSE A O   1 
HETATM 305 C  CB  . MSE A 1 54 ? 11.316  8.344   -1.213  1.00 35.63  ? 625 MSE A CB  1 
HETATM 306 C  CG  . MSE A 1 54 ? 10.981  6.925   -1.677  1.00 46.46  ? 625 MSE A CG  1 
HETATM 307 SE SE  . MSE A 1 54 ? 9.177   6.686   -2.407  1.00 59.79  ? 625 MSE A SE  1 
HETATM 308 C  CE  . MSE A 1 54 ? 9.361   7.688   -3.999  1.00 57.45  ? 625 MSE A CE  1 
ATOM   309 N  N   . GLU A 1 55 ? 11.140  7.803   1.901   1.00 24.59  ? 626 GLU A N   1 
ATOM   310 C  CA  . GLU A 1 55 ? 11.064  6.910   3.056   1.00 24.92  ? 626 GLU A CA  1 
ATOM   311 C  C   . GLU A 1 55 ? 9.867   7.253   3.949   1.00 26.20  ? 626 GLU A C   1 
ATOM   312 O  O   . GLU A 1 55 ? 9.223   6.344   4.468   1.00 24.92  ? 626 GLU A O   1 
ATOM   313 C  CB  . GLU A 1 55 ? 12.374  6.959   3.872   1.00 27.49  ? 626 GLU A CB  1 
ATOM   314 C  CG  . GLU A 1 55 ? 13.538  6.385   3.060   1.00 37.56  ? 626 GLU A CG  1 
ATOM   315 C  CD  . GLU A 1 55 ? 14.954  6.462   3.604   1.00 65.32  ? 626 GLU A CD  1 
ATOM   316 O  OE1 . GLU A 1 55 ? 15.286  7.424   4.333   1.00 58.23  ? 626 GLU A OE1 1 
ATOM   317 O  OE2 . GLU A 1 55 ? 15.764  5.591   3.212   1.00 59.25  ? 626 GLU A OE2 1 
ATOM   318 N  N   . ASN A 1 56 ? 9.557   8.536   4.118   1.00 22.06  ? 627 ASN A N   1 
ATOM   319 C  CA  . ASN A 1 56 ? 8.393   8.946   4.926   1.00 22.86  ? 627 ASN A CA  1 
ATOM   320 C  C   . ASN A 1 56 ? 7.058   8.429   4.309   1.00 23.93  ? 627 ASN A C   1 
ATOM   321 O  O   . ASN A 1 56 ? 6.162   8.005   5.032   1.00 21.72  ? 627 ASN A O   1 
ATOM   322 C  CB  . ASN A 1 56 ? 8.348   10.482  5.067   1.00 25.94  ? 627 ASN A CB  1 
ATOM   323 C  CG  . ASN A 1 56 ? 7.112   10.983  5.751   1.00 30.11  ? 627 ASN A CG  1 
ATOM   324 O  OD1 . ASN A 1 56 ? 6.276   11.720  5.187   1.00 25.91  ? 627 ASN A OD1 1 
ATOM   325 N  ND2 . ASN A 1 56 ? 6.975   10.603  6.988   1.00 19.70  ? 627 ASN A ND2 1 
ATOM   326 N  N   . LEU A 1 57 ? 6.898   8.551   3.002   1.00 23.76  ? 628 LEU A N   1 
ATOM   327 C  CA  . LEU A 1 57 ? 5.681   8.099   2.316   1.00 24.51  ? 628 LEU A CA  1 
ATOM   328 C  C   . LEU A 1 57 ? 5.539   6.588   2.402   1.00 25.87  ? 628 LEU A C   1 
ATOM   329 O  O   . LEU A 1 57 ? 4.444   6.078   2.654   1.00 23.83  ? 628 LEU A O   1 
ATOM   330 C  CB  . LEU A 1 57 ? 5.731   8.517   0.842   1.00 25.85  ? 628 LEU A CB  1 
ATOM   331 C  CG  . LEU A 1 57 ? 5.789   10.013  0.561   1.00 31.60  ? 628 LEU A CG  1 
ATOM   332 C  CD1 . LEU A 1 57 ? 6.050   10.261  -0.932  1.00 31.98  ? 628 LEU A CD1 1 
ATOM   333 C  CD2 . LEU A 1 57 ? 4.497   10.718  1.031   1.00 33.17  ? 628 LEU A CD2 1 
ATOM   334 N  N   . VAL A 1 58 ? 6.658   5.874   2.245   1.00 21.54  ? 629 VAL A N   1 
ATOM   335 C  CA  . VAL A 1 58 ? 6.667   4.412   2.330   1.00 20.59  ? 629 VAL A CA  1 
ATOM   336 C  C   . VAL A 1 58 ? 6.311   3.995   3.779   1.00 22.62  ? 629 VAL A C   1 
ATOM   337 O  O   . VAL A 1 58 ? 5.571   3.028   3.977   1.00 20.61  ? 629 VAL A O   1 
ATOM   338 C  CB  . VAL A 1 58 ? 8.007   3.808   1.826   1.00 24.16  ? 629 VAL A CB  1 
ATOM   339 C  CG1 . VAL A 1 58 ? 8.062   2.290   2.072   1.00 24.63  ? 629 VAL A CG1 1 
ATOM   340 C  CG2 . VAL A 1 58 ? 8.224   4.104   0.338   1.00 23.36  ? 629 VAL A CG2 1 
ATOM   341 N  N   . ALA A 1 59 ? 6.822   4.718   4.787   1.00 21.65  ? 630 ALA A N   1 
ATOM   342 C  CA  . ALA A 1 59 ? 6.520   4.418   6.196   1.00 21.53  ? 630 ALA A CA  1 
ATOM   343 C  C   . ALA A 1 59 ? 5.013   4.516   6.462   1.00 23.64  ? 630 ALA A C   1 
ATOM   344 O  O   . ALA A 1 59 ? 4.441   3.657   7.145   1.00 23.43  ? 630 ALA A O   1 
ATOM   345 C  CB  . ALA A 1 59 ? 7.289   5.383   7.123   1.00 23.34  ? 630 ALA A CB  1 
ATOM   346 N  N   . TYR A 1 60 ? 4.365   5.549   5.917   1.00 18.77  ? 631 TYR A N   1 
ATOM   347 C  CA  . TYR A 1 60 ? 2.922   5.748   6.110   1.00 19.43  ? 631 TYR A CA  1 
ATOM   348 C  C   . TYR A 1 60 ? 2.147   4.671   5.342   1.00 21.77  ? 631 TYR A C   1 
ATOM   349 O  O   . TYR A 1 60 ? 1.239   4.070   5.896   1.00 22.52  ? 631 TYR A O   1 
ATOM   350 C  CB  . TYR A 1 60 ? 2.512   7.152   5.617   1.00 23.23  ? 631 TYR A CB  1 
ATOM   351 C  CG  . TYR A 1 60 ? 1.100   7.591   5.986   1.00 27.15  ? 631 TYR A CG  1 
ATOM   352 C  CD1 . TYR A 1 60 ? 0.366   6.922   6.965   1.00 28.39  ? 631 TYR A CD1 1 
ATOM   353 C  CD2 . TYR A 1 60 ? 0.536   8.726   5.418   1.00 29.57  ? 631 TYR A CD2 1 
ATOM   354 C  CE1 . TYR A 1 60 ? -0.922  7.329   7.310   1.00 30.06  ? 631 TYR A CE1 1 
ATOM   355 C  CE2 . TYR A 1 60 ? -0.740  9.157   5.774   1.00 31.31  ? 631 TYR A CE2 1 
ATOM   356 C  CZ  . TYR A 1 60 ? -1.470  8.449   6.710   1.00 37.06  ? 631 TYR A CZ  1 
ATOM   357 O  OH  . TYR A 1 60 ? -2.712  8.901   7.082   1.00 40.17  ? 631 TYR A OH  1 
ATOM   358 N  N   . ALA A 1 61 ? 2.561   4.368   4.115   1.00 18.52  ? 632 ALA A N   1 
ATOM   359 C  CA  . ALA A 1 61 ? 1.905   3.330   3.298   1.00 19.35  ? 632 ALA A CA  1 
ATOM   360 C  C   . ALA A 1 61 ? 1.991   1.956   3.970   1.00 22.34  ? 632 ALA A C   1 
ATOM   361 O  O   . ALA A 1 61 ? 1.006   1.210   3.968   1.00 22.01  ? 632 ALA A O   1 
ATOM   362 C  CB  . ALA A 1 61 ? 2.519   3.288   1.908   1.00 19.74  ? 632 ALA A CB  1 
ATOM   363 N  N   . LYS A 1 62 ? 3.132   1.649   4.611   1.00 18.54  ? 633 LYS A N   1 
ATOM   364 C  CA  . LYS A 1 62 ? 3.329   0.398   5.347   1.00 18.46  ? 633 LYS A CA  1 
ATOM   365 C  C   . LYS A 1 62 ? 2.352   0.270   6.507   1.00 22.52  ? 633 LYS A C   1 
ATOM   366 O  O   . LYS A 1 62 ? 1.888   -0.832  6.762   1.00 22.57  ? 633 LYS A O   1 
ATOM   367 C  CB  . LYS A 1 62 ? 4.766   0.267   5.864   1.00 20.86  ? 633 LYS A CB  1 
ATOM   368 C  CG  . LYS A 1 62 ? 5.721   -0.188  4.777   1.00 23.07  ? 633 LYS A CG  1 
ATOM   369 C  CD  . LYS A 1 62 ? 7.195   -0.128  5.200   1.00 38.96  ? 633 LYS A CD  1 
ATOM   370 C  CE  . LYS A 1 62 ? 7.622   -1.254  6.122   1.00 59.96  ? 633 LYS A CE  1 
ATOM   371 N  NZ  . LYS A 1 62 ? 7.652   -2.579  5.430   1.00 72.99  ? 633 LYS A NZ  1 
ATOM   372 N  N   . LYS A 1 63 ? 1.990   1.382   7.168   1.00 20.24  ? 634 LYS A N   1 
ATOM   373 C  CA  . LYS A 1 63 ? 1.011   1.352   8.274   1.00 20.69  ? 634 LYS A CA  1 
ATOM   374 C  C   . LYS A 1 63 ? -0.368  1.070   7.761   1.00 26.61  ? 634 LYS A C   1 
ATOM   375 O  O   . LYS A 1 63 ? -1.107  0.330   8.401   1.00 24.90  ? 634 LYS A O   1 
ATOM   376 C  CB  . LYS A 1 63 ? 0.989   2.669   9.032   1.00 23.05  ? 634 LYS A CB  1 
ATOM   377 C  CG  . LYS A 1 63 ? 2.271   2.932   9.780   1.00 23.84  ? 634 LYS A CG  1 
ATOM   378 C  CD  . LYS A 1 63 ? 2.178   4.242   10.491  1.00 30.27  ? 634 LYS A CD  1 
ATOM   379 C  CE  . LYS A 1 63 ? 3.494   4.534   11.179  1.00 27.49  ? 634 LYS A CE  1 
ATOM   380 N  NZ  . LYS A 1 63 ? 3.429   5.862   11.809  1.00 30.70  ? 634 LYS A NZ  1 
ATOM   381 N  N   . VAL A 1 64 ? -0.720  1.652   6.589   1.00 23.39  ? 635 VAL A N   1 
ATOM   382 C  CA  . VAL A 1 64 ? -2.024  1.455   5.946   1.00 22.76  ? 635 VAL A CA  1 
ATOM   383 C  C   . VAL A 1 64 ? -2.137  -0.012  5.492   1.00 23.93  ? 635 VAL A C   1 
ATOM   384 O  O   . VAL A 1 64 ? -3.138  -0.661  5.776   1.00 21.08  ? 635 VAL A O   1 
ATOM   385 C  CB  . VAL A 1 64 ? -2.217  2.460   4.765   1.00 26.61  ? 635 VAL A CB  1 
ATOM   386 C  CG1 . VAL A 1 64 ? -3.486  2.159   3.972   1.00 26.30  ? 635 VAL A CG1 1 
ATOM   387 C  CG2 . VAL A 1 64 ? -2.248  3.893   5.291   1.00 27.38  ? 635 VAL A CG2 1 
ATOM   388 N  N   . GLU A 1 65 ? -1.110  -0.535  4.799   1.00 20.19  ? 636 GLU A N   1 
ATOM   389 C  CA  . GLU A 1 65 ? -1.159  -1.928  4.339   1.00 19.59  ? 636 GLU A CA  1 
ATOM   390 C  C   . GLU A 1 65 ? -1.183  -2.889  5.538   1.00 22.67  ? 636 GLU A C   1 
ATOM   391 O  O   . GLU A 1 65 ? -1.871  -3.898  5.480   1.00 23.22  ? 636 GLU A O   1 
ATOM   392 C  CB  . GLU A 1 65 ? 0.052   -2.243  3.420   1.00 19.96  ? 636 GLU A CB  1 
ATOM   393 C  CG  . GLU A 1 65 ? 0.040   -3.679  2.847   1.00 26.26  ? 636 GLU A CG  1 
ATOM   394 C  CD  . GLU A 1 65 ? 0.490   -4.818  3.758   1.00 32.21  ? 636 GLU A CD  1 
ATOM   395 O  OE1 . GLU A 1 65 ? 1.154   -4.548  4.782   1.00 27.31  ? 636 GLU A OE1 1 
ATOM   396 O  OE2 . GLU A 1 65 ? 0.165   -5.989  3.457   1.00 21.53  ? 636 GLU A OE2 1 
ATOM   397 N  N   . GLY A 1 66 ? -0.390  -2.586  6.567   1.00 21.76  ? 637 GLY A N   1 
ATOM   398 C  CA  . GLY A 1 66 ? -0.265  -3.379  7.797   1.00 22.84  ? 637 GLY A CA  1 
ATOM   399 C  C   . GLY A 1 66 ? -1.586  -3.517  8.521   1.00 26.56  ? 637 GLY A C   1 
ATOM   400 O  O   . GLY A 1 66 ? -1.922  -4.609  8.987   1.00 26.48  ? 637 GLY A O   1 
ATOM   401 N  N   . ASP A 1 67 ? -2.341  -2.413  8.639   1.00 23.03  ? 638 ASP A N   1 
ATOM   402 C  CA  . ASP A 1 67 ? -3.673  -2.441  9.262   1.00 23.74  ? 638 ASP A CA  1 
ATOM   403 C  C   . ASP A 1 67 ? -4.646  -3.335  8.472   1.00 27.26  ? 638 ASP A C   1 
ATOM   404 O  O   . ASP A 1 67 ? -5.428  -4.071  9.086   1.00 25.94  ? 638 ASP A O   1 
ATOM   405 C  CB  . ASP A 1 67 ? -4.252  -1.036  9.381   1.00 26.45  ? 638 ASP A CB  1 
HETATM 406 N  N   . MSE A 1 68 ? -4.599  -3.308  7.124   1.00 22.96  ? 639 MSE A N   1 
HETATM 407 C  CA  A MSE A 1 68 ? -5.494  -4.156  6.327   0.70 26.49  ? 639 MSE A CA  1 
HETATM 408 C  CA  B MSE A 1 68 ? -5.500  -4.163  6.333   0.30 18.48  ? 639 MSE A CA  1 
HETATM 409 C  C   . MSE A 1 68 ? -5.056  -5.616  6.448   1.00 26.04  ? 639 MSE A C   1 
HETATM 410 O  O   . MSE A 1 68 ? -5.898  -6.507  6.573   1.00 26.61  ? 639 MSE A O   1 
HETATM 411 C  CB  A MSE A 1 68 ? -5.490  -3.699  4.854   0.70 31.67  ? 639 MSE A CB  1 
HETATM 412 C  CB  B MSE A 1 68 ? -5.577  -3.729  4.848   0.30 17.39  ? 639 MSE A CB  1 
HETATM 413 C  CG  A MSE A 1 68 ? -6.775  -4.032  4.118   0.70 43.80  ? 639 MSE A CG  1 
HETATM 414 C  CG  B MSE A 1 68 ? -6.621  -4.521  4.031   0.30 19.85  ? 639 MSE A CG  1 
HETATM 415 SE SE  A MSE A 1 68 ? -8.201  -2.804  4.616   0.70 57.80  ? 639 MSE A SE  1 
HETATM 416 SE SE  B MSE A 1 68 ? -8.412  -4.171  4.694   0.30 23.22  ? 639 MSE A SE  1 
HETATM 417 C  CE  A MSE A 1 68 ? -7.547  -1.156  3.701   0.70 53.44  ? 639 MSE A CE  1 
HETATM 418 C  CE  B MSE A 1 68 ? -9.283  -5.666  4.299   0.30 21.08  ? 639 MSE A CE  1 
ATOM   419 N  N   . TYR A 1 69 ? -3.739  -5.868  6.457   1.00 23.72  ? 640 TYR A N   1 
ATOM   420 C  CA  . TYR A 1 69 ? -3.222  -7.248  6.565   1.00 24.97  ? 640 TYR A CA  1 
ATOM   421 C  C   . TYR A 1 69 ? -3.711  -7.899  7.875   1.00 28.84  ? 640 TYR A C   1 
ATOM   422 O  O   . TYR A 1 69 ? -4.081  -9.063  7.869   1.00 28.14  ? 640 TYR A O   1 
ATOM   423 C  CB  . TYR A 1 69 ? -1.686  -7.272  6.477   1.00 24.86  ? 640 TYR A CB  1 
ATOM   424 C  CG  . TYR A 1 69 ? -1.037  -8.644  6.483   1.00 25.90  ? 640 TYR A CG  1 
ATOM   425 C  CD1 . TYR A 1 69 ? -0.975  -9.413  5.324   1.00 27.47  ? 640 TYR A CD1 1 
ATOM   426 C  CD2 . TYR A 1 69 ? -0.419  -9.142  7.629   1.00 28.21  ? 640 TYR A CD2 1 
ATOM   427 C  CE1 . TYR A 1 69 ? -0.351  -10.658 5.316   1.00 27.43  ? 640 TYR A CE1 1 
ATOM   428 C  CE2 . TYR A 1 69 ? 0.207   -10.389 7.632   1.00 28.30  ? 640 TYR A CE2 1 
ATOM   429 C  CZ  . TYR A 1 69 ? 0.276   -11.121 6.462   1.00 33.41  ? 640 TYR A CZ  1 
ATOM   430 O  OH  . TYR A 1 69 ? 0.953   -12.318 6.442   1.00 39.68  ? 640 TYR A OH  1 
ATOM   431 N  N   . GLU A 1 70 ? -3.702  -7.149  8.979   1.00 27.43  ? 641 GLU A N   1 
ATOM   432 C  CA  . GLU A 1 70 ? -4.147  -7.634  10.297  1.00 29.89  ? 641 GLU A CA  1 
ATOM   433 C  C   . GLU A 1 70 ? -5.647  -7.783  10.395  1.00 35.49  ? 641 GLU A C   1 
ATOM   434 O  O   . GLU A 1 70 ? -6.119  -8.702  11.062  1.00 37.06  ? 641 GLU A O   1 
ATOM   435 C  CB  . GLU A 1 70 ? -3.707  -6.661  11.403  1.00 31.69  ? 641 GLU A CB  1 
ATOM   436 C  CG  . GLU A 1 70 ? -2.211  -6.646  11.674  1.00 47.21  ? 641 GLU A CG  1 
ATOM   437 C  CD  . GLU A 1 70 ? -1.803  -5.733  12.817  1.00 81.42  ? 641 GLU A CD  1 
ATOM   438 O  OE1 . GLU A 1 70 ? -2.244  -5.977  13.964  1.00 85.48  ? 641 GLU A OE1 1 
ATOM   439 O  OE2 . GLU A 1 70 ? -1.037  -4.773  12.566  1.00 81.44  ? 641 GLU A OE2 1 
ATOM   440 N  N   . SER A 1 71 ? -6.414  -6.859  9.795   1.00 31.35  ? 642 SER A N   1 
ATOM   441 C  CA  . SER A 1 71 ? -7.866  -6.865  9.959   1.00 31.42  ? 642 SER A CA  1 
ATOM   442 C  C   . SER A 1 71 ? -8.659  -7.687  8.920   1.00 34.27  ? 642 SER A C   1 
ATOM   443 O  O   . SER A 1 71 ? -9.728  -8.189  9.279   1.00 35.04  ? 642 SER A O   1 
ATOM   444 C  CB  . SER A 1 71 ? -8.390  -5.432  9.994   1.00 37.36  ? 642 SER A CB  1 
ATOM   445 O  OG  . SER A 1 71 ? -8.389  -4.844  8.704   1.00 46.86  ? 642 SER A OG  1 
ATOM   446 N  N   . ALA A 1 72 ? -8.191  -7.822  7.653   1.00 27.04  ? 643 ALA A N   1 
ATOM   447 C  CA  . ALA A 1 72 ? -8.941  -8.573  6.628   1.00 26.47  ? 643 ALA A CA  1 
ATOM   448 C  C   . ALA A 1 72 ? -9.123  -10.047 7.030   1.00 31.60  ? 643 ALA A C   1 
ATOM   449 O  O   . ALA A 1 72 ? -8.240  -10.621 7.676   1.00 29.26  ? 643 ALA A O   1 
ATOM   450 C  CB  . ALA A 1 72 ? -8.213  -8.497  5.279   1.00 26.32  ? 643 ALA A CB  1 
ATOM   451 N  N   . ASN A 1 73 ? -10.240 -10.655 6.625   1.00 30.67  ? 644 ASN A N   1 
ATOM   452 C  CA  . ASN A 1 73 ? -10.530 -12.043 6.958   1.00 32.49  ? 644 ASN A CA  1 
ATOM   453 C  C   . ASN A 1 73 ? -10.368 -12.966 5.765   1.00 36.72  ? 644 ASN A C   1 
ATOM   454 O  O   . ASN A 1 73 ? -10.626 -14.157 5.887   1.00 36.83  ? 644 ASN A O   1 
ATOM   455 C  CB  . ASN A 1 73 ? -11.932 -12.165 7.573   1.00 36.35  ? 644 ASN A CB  1 
ATOM   456 C  CG  . ASN A 1 73 ? -11.943 -11.634 8.976   1.00 53.34  ? 644 ASN A CG  1 
ATOM   457 O  OD1 . ASN A 1 73 ? -11.065 -11.944 9.799   1.00 47.55  ? 644 ASN A OD1 1 
ATOM   458 N  ND2 . ASN A 1 73 ? -12.856 -10.732 9.245   1.00 51.44  ? 644 ASN A ND2 1 
ATOM   459 N  N   . SER A 1 74 ? -9.933  -12.425 4.607   1.00 28.12  ? 645 SER A N   1 
ATOM   460 C  CA  . SER A 1 74 ? -9.663  -13.224 3.419   1.00 26.80  ? 645 SER A CA  1 
ATOM   461 C  C   . SER A 1 74 ? -8.683  -12.499 2.532   1.00 28.45  ? 645 SER A C   1 
ATOM   462 O  O   . SER A 1 74 ? -8.530  -11.276 2.630   1.00 23.94  ? 645 SER A O   1 
ATOM   463 C  CB  . SER A 1 74 ? -10.950 -13.552 2.654   1.00 29.00  ? 645 SER A CB  1 
ATOM   464 O  OG  . SER A 1 74 ? -11.504 -12.422 2.006   1.00 30.67  ? 645 SER A OG  1 
ATOM   465 N  N   . ARG A 1 75 ? -8.047  -13.241 1.632   1.00 25.06  ? 646 ARG A N   1 
ATOM   466 C  CA  . ARG A 1 75 ? -7.124  -12.659 0.678   1.00 23.83  ? 646 ARG A CA  1 
ATOM   467 C  C   . ARG A 1 75 ? -7.895  -11.711 -0.274  1.00 25.89  ? 646 ARG A C   1 
ATOM   468 O  O   . ARG A 1 75 ? -7.408  -10.627 -0.572  1.00 25.41  ? 646 ARG A O   1 
ATOM   469 C  CB  . ARG A 1 75 ? -6.448  -13.789 -0.073  1.00 28.21  ? 646 ARG A CB  1 
ATOM   470 C  CG  . ARG A 1 75 ? -5.211  -13.409 -0.816  1.00 42.22  ? 646 ARG A CG  1 
ATOM   471 C  CD  . ARG A 1 75 ? -4.652  -14.639 -1.495  1.00 57.28  ? 646 ARG A CD  1 
ATOM   472 N  NE  . ARG A 1 75 ? -5.646  -15.269 -2.367  1.00 61.31  ? 646 ARG A NE  1 
ATOM   473 C  CZ  . ARG A 1 75 ? -5.469  -16.434 -2.978  1.00 78.65  ? 646 ARG A CZ  1 
ATOM   474 N  NH1 . ARG A 1 75 ? -4.330  -17.099 -2.839  1.00 58.22  ? 646 ARG A NH1 1 
ATOM   475 N  NH2 . ARG A 1 75 ? -6.429  -16.941 -3.740  1.00 75.47  ? 646 ARG A NH2 1 
ATOM   476 N  N   . ASP A 1 76 ? -9.130  -12.074 -0.668  1.00 25.27  ? 647 ASP A N   1 
ATOM   477 C  CA  . ASP A 1 76 ? -9.973  -11.198 -1.516  1.00 24.01  ? 647 ASP A CA  1 
ATOM   478 C  C   . ASP A 1 76 ? -10.300 -9.905  -0.841  1.00 26.59  ? 647 ASP A C   1 
ATOM   479 O  O   . ASP A 1 76 ? -10.210 -8.860  -1.470  1.00 26.60  ? 647 ASP A O   1 
ATOM   480 C  CB  . ASP A 1 76 ? -11.276 -11.893 -1.886  1.00 24.63  ? 647 ASP A CB  1 
ATOM   481 C  CG  . ASP A 1 76 ? -11.078 -13.035 -2.848  1.00 37.40  ? 647 ASP A CG  1 
ATOM   482 O  OD1 . ASP A 1 76 ? -10.051 -13.038 -3.563  1.00 37.41  ? 647 ASP A OD1 1 
ATOM   483 O  OD2 . ASP A 1 76 ? -12.017 -13.845 -2.998  1.00 47.09  ? 647 ASP A OD2 1 
ATOM   484 N  N   . GLU A 1 77 ? -10.702 -9.948  0.439   1.00 24.28  ? 648 GLU A N   1 
ATOM   485 C  CA  . GLU A 1 77 ? -11.035 -8.712  1.169   1.00 24.64  ? 648 GLU A CA  1 
ATOM   486 C  C   . GLU A 1 77 ? -9.768  -7.861  1.310   1.00 25.74  ? 648 GLU A C   1 
ATOM   487 O  O   . GLU A 1 77 ? -9.830  -6.656  1.104   1.00 24.87  ? 648 GLU A O   1 
ATOM   488 C  CB  . GLU A 1 77 ? -11.609 -9.065  2.559   1.00 27.73  ? 648 GLU A CB  1 
ATOM   489 C  CG  . GLU A 1 77 ? -12.077 -7.894  3.379   1.00 40.37  ? 648 GLU A CG  1 
ATOM   490 C  CD  . GLU A 1 77 ? -12.809 -8.325  4.634   1.00 56.54  ? 648 GLU A CD  1 
ATOM   491 O  OE1 . GLU A 1 77 ? -14.042 -8.125  4.692   1.00 65.13  ? 648 GLU A OE1 1 
ATOM   492 O  OE2 . GLU A 1 77 ? -12.170 -8.927  5.528   1.00 38.27  ? 648 GLU A OE2 1 
ATOM   493 N  N   . TYR A 1 78 ? -8.628  -8.477  1.680   1.00 20.43  ? 649 TYR A N   1 
ATOM   494 C  CA  . TYR A 1 78 ? -7.367  -7.729  1.797   1.00 18.97  ? 649 TYR A CA  1 
ATOM   495 C  C   . TYR A 1 78 ? -7.052  -6.987  0.502   1.00 22.19  ? 649 TYR A C   1 
ATOM   496 O  O   . TYR A 1 78 ? -6.856  -5.778  0.511   1.00 20.01  ? 649 TYR A O   1 
ATOM   497 C  CB  . TYR A 1 78 ? -6.230  -8.700  2.116   1.00 20.86  ? 649 TYR A CB  1 
ATOM   498 C  CG  . TYR A 1 78 ? -4.834  -8.136  1.945   1.00 20.00  ? 649 TYR A CG  1 
ATOM   499 C  CD1 . TYR A 1 78 ? -4.327  -7.196  2.836   1.00 19.69  ? 649 TYR A CD1 1 
ATOM   500 C  CD2 . TYR A 1 78 ? -4.001  -8.584  0.919   1.00 20.12  ? 649 TYR A CD2 1 
ATOM   501 C  CE1 . TYR A 1 78 ? -3.023  -6.719  2.713   1.00 19.16  ? 649 TYR A CE1 1 
ATOM   502 C  CE2 . TYR A 1 78 ? -2.710  -8.098  0.773   1.00 19.72  ? 649 TYR A CE2 1 
ATOM   503 C  CZ  . TYR A 1 78 ? -2.223  -7.169  1.675   1.00 22.26  ? 649 TYR A CZ  1 
ATOM   504 O  OH  . TYR A 1 78 ? -0.944  -6.706  1.534   1.00 23.40  ? 649 TYR A OH  1 
ATOM   505 N  N   . TYR A 1 79 ? -7.008  -7.716  -0.614  1.00 20.70  ? 650 TYR A N   1 
ATOM   506 C  CA  . TYR A 1 79 ? -6.600  -7.095  -1.870  1.00 21.19  ? 650 TYR A CA  1 
ATOM   507 C  C   . TYR A 1 79 ? -7.607  -6.039  -2.341  1.00 22.71  ? 650 TYR A C   1 
ATOM   508 O  O   . TYR A 1 79 ? -7.211  -4.917  -2.675  1.00 21.20  ? 650 TYR A O   1 
ATOM   509 C  CB  . TYR A 1 79 ? -6.398  -8.182  -2.967  1.00 23.91  ? 650 TYR A CB  1 
ATOM   510 C  CG  . TYR A 1 79 ? -6.230  -7.531  -4.309  1.00 26.18  ? 650 TYR A CG  1 
ATOM   511 C  CD1 . TYR A 1 79 ? -5.083  -6.808  -4.611  1.00 27.19  ? 650 TYR A CD1 1 
ATOM   512 C  CD2 . TYR A 1 79 ? -7.266  -7.532  -5.238  1.00 28.25  ? 650 TYR A CD2 1 
ATOM   513 C  CE1 . TYR A 1 79 ? -4.979  -6.082  -5.792  1.00 29.78  ? 650 TYR A CE1 1 
ATOM   514 C  CE2 . TYR A 1 79 ? -7.163  -6.825  -6.432  1.00 29.99  ? 650 TYR A CE2 1 
ATOM   515 C  CZ  . TYR A 1 79 ? -6.009  -6.121  -6.713  1.00 34.97  ? 650 TYR A CZ  1 
ATOM   516 O  OH  . TYR A 1 79 ? -5.915  -5.408  -7.871  1.00 41.88  ? 650 TYR A OH  1 
ATOM   517 N  N   . HIS A 1 80 ? -8.906  -6.423  -2.440  1.00 19.95  ? 651 HIS A N   1 
ATOM   518 C  CA  . HIS A 1 80 ? -9.906  -5.504  -2.983  1.00 20.26  ? 651 HIS A CA  1 
ATOM   519 C  C   . HIS A 1 80 ? -10.141 -4.286  -2.099  1.00 23.58  ? 651 HIS A C   1 
ATOM   520 O  O   . HIS A 1 80 ? -10.362 -3.203  -2.656  1.00 20.85  ? 651 HIS A O   1 
ATOM   521 C  CB  . HIS A 1 80 ? -11.233 -6.226  -3.298  1.00 20.82  ? 651 HIS A CB  1 
ATOM   522 C  CG  . HIS A 1 80 ? -11.093 -7.139  -4.481  1.00 24.25  ? 651 HIS A CG  1 
ATOM   523 N  ND1 . HIS A 1 80 ? -11.160 -8.519  -4.350  1.00 27.26  ? 651 HIS A ND1 1 
ATOM   524 C  CD2 . HIS A 1 80 ? -10.828 -6.835  -5.773  1.00 24.70  ? 651 HIS A CD2 1 
ATOM   525 C  CE1 . HIS A 1 80 ? -10.985 -9.007  -5.572  1.00 26.73  ? 651 HIS A CE1 1 
ATOM   526 N  NE2 . HIS A 1 80 ? -10.747 -8.031  -6.453  1.00 27.43  ? 651 HIS A NE2 1 
ATOM   527 N  N   . LEU A 1 81 ? -10.035 -4.415  -0.752  1.00 21.95  ? 652 LEU A N   1 
ATOM   528 C  CA  . LEU A 1 81 ? -10.200 -3.218  0.090   1.00 23.36  ? 652 LEU A CA  1 
ATOM   529 C  C   . LEU A 1 81 ? -8.967  -2.339  0.069   1.00 23.98  ? 652 LEU A C   1 
ATOM   530 O  O   . LEU A 1 81 ? -9.097  -1.117  0.151   1.00 23.35  ? 652 LEU A O   1 
ATOM   531 C  CB  . LEU A 1 81 ? -10.604 -3.539  1.530   1.00 26.27  ? 652 LEU A CB  1 
ATOM   532 C  CG  . LEU A 1 81 ? -11.985 -4.267  1.669   1.00 34.50  ? 652 LEU A CG  1 
ATOM   533 C  CD1 . LEU A 1 81 ? -12.423 -4.306  3.115   1.00 36.93  ? 652 LEU A CD1 1 
ATOM   534 C  CD2 . LEU A 1 81 ? -13.074 -3.597  0.825   1.00 38.47  ? 652 LEU A CD2 1 
ATOM   535 N  N   . LEU A 1 82 ? -7.771  -2.925  -0.097  1.00 18.10  ? 653 LEU A N   1 
ATOM   536 C  CA  . LEU A 1 82 ? -6.612  -2.064  -0.257  1.00 18.16  ? 653 LEU A CA  1 
ATOM   537 C  C   . LEU A 1 82 ? -6.678  -1.380  -1.612  1.00 21.40  ? 653 LEU A C   1 
ATOM   538 O  O   . LEU A 1 82 ? -6.389  -0.181  -1.716  1.00 21.66  ? 653 LEU A O   1 
ATOM   539 C  CB  . LEU A 1 82 ? -5.328  -2.872  -0.129  1.00 19.40  ? 653 LEU A CB  1 
ATOM   540 C  CG  . LEU A 1 82 ? -4.633  -2.800  1.198   1.00 26.36  ? 653 LEU A CG  1 
ATOM   541 C  CD1 . LEU A 1 82 ? -3.332  -3.552  1.122   1.00 27.05  ? 653 LEU A CD1 1 
ATOM   542 C  CD2 . LEU A 1 82 ? -4.381  -1.295  1.648   1.00 24.40  ? 653 LEU A CD2 1 
ATOM   543 N  N   . ALA A 1 83 ? -7.089  -2.120  -2.669  1.00 20.07  ? 654 ALA A N   1 
ATOM   544 C  CA  . ALA A 1 83 ? -7.238  -1.506  -4.008  1.00 21.06  ? 654 ALA A CA  1 
ATOM   545 C  C   . ALA A 1 83 ? -8.239  -0.352  -3.951  1.00 24.27  ? 654 ALA A C   1 
ATOM   546 O  O   . ALA A 1 83 ? -7.996  0.703   -4.532  1.00 23.65  ? 654 ALA A O   1 
ATOM   547 C  CB  . ALA A 1 83 ? -7.679  -2.550  -5.036  1.00 22.11  ? 654 ALA A CB  1 
ATOM   548 N  N   . GLU A 1 84 ? -9.326  -0.512  -3.195  1.00 22.34  ? 655 GLU A N   1 
ATOM   549 C  CA  . GLU A 1 84 ? -10.326 0.550   -3.047  1.00 22.41  ? 655 GLU A CA  1 
ATOM   550 C  C   . GLU A 1 84 ? -9.721  1.778   -2.328  1.00 28.38  ? 655 GLU A C   1 
ATOM   551 O  O   . GLU A 1 84 ? -9.956  2.931   -2.755  1.00 27.49  ? 655 GLU A O   1 
ATOM   552 C  CB  . GLU A 1 84 ? -11.548 -0.012  -2.313  1.00 25.79  ? 655 GLU A CB  1 
ATOM   553 C  CG  . GLU A 1 84 ? -12.506 1.001   -1.701  1.00 41.23  ? 655 GLU A CG  1 
ATOM   554 C  CD  . GLU A 1 84 ? -13.199 2.020   -2.593  1.00 61.34  ? 655 GLU A CD  1 
ATOM   555 O  OE1 . GLU A 1 84 ? -13.756 2.992   -2.030  1.00 52.59  ? 655 GLU A OE1 1 
ATOM   556 O  OE2 . GLU A 1 84 ? -13.190 1.857   -3.836  1.00 50.47  ? 655 GLU A OE2 1 
ATOM   557 N  N   . LYS A 1 85 ? -8.897  1.556   -1.288  1.00 25.03  ? 656 LYS A N   1 
ATOM   558 C  CA  . LYS A 1 85 ? -8.221  2.682   -0.615  1.00 26.44  ? 656 LYS A CA  1 
ATOM   559 C  C   . LYS A 1 85 ? -7.236  3.410   -1.584  1.00 29.29  ? 656 LYS A C   1 
ATOM   560 O  O   . LYS A 1 85 ? -7.170  4.649   -1.613  1.00 30.09  ? 656 LYS A O   1 
ATOM   561 C  CB  . LYS A 1 85 ? -7.465  2.170   0.626   1.00 30.50  ? 656 LYS A CB  1 
ATOM   562 C  CG  . LYS A 1 85 ? -6.752  3.282   1.435   1.00 44.57  ? 656 LYS A CG  1 
ATOM   563 C  CD  . LYS A 1 85 ? -7.541  3.777   2.650   1.00 59.06  ? 656 LYS A CD  1 
ATOM   564 C  CE  . LYS A 1 85 ? -7.493  2.817   3.824   1.00 74.84  ? 656 LYS A CE  1 
ATOM   565 N  NZ  . LYS A 1 85 ? -8.241  3.342   4.997   1.00 83.54  ? 656 LYS A NZ  1 
ATOM   566 N  N   . ILE A 1 86 ? -6.470  2.642   -2.364  1.00 23.16  ? 657 ILE A N   1 
ATOM   567 C  CA  . ILE A 1 86 ? -5.513  3.175   -3.348  1.00 23.43  ? 657 ILE A CA  1 
ATOM   568 C  C   . ILE A 1 86 ? -6.254  4.094   -4.349  1.00 28.23  ? 657 ILE A C   1 
ATOM   569 O  O   . ILE A 1 86 ? -5.795  5.202   -4.605  1.00 28.27  ? 657 ILE A O   1 
ATOM   570 C  CB  . ILE A 1 86 ? -4.735  2.035   -4.064  1.00 25.21  ? 657 ILE A CB  1 
ATOM   571 C  CG1 . ILE A 1 86 ? -3.736  1.361   -3.100  1.00 22.15  ? 657 ILE A CG1 1 
ATOM   572 C  CG2 . ILE A 1 86 ? -4.015  2.534   -5.361  1.00 28.13  ? 657 ILE A CG2 1 
ATOM   573 C  CD1 . ILE A 1 86 ? -3.369  -0.110  -3.418  1.00 24.58  ? 657 ILE A CD1 1 
ATOM   574 N  N   . TYR A 1 87 ? -7.392  3.647   -4.882  1.00 25.83  ? 658 TYR A N   1 
ATOM   575 C  CA  . TYR A 1 87 ? -8.174  4.429   -5.848  1.00 27.74  ? 658 TYR A CA  1 
ATOM   576 C  C   . TYR A 1 87 ? -8.798  5.630   -5.234  1.00 34.16  ? 658 TYR A C   1 
ATOM   577 O  O   . TYR A 1 87 ? -8.910  6.659   -5.902  1.00 37.02  ? 658 TYR A O   1 
ATOM   578 C  CB  . TYR A 1 87 ? -9.244  3.576   -6.501  1.00 29.68  ? 658 TYR A CB  1 
ATOM   579 C  CG  . TYR A 1 87 ? -8.649  2.528   -7.398  1.00 31.78  ? 658 TYR A CG  1 
ATOM   580 C  CD1 . TYR A 1 87 ? -7.744  2.871   -8.400  1.00 34.41  ? 658 TYR A CD1 1 
ATOM   581 C  CD2 . TYR A 1 87 ? -9.005  1.193   -7.268  1.00 32.44  ? 658 TYR A CD2 1 
ATOM   582 C  CE1 . TYR A 1 87 ? -7.174  1.903   -9.217  1.00 36.92  ? 658 TYR A CE1 1 
ATOM   583 C  CE2 . TYR A 1 87 ? -8.429  0.212   -8.069  1.00 34.73  ? 658 TYR A CE2 1 
ATOM   584 C  CZ  . TYR A 1 87 ? -7.528  0.574   -9.054  1.00 43.81  ? 658 TYR A CZ  1 
ATOM   585 O  OH  . TYR A 1 87 ? -6.980  -0.391  -9.857  1.00 49.76  ? 658 TYR A OH  1 
ATOM   586 N  N   . LYS A 1 88 ? -9.206  5.522   -3.976  1.00 32.15  ? 659 LYS A N   1 
ATOM   587 C  CA  . LYS A 1 88 ? -9.780  6.639   -3.236  1.00 33.76  ? 659 LYS A CA  1 
ATOM   588 C  C   . LYS A 1 88 ? -8.736  7.746   -3.095  1.00 39.85  ? 659 LYS A C   1 
ATOM   589 O  O   . LYS A 1 88 ? -9.044  8.908   -3.369  1.00 41.27  ? 659 LYS A O   1 
ATOM   590 C  CB  . LYS A 1 88 ? -10.240 6.160   -1.861  1.00 37.11  ? 659 LYS A CB  1 
ATOM   591 C  CG  . LYS A 1 88 ? -11.178 7.114   -1.153  1.00 55.54  ? 659 LYS A CG  1 
ATOM   592 C  CD  . LYS A 1 88 ? -11.467 6.649   0.260   1.00 67.22  ? 659 LYS A CD  1 
ATOM   593 C  CE  . LYS A 1 88 ? -12.741 5.846   0.371   1.00 81.54  ? 659 LYS A CE  1 
ATOM   594 N  NZ  . LYS A 1 88 ? -13.092 5.588   1.793   1.00 94.11  ? 659 LYS A NZ  1 
ATOM   595 N  N   . ILE A 1 89 ? -7.491  7.378   -2.707  1.00 33.74  ? 660 ILE A N   1 
ATOM   596 C  CA  . ILE A 1 89 ? -6.364  8.297   -2.539  1.00 32.95  ? 660 ILE A CA  1 
ATOM   597 C  C   . ILE A 1 89 ? -5.995  8.916   -3.878  1.00 36.78  ? 660 ILE A C   1 
ATOM   598 O  O   . ILE A 1 89 ? -5.735  10.119  -3.934  1.00 39.91  ? 660 ILE A O   1 
ATOM   599 C  CB  . ILE A 1 89 ? -5.131  7.610   -1.892  1.00 35.72  ? 660 ILE A CB  1 
ATOM   600 C  CG1 . ILE A 1 89 ? -5.417  7.217   -0.434  1.00 37.33  ? 660 ILE A CG1 1 
ATOM   601 C  CG2 . ILE A 1 89 ? -3.867  8.495   -1.986  1.00 36.32  ? 660 ILE A CG2 1 
ATOM   602 C  CD1 . ILE A 1 89 ? -4.388  6.199   0.107   1.00 42.17  ? 660 ILE A CD1 1 
ATOM   603 N  N   . GLN A 1 90 ? -5.929  8.104   -4.935  1.00 30.57  ? 661 GLN A N   1 
ATOM   604 C  CA  . GLN A 1 90 ? -5.595  8.548   -6.289  1.00 32.98  ? 661 GLN A CA  1 
ATOM   605 C  C   . GLN A 1 90 ? -6.579  9.639   -6.752  1.00 42.30  ? 661 GLN A C   1 
ATOM   606 O  O   . GLN A 1 90 ? -6.153  10.647  -7.315  1.00 44.33  ? 661 GLN A O   1 
ATOM   607 C  CB  . GLN A 1 90 ? -5.615  7.352   -7.254  1.00 34.23  ? 661 GLN A CB  1 
ATOM   608 C  CG  . GLN A 1 90 ? -5.026  7.633   -8.624  1.00 49.59  ? 661 GLN A CG  1 
ATOM   609 C  CD  . GLN A 1 90 ? -5.233  6.448   -9.523  1.00 75.13  ? 661 GLN A CD  1 
ATOM   610 O  OE1 . GLN A 1 90 ? -4.565  5.414   -9.399  1.00 71.91  ? 661 GLN A OE1 1 
ATOM   611 N  NE2 . GLN A 1 90 ? -6.200  6.555   -10.417 1.00 73.85  ? 661 GLN A NE2 1 
ATOM   612 N  N   . LYS A 1 91 ? -7.871  9.460   -6.457  1.00 40.13  ? 662 LYS A N   1 
ATOM   613 C  CA  . LYS A 1 91 ? -8.933  10.416  -6.792  1.00 41.81  ? 662 LYS A CA  1 
ATOM   614 C  C   . LYS A 1 91 ? -8.716  11.739  -6.046  1.00 49.08  ? 662 LYS A C   1 
ATOM   615 O  O   . LYS A 1 91 ? -8.696  12.802  -6.674  1.00 49.64  ? 662 LYS A O   1 
ATOM   616 C  CB  . LYS A 1 91 ? -10.314 9.815   -6.467  1.00 43.67  ? 662 LYS A CB  1 
ATOM   617 N  N   . GLU A 1 92 ? -8.509  11.660  -4.715  1.00 45.93  ? 663 GLU A N   1 
ATOM   618 C  CA  . GLU A 1 92 ? -8.278  12.799  -3.831  1.00 46.31  ? 663 GLU A CA  1 
ATOM   619 C  C   . GLU A 1 92 ? -7.007  13.584  -4.204  1.00 51.73  ? 663 GLU A C   1 
ATOM   620 O  O   . GLU A 1 92 ? -6.986  14.815  -4.093  1.00 51.95  ? 663 GLU A O   1 
ATOM   621 C  CB  . GLU A 1 92 ? -8.175  12.315  -2.380  1.00 47.23  ? 663 GLU A CB  1 
ATOM   622 C  CG  . GLU A 1 92 ? -9.518  11.927  -1.779  1.00 59.57  ? 663 GLU A CG  1 
ATOM   623 C  CD  . GLU A 1 92 ? -9.475  11.261  -0.416  1.00 84.04  ? 663 GLU A CD  1 
ATOM   624 O  OE1 . GLU A 1 92 ? -8.371  11.157  0.169   1.00 82.87  ? 663 GLU A OE1 1 
ATOM   625 O  OE2 . GLU A 1 92 ? -10.551 10.835  0.063   1.00 73.78  ? 663 GLU A OE2 1 
ATOM   626 N  N   . CYS A 1 93 ? -5.960  12.880  -4.664  1.00 46.84  ? 664 CYS A N   1 
ATOM   627 C  CA  . CYS A 1 93 ? -4.697  13.504  -5.039  1.00 46.85  ? 664 CYS A CA  1 
ATOM   628 C  C   . CYS A 1 93 ? -4.679  14.057  -6.483  1.00 49.85  ? 664 CYS A C   1 
ATOM   629 O  O   . CYS A 1 93 ? -4.005  15.065  -6.714  1.00 50.93  ? 664 CYS A O   1 
ATOM   630 C  CB  . CYS A 1 93 ? -3.539  12.552  -4.779  1.00 46.70  ? 664 CYS A CB  1 
ATOM   631 S  SG  . CYS A 1 93 ? -3.281  12.205  -3.019  1.00 51.16  ? 664 CYS A SG  1 
ATOM   632 N  N   . GLU A 1 94 ? -5.434  13.457  -7.430  1.00 44.57  ? 665 GLU A N   1 
ATOM   633 C  CA  . GLU A 1 94 ? -5.491  13.922  -8.823  1.00 64.95  ? 665 GLU A CA  1 
ATOM   634 C  C   . GLU A 1 94 ? -6.215  15.267  -8.928  1.00 106.96 ? 665 GLU A C   1 
ATOM   635 O  O   . GLU A 1 94 ? -5.628  16.244  -9.392  1.00 71.52  ? 665 GLU A O   1 
ATOM   636 C  CB  . GLU A 1 94 ? -6.174  12.889  -9.726  1.00 65.62  ? 665 GLU A CB  1 
HETATM 637 O  O2  . KI1 B 2 .  ? -4.505  15.466  1.442   1.00 66.82  ? 701 KI1 A O2  1 
HETATM 638 C  C3  . KI1 B 2 .  ? -4.731  14.459  0.795   1.00 61.75  ? 701 KI1 A C3  1 
HETATM 639 C  C2  . KI1 B 2 .  ? -4.920  14.541  -0.702  1.00 61.87  ? 701 KI1 A C2  1 
HETATM 640 C  C1  . KI1 B 2 .  ? -4.146  15.125  -1.790  1.00 62.77  ? 701 KI1 A C1  1 
HETATM 641 S  S   . KI1 B 2 .  ? -2.752  14.026  -2.159  1.00 62.03  ? 701 KI1 A S   1 
HETATM 642 N  N   . KI1 B 2 .  ? -4.809  13.244  1.376   1.00 57.27  ? 701 KI1 A N   1 
HETATM 643 C  C6  . KI1 B 2 .  ? -4.553  12.989  2.800   1.00 55.64  ? 701 KI1 A C6  1 
HETATM 644 C  C7  . KI1 B 2 .  ? -3.292  12.154  2.989   1.00 52.98  ? 701 KI1 A C7  1 
HETATM 645 C  C8  . KI1 B 2 .  ? -3.401  10.811  2.252   1.00 49.11  ? 701 KI1 A C8  1 
HETATM 646 O  O1  . KI1 B 2 .  ? -4.381  10.020  2.928   1.00 48.55  ? 701 KI1 A O1  1 
HETATM 647 C  C5  . KI1 B 2 .  ? -3.919  11.034  0.827   1.00 52.43  ? 701 KI1 A C5  1 
HETATM 648 C  C4  . KI1 B 2 .  ? -5.084  11.992  0.660   1.00 55.47  ? 701 KI1 A C4  1 
HETATM 649 C  C9  . KI1 B 2 .  ? -2.075  10.058  2.239   1.00 45.80  ? 701 KI1 A C9  1 
HETATM 650 C  C15 . KI1 B 2 .  ? -0.857  10.718  2.078   1.00 46.98  ? 701 KI1 A C15 1 
HETATM 651 C  C14 . KI1 B 2 .  ? 0.336   10.015  2.046   1.00 48.98  ? 701 KI1 A C14 1 
HETATM 652 C  C13 . KI1 B 2 .  ? 0.326   8.629   2.158   1.00 49.26  ? 701 KI1 A C13 1 
HETATM 653 CL CL  . KI1 B 2 .  ? 1.844   7.791   2.091   1.00 56.14  ? 701 KI1 A CL  1 
HETATM 654 C  C11 . KI1 B 2 .  ? -0.872  7.935   2.314   1.00 46.65  ? 701 KI1 A C11 1 
HETATM 655 C  C10 . KI1 B 2 .  ? -2.051  8.671   2.358   1.00 45.27  ? 701 KI1 A C10 1 
HETATM 656 C  C12 . KI1 B 2 .  ? -0.927  6.440   2.377   1.00 48.37  ? 701 KI1 A C12 1 
HETATM 657 F  F1  . KI1 B 2 .  ? -0.275  5.952   3.425   1.00 49.21  ? 701 KI1 A F1  1 
HETATM 658 F  F2  . KI1 B 2 .  ? -0.379  5.893   1.309   1.00 48.96  ? 701 KI1 A F2  1 
HETATM 659 F  F3  . KI1 B 2 .  ? -2.148  5.973   2.532   1.00 47.44  ? 701 KI1 A F3  1 
HETATM 660 C  C1  . EDO C 3 .  ? 0.746   14.813  0.777   1.00 78.73  ? 702 EDO A C1  1 
HETATM 661 O  O1  . EDO C 3 .  ? -0.508  14.222  0.456   1.00 77.55  ? 702 EDO A O1  1 
HETATM 662 C  C2  . EDO C 3 .  ? 1.528   15.115  -0.533  1.00 80.12  ? 702 EDO A C2  1 
HETATM 663 O  O2  . EDO C 3 .  ? 2.235   16.348  -0.426  1.00 80.76  ? 702 EDO A O2  1 
HETATM 664 C  C1  . EDO D 3 .  ? -8.885  -17.390 2.049   1.00 47.89  ? 703 EDO A C1  1 
HETATM 665 O  O1  . EDO D 3 .  ? -8.746  -16.243 1.239   1.00 46.76  ? 703 EDO A O1  1 
HETATM 666 C  C2  . EDO D 3 .  ? -7.795  -18.402 1.658   1.00 50.46  ? 703 EDO A C2  1 
HETATM 667 O  O2  . EDO D 3 .  ? -6.651  -17.711 1.167   1.00 51.25  ? 703 EDO A O2  1 
HETATM 668 O  O   . HOH E 4 .  ? 5.015   6.442   -8.588  1.00 28.01  ? 801 HOH A O   1 
HETATM 669 O  O   . HOH E 4 .  ? 7.286   12.484  2.683   1.00 26.56  ? 802 HOH A O   1 
HETATM 670 O  O   . HOH E 4 .  ? -1.392  3.365   -7.494  1.00 28.62  ? 803 HOH A O   1 
HETATM 671 O  O   . HOH E 4 .  ? 8.996   9.743   8.708   1.00 35.74  ? 804 HOH A O   1 
HETATM 672 O  O   . HOH E 4 .  ? 4.561   12.586  -8.640  1.00 47.37  ? 805 HOH A O   1 
HETATM 673 O  O   . HOH E 4 .  ? 3.053   -3.082  5.881   1.00 33.97  ? 806 HOH A O   1 
HETATM 674 O  O   . HOH E 4 .  ? -10.993 0.032   1.653   1.00 38.41  ? 807 HOH A O   1 
HETATM 675 O  O   . HOH E 4 .  ? -8.316  -17.226 6.335   1.00 37.26  ? 808 HOH A O   1 
HETATM 676 O  O   . HOH E 4 .  ? -16.019 7.184   -0.603  1.00 64.13  ? 809 HOH A O   1 
HETATM 677 O  O   . HOH E 4 .  ? -4.400  -2.699  -7.545  1.00 55.49  ? 810 HOH A O   1 
HETATM 678 O  O   . HOH E 4 .  ? 10.292  -0.760  -0.029  1.00 47.52  ? 811 HOH A O   1 
HETATM 679 O  O   . HOH E 4 .  ? -5.563  0.086   6.234   1.00 35.54  ? 812 HOH A O   1 
HETATM 680 O  O   . HOH E 4 .  ? -14.701 -13.713 -1.856  1.00 49.36  ? 813 HOH A O   1 
HETATM 681 O  O   . HOH E 4 .  ? -14.231 -12.143 0.964   1.00 46.36  ? 814 HOH A O   1 
HETATM 682 O  O   . HOH E 4 .  ? 5.759   2.258   8.960   1.00 26.40  ? 815 HOH A O   1 
HETATM 683 O  O   . HOH E 4 .  ? 4.088   -11.349 5.394   1.00 48.56  ? 816 HOH A O   1 
HETATM 684 O  O   . HOH E 4 .  ? 15.870  8.314   -3.459  1.00 43.70  ? 817 HOH A O   1 
HETATM 685 O  O   . HOH E 4 .  ? 9.573   1.932   6.178   1.00 51.92  ? 818 HOH A O   1 
HETATM 686 O  O   . HOH E 4 .  ? -10.154 -14.927 -0.587  1.00 35.68  ? 819 HOH A O   1 
HETATM 687 O  O   . HOH E 4 .  ? 10.958  -4.345  -0.290  0.50 82.87  ? 820 HOH A O   1 
HETATM 688 O  O   . HOH E 4 .  ? 13.488  9.400   -3.913  1.00 50.25  ? 821 HOH A O   1 
HETATM 689 O  O   . HOH E 4 .  ? 3.927   0.311   -7.994  0.50 81.84  ? 822 HOH A O   1 
HETATM 690 O  O   . HOH E 4 .  ? 4.874   -0.171  9.845   1.00 54.63  ? 823 HOH A O   1 
HETATM 691 O  O   . HOH E 4 .  ? 2.375   -1.477  10.414  1.00 61.76  ? 824 HOH A O   1 
HETATM 692 O  O   . HOH E 4 .  ? -11.927 -5.123  6.940   1.00 57.80  ? 825 HOH A O   1 
HETATM 693 O  O   . HOH E 4 .  ? 4.927   -4.476  4.062   1.00 48.42  ? 826 HOH A O   1 
HETATM 694 O  O   . HOH E 4 .  ? 10.525  3.835   4.828   1.00 48.51  ? 827 HOH A O   1 
# 
loop_
_atom_site_anisotrop.id 
_atom_site_anisotrop.type_symbol 
_atom_site_anisotrop.pdbx_label_atom_id 
_atom_site_anisotrop.pdbx_label_alt_id 
_atom_site_anisotrop.pdbx_label_comp_id 
_atom_site_anisotrop.pdbx_label_asym_id 
_atom_site_anisotrop.pdbx_label_seq_id 
_atom_site_anisotrop.pdbx_PDB_ins_code 
_atom_site_anisotrop.U[1][1] 
_atom_site_anisotrop.U[2][2] 
_atom_site_anisotrop.U[3][3] 
_atom_site_anisotrop.U[1][2] 
_atom_site_anisotrop.U[1][3] 
_atom_site_anisotrop.U[2][3] 
_atom_site_anisotrop.pdbx_auth_seq_id 
_atom_site_anisotrop.pdbx_auth_comp_id 
_atom_site_anisotrop.pdbx_auth_asym_id 
_atom_site_anisotrop.pdbx_auth_atom_id 
1   N  N   . ARG A 17 ? 0.5099 0.6460 0.5838 -0.0229 -0.0187 0.1282  588 ARG A N   
2   C  CA  . ARG A 17 ? 0.5161 0.6088 0.5827 -0.0218 -0.0108 0.1240  588 ARG A CA  
3   C  C   . ARG A 17 ? 0.5182 0.5809 0.5749 -0.0284 -0.0132 0.1185  588 ARG A C   
4   O  O   . ARG A 17 ? 0.5152 0.5785 0.5820 -0.0292 -0.0128 0.1298  588 ARG A O   
5   C  CB  . ARG A 17 ? 0.5393 0.6324 0.6234 -0.0137 -0.0001 0.1405  588 ARG A CB  
6   N  N   . LYS A 18 ? 0.4266 0.4663 0.4643 -0.0336 -0.0156 0.1021  589 LYS A N   
7   C  CA  . LYS A 18 ? 0.4242 0.4407 0.4506 -0.0412 -0.0173 0.0963  589 LYS A CA  
8   C  C   . LYS A 18 ? 0.4410 0.4217 0.4657 -0.0423 -0.0074 0.0924  589 LYS A C   
9   O  O   . LYS A 18 ? 0.4250 0.3957 0.4512 -0.0376 -0.0011 0.0894  589 LYS A O   
10  C  CB  . LYS A 18 ? 0.4411 0.4591 0.4497 -0.0465 -0.0246 0.0830  589 LYS A CB  
11  C  CG  . LYS A 18 ? 0.5384 0.5903 0.5488 -0.0461 -0.0339 0.0855  589 LYS A CG  
12  C  CD  . LYS A 18 ? 0.5531 0.6046 0.5469 -0.0500 -0.0395 0.0735  589 LYS A CD  
13  C  CE  . LYS A 18 ? 0.4714 0.5561 0.4688 -0.0486 -0.0472 0.0744  589 LYS A CE  
14  N  NZ  . LYS A 18 ? 0.4232 0.5066 0.4060 -0.0510 -0.0512 0.0642  589 LYS A NZ  
15  N  N   . GLY A 19 ? 0.3928 0.3560 0.4154 -0.0491 -0.0057 0.0923  590 GLY A N   
16  C  CA  . GLY A 19 ? 0.4028 0.3320 0.4250 -0.0522 0.0048  0.0865  590 GLY A CA  
17  C  C   . GLY A 19 ? 0.4280 0.3424 0.4370 -0.0538 0.0073  0.0708  590 GLY A C   
18  O  O   . GLY A 19 ? 0.4208 0.3191 0.4350 -0.0495 0.0159  0.0687  590 GLY A O   
19  N  N   . TRP A 20 ? 0.3628 0.2853 0.3556 -0.0592 -0.0002 0.0609  591 TRP A N   
20  C  CA  . TRP A 20 ? 0.3550 0.2682 0.3361 -0.0615 0.0016  0.0471  591 TRP A CA  
21  C  C   . TRP A 20 ? 0.3529 0.2706 0.3389 -0.0524 0.0029  0.0473  591 TRP A C   
22  O  O   . TRP A 20 ? 0.3643 0.2692 0.3464 -0.0525 0.0075  0.0386  591 TRP A O   
23  C  CB  . TRP A 20 ? 0.3369 0.2622 0.3027 -0.0679 -0.0059 0.0405  591 TRP A CB  
24  C  CG  . TRP A 20 ? 0.3199 0.2685 0.2852 -0.0626 -0.0142 0.0442  591 TRP A CG  
25  C  CD1 . TRP A 20 ? 0.3468 0.3144 0.3132 -0.0625 -0.0214 0.0513  591 TRP A CD1 
26  C  CD2 . TRP A 20 ? 0.3070 0.2623 0.2705 -0.0578 -0.0156 0.0395  591 TRP A CD2 
27  N  NE1 . TRP A 20 ? 0.3370 0.3224 0.3029 -0.0579 -0.0264 0.0501  591 TRP A NE1 
28  C  CE2 . TRP A 20 ? 0.3535 0.3305 0.3176 -0.0554 -0.0227 0.0428  591 TRP A CE2 
29  C  CE3 . TRP A 20 ? 0.3220 0.2681 0.2838 -0.0558 -0.0115 0.0324  591 TRP A CE3 
30  C  CZ2 . TRP A 20 ? 0.3268 0.3136 0.2908 -0.0514 -0.0244 0.0388  591 TRP A CZ2 
31  C  CZ3 . TRP A 20 ? 0.3263 0.2833 0.2874 -0.0518 -0.0144 0.0300  591 TRP A CZ3 
32  C  CH2 . TRP A 20 ? 0.3205 0.2961 0.2831 -0.0497 -0.0200 0.0329  591 TRP A CH2 
33  N  N   . HIS A 21 ? 0.3109 0.2483 0.3059 -0.0451 -0.0001 0.0572  592 HIS A N   
34  C  CA  . HIS A 21 ? 0.3356 0.2807 0.3350 -0.0373 0.0017  0.0584  592 HIS A CA  
35  C  C   . HIS A 21 ? 0.4052 0.3320 0.4114 -0.0324 0.0115  0.0602  592 HIS A C   
36  O  O   . HIS A 21 ? 0.3772 0.3034 0.3813 -0.0282 0.0135  0.0566  592 HIS A O   
37  C  CB  . HIS A 21 ? 0.3519 0.3260 0.3620 -0.0319 -0.0017 0.0699  592 HIS A CB  
38  C  CG  . HIS A 21 ? 0.3877 0.3835 0.3923 -0.0348 -0.0106 0.0662  592 HIS A CG  
39  N  ND1 . HIS A 21 ? 0.4043 0.4308 0.4185 -0.0322 -0.0143 0.0743  592 HIS A ND1 
40  C  CD2 . HIS A 21 ? 0.4083 0.4009 0.4002 -0.0396 -0.0154 0.0556  592 HIS A CD2 
41  C  CE1 . HIS A 21 ? 0.3850 0.4232 0.3918 -0.0358 -0.0211 0.0669  592 HIS A CE1 
42  N  NE2 . HIS A 21 ? 0.3932 0.4106 0.3866 -0.0397 -0.0217 0.0565  592 HIS A NE2 
43  N  N   . GLU A 22 ? 0.3995 0.3107 0.4143 -0.0330 0.0183  0.0658  593 GLU A N   
44  C  CA  . GLU A 22 ? 0.4186 0.3096 0.4420 -0.0278 0.0296  0.0680  593 GLU A CA  
45  C  C   . GLU A 22 ? 0.5026 0.3716 0.5157 -0.0327 0.0333  0.0515  593 GLU A C   
46  O  O   . GLU A 22 ? 0.5213 0.3764 0.5389 -0.0275 0.0415  0.0502  593 GLU A O   
47  C  CB  . GLU A 22 ? 0.4493 0.3277 0.4866 -0.0280 0.0367  0.0781  593 GLU A CB  
48  C  CG  . GLU A 22 ? 0.5533 0.4573 0.6041 -0.0231 0.0336  0.0965  593 GLU A CG  
49  C  CD  . GLU A 22 ? 0.8128 0.7419 0.8732 -0.0120 0.0349  0.1088  593 GLU A CD  
50  O  OE1 . GLU A 22 ? 0.6144 0.5327 0.6793 -0.0048 0.0440  0.1111  593 GLU A OE1 
51  O  OE2 . GLU A 22 ? 0.8299 0.7916 0.8916 -0.0113 0.0269  0.1146  593 GLU A OE2 
52  N  N   . HIS A 23 ? 0.4605 0.3295 0.4603 -0.0423 0.0275  0.0396  594 HIS A N   
53  C  CA  . HIS A 23 ? 0.4781 0.3339 0.4693 -0.0485 0.0308  0.0243  594 HIS A CA  
54  C  C   . HIS A 23 ? 0.5367 0.4070 0.5186 -0.0473 0.0242  0.0180  594 HIS A C   
55  O  O   . HIS A 23 ? 0.5800 0.4462 0.5558 -0.0520 0.0257  0.0066  594 HIS A O   
56  C  CB  . HIS A 23 ? 0.4983 0.3467 0.4825 -0.0612 0.0313  0.0161  594 HIS A CB  
57  C  CG  . HIS A 23 ? 0.5519 0.3825 0.5461 -0.0636 0.0393  0.0208  594 HIS A CG  
58  N  ND1 . HIS A 23 ? 0.5738 0.4119 0.5723 -0.0642 0.0353  0.0325  594 HIS A ND1 
59  C  CD2 . HIS A 23 ? 0.6016 0.4078 0.6037 -0.0649 0.0513  0.0160  594 HIS A CD2 
60  C  CE1 . HIS A 23 ? 0.5845 0.4022 0.5937 -0.0662 0.0450  0.0352  594 HIS A CE1 
61  N  NE2 . HIS A 23 ? 0.6093 0.4057 0.6212 -0.0666 0.0555  0.0252  594 HIS A NE2 
62  N  N   . VAL A 24 ? 0.4551 0.3438 0.4371 -0.0417 0.0175  0.0252  595 VAL A N   
63  C  CA  . VAL A 24 ? 0.4530 0.3544 0.4281 -0.0406 0.0119  0.0205  595 VAL A CA  
64  C  C   . VAL A 24 ? 0.5515 0.4570 0.5314 -0.0315 0.0139  0.0253  595 VAL A C   
65  O  O   . VAL A 24 ? 0.5719 0.4865 0.5592 -0.0258 0.0147  0.0359  595 VAL A O   
66  C  CB  . VAL A 24 ? 0.4773 0.3963 0.4481 -0.0426 0.0036  0.0224  595 VAL A CB  
67  C  CG1 . VAL A 24 ? 0.4739 0.4039 0.4409 -0.0405 -0.0003 0.0189  595 VAL A CG1 
68  C  CG2 . VAL A 24 ? 0.4706 0.3878 0.4339 -0.0514 0.0017  0.0178  595 VAL A CG2 
69  N  N   . THR A 25 ? 0.4956 0.3978 0.4718 -0.0304 0.0151  0.0183  596 THR A N   
70  C  CA  . THR A 25 ? 0.4697 0.3770 0.4480 -0.0224 0.0167  0.0224  596 THR A CA  
71  C  C   . THR A 25 ? 0.4454 0.3714 0.4198 -0.0218 0.0099  0.0232  596 THR A C   
72  O  O   . THR A 25 ? 0.4108 0.3412 0.3805 -0.0272 0.0050  0.0176  596 THR A O   
73  C  CB  . THR A 25 ? 0.5740 0.4705 0.5500 -0.0219 0.0206  0.0139  596 THR A CB  
74  O  OG1 . THR A 25 ? 0.6552 0.5596 0.6308 -0.0144 0.0207  0.0180  596 THR A OG1 
75  C  CG2 . THR A 25 ? 0.4918 0.3913 0.4613 -0.0295 0.0164  0.0028  596 THR A CG2 
76  N  N   . GLN A 26 ? 0.3692 0.3068 0.3458 -0.0156 0.0109  0.0299  597 GLN A N   
77  C  CA  . GLN A 26 ? 0.3635 0.3184 0.3366 -0.0158 0.0063  0.0292  597 GLN A CA  
78  C  C   . GLN A 26 ? 0.3986 0.3497 0.3653 -0.0189 0.0029  0.0202  597 GLN A C   
79  O  O   . GLN A 26 ? 0.3647 0.3244 0.3293 -0.0221 -0.0012 0.0171  597 GLN A O   
80  C  CB  . GLN A 26 ? 0.3816 0.3510 0.3569 -0.0093 0.0094  0.0377  597 GLN A CB  
81  C  CG  . GLN A 26 ? 0.6089 0.5972 0.5799 -0.0113 0.0057  0.0355  597 GLN A CG  
82  C  CD  . GLN A 26 ? 0.8579 0.8586 0.8312 -0.0165 0.0022  0.0334  597 GLN A CD  
83  O  OE1 . GLN A 26 ? 0.7766 0.7852 0.7561 -0.0165 0.0028  0.0388  597 GLN A OE1 
84  N  NE2 . GLN A 26 ? 0.7920 0.7956 0.7613 -0.0211 -0.0013 0.0257  597 GLN A NE2 
85  N  N   . ASP A 27 ? 0.3698 0.3096 0.3350 -0.0178 0.0054  0.0162  598 ASP A N   
86  C  CA  . ASP A 27 ? 0.3517 0.2925 0.3132 -0.0209 0.0022  0.0087  598 ASP A CA  
87  C  C   . ASP A 27 ? 0.3511 0.2924 0.3120 -0.0278 -0.0008 0.0040  598 ASP A C   
88  O  O   . ASP A 27 ? 0.3291 0.2784 0.2891 -0.0298 -0.0043 0.0020  598 ASP A O   
89  C  CB  . ASP A 27 ? 0.3730 0.3051 0.3344 -0.0191 0.0059  0.0043  598 ASP A CB  
90  C  CG  . ASP A 27 ? 0.5044 0.4402 0.4650 -0.0113 0.0078  0.0090  598 ASP A CG  
91  O  OD1 . ASP A 27 ? 0.5115 0.4598 0.4696 -0.0089 0.0053  0.0145  598 ASP A OD1 
92  O  OD2 . ASP A 27 ? 0.6103 0.5375 0.5719 -0.0081 0.0124  0.0066  598 ASP A OD2 
93  N  N   . LEU A 28 ? 0.3022 0.2362 0.2639 -0.0313 0.0010  0.0036  599 LEU A N   
94  C  CA  . LEU A 28 ? 0.3005 0.2384 0.2602 -0.0375 -0.0017 0.0008  599 LEU A CA  
95  C  C   . LEU A 28 ? 0.3068 0.2539 0.2669 -0.0366 -0.0054 0.0046  599 LEU A C   
96  O  O   . LEU A 28 ? 0.3038 0.2572 0.2634 -0.0389 -0.0076 0.0032  599 LEU A O   
97  C  CB  . LEU A 28 ? 0.3297 0.2598 0.2884 -0.0425 0.0008  -0.0006 599 LEU A CB  
98  C  CG  . LEU A 28 ? 0.4092 0.3474 0.3642 -0.0482 -0.0020 -0.0010 599 LEU A CG  
99  C  CD1 . LEU A 28 ? 0.4307 0.3789 0.3844 -0.0520 -0.0021 -0.0057 599 LEU A CD1 
100 C  CD2 . LEU A 28 ? 0.4510 0.3833 0.4036 -0.0533 -0.0003 -0.0010 599 LEU A CD2 
101 N  N   . ARG A 29 ? 0.2564 0.2063 0.2188 -0.0335 -0.0053 0.0095  600 ARG A N   
102 C  CA  . ARG A 29 ? 0.2408 0.2018 0.2046 -0.0338 -0.0081 0.0107  600 ARG A CA  
103 C  C   . ARG A 29 ? 0.2952 0.2620 0.2591 -0.0332 -0.0091 0.0080  600 ARG A C   
104 O  O   . ARG A 29 ? 0.2756 0.2458 0.2404 -0.0353 -0.0103 0.0058  600 ARG A O   
105 C  CB  . ARG A 29 ? 0.2314 0.2012 0.1993 -0.0309 -0.0072 0.0165  600 ARG A CB  
106 C  CG  . ARG A 29 ? 0.2846 0.2495 0.2548 -0.0312 -0.0061 0.0211  600 ARG A CG  
107 C  CD  . ARG A 29 ? 0.3209 0.3019 0.2980 -0.0283 -0.0058 0.0288  600 ARG A CD  
108 N  NE  . ARG A 29 ? 0.3280 0.3258 0.3061 -0.0308 -0.0095 0.0264  600 ARG A NE  
109 C  CZ  . ARG A 29 ? 0.5067 0.5263 0.4911 -0.0298 -0.0094 0.0307  600 ARG A CZ  
110 N  NH1 . ARG A 29 ? 0.3560 0.3847 0.3466 -0.0256 -0.0059 0.0399  600 ARG A NH1 
111 N  NH2 . ARG A 29 ? 0.3709 0.4058 0.3567 -0.0329 -0.0121 0.0260  600 ARG A NH2 
112 N  N   . SER A 30 ? 0.2568 0.2237 0.2197 -0.0303 -0.0080 0.0085  601 SER A N   
113 C  CA  . SER A 30 ? 0.2388 0.2114 0.2015 -0.0306 -0.0091 0.0063  601 SER A CA  
114 C  C   . SER A 30 ? 0.2435 0.2133 0.2072 -0.0328 -0.0104 0.0038  601 SER A C   
115 O  O   . SER A 30 ? 0.2544 0.2280 0.2209 -0.0342 -0.0111 0.0029  601 SER A O   
116 C  CB  . SER A 30 ? 0.3116 0.2871 0.2717 -0.0269 -0.0083 0.0084  601 SER A CB  
117 O  OG  . SER A 30 ? 0.5301 0.5131 0.4905 -0.0243 -0.0059 0.0131  601 SER A OG  
118 N  N   . HIS A 31 ? 0.2281 0.1932 0.1910 -0.0337 -0.0100 0.0028  602 HIS A N   
119 C  CA  . HIS A 31 ? 0.2321 0.2012 0.1971 -0.0363 -0.0106 0.0016  602 HIS A CA  
120 C  C   . HIS A 31 ? 0.2708 0.2430 0.2385 -0.0384 -0.0105 0.0032  602 HIS A C   
121 O  O   . HIS A 31 ? 0.2273 0.2058 0.1998 -0.0386 -0.0104 0.0049  602 HIS A O   
122 C  CB  . HIS A 31 ? 0.2597 0.2265 0.2230 -0.0388 -0.0088 -0.0015 602 HIS A CB  
123 C  CG  . HIS A 31 ? 0.2991 0.2779 0.2656 -0.0419 -0.0090 -0.0027 602 HIS A CG  
124 N  ND1 . HIS A 31 ? 0.3215 0.3091 0.2913 -0.0403 -0.0107 -0.0031 602 HIS A ND1 
125 C  CD2 . HIS A 31 ? 0.3177 0.3053 0.2851 -0.0465 -0.0076 -0.0026 602 HIS A CD2 
126 C  CE1 . HIS A 31 ? 0.3047 0.3075 0.2789 -0.0439 -0.0104 -0.0028 602 HIS A CE1 
127 N  NE2 . HIS A 31 ? 0.3029 0.3070 0.2757 -0.0477 -0.0080 -0.0022 602 HIS A NE2 
128 N  N   . LEU A 32 ? 0.2408 0.2095 0.2061 -0.0393 -0.0102 0.0036  603 LEU A N   
129 C  CA  A LEU A 32 ? 0.2183 0.1903 0.1852 -0.0404 -0.0099 0.0053  603 LEU A CA  
130 C  CA  B LEU A 32 ? 0.2446 0.2166 0.2114 -0.0404 -0.0099 0.0053  603 LEU A CA  
131 C  C   . LEU A 32 ? 0.2757 0.2488 0.2473 -0.0388 -0.0094 0.0047  603 LEU A C   
132 O  O   . LEU A 32 ? 0.2974 0.2725 0.2735 -0.0386 -0.0076 0.0062  603 LEU A O   
133 C  CB  A LEU A 32 ? 0.2173 0.1874 0.1797 -0.0421 -0.0105 0.0059  603 LEU A CB  
134 C  CB  B LEU A 32 ? 0.2640 0.2337 0.2264 -0.0419 -0.0106 0.0058  603 LEU A CB  
135 C  CG  A LEU A 32 ? 0.2481 0.2168 0.2061 -0.0457 -0.0095 0.0052  603 LEU A CG  
136 C  CG  B LEU A 32 ? 0.3445 0.3153 0.3023 -0.0459 -0.0098 0.0063  603 LEU A CG  
137 C  CD1 A LEU A 32 ? 0.2689 0.2349 0.2224 -0.0479 -0.0103 0.0064  603 LEU A CD1 
138 C  CD1 B LEU A 32 ? 0.3521 0.3241 0.3098 -0.0480 -0.0081 0.0038  603 LEU A CD1 
139 C  CD2 A LEU A 32 ? 0.2424 0.2217 0.2011 -0.0484 -0.0080 0.0065  603 LEU A CD2 
140 C  CD2 B LEU A 32 ? 0.4028 0.3687 0.3566 -0.0475 -0.0107 0.0066  603 LEU A CD2 
141 N  N   . VAL A 33 ? 0.2195 0.1925 0.1907 -0.0379 -0.0098 0.0026  604 VAL A N   
142 C  CA  . VAL A 33 ? 0.2069 0.1827 0.1823 -0.0385 -0.0084 -0.0002 604 VAL A CA  
143 C  C   . VAL A 33 ? 0.2348 0.2095 0.2152 -0.0384 -0.0071 0.0006  604 VAL A C   
144 O  O   . VAL A 33 ? 0.2406 0.2141 0.2274 -0.0390 -0.0042 -0.0002 604 VAL A O   
145 C  CB  . VAL A 33 ? 0.2499 0.2319 0.2231 -0.0385 -0.0085 -0.0018 604 VAL A CB  
146 C  CG1 . VAL A 33 ? 0.2573 0.2439 0.2335 -0.0409 -0.0064 -0.0059 604 VAL A CG1 
147 C  CG2 . VAL A 33 ? 0.2386 0.2273 0.2114 -0.0387 -0.0089 -0.0014 604 VAL A CG2 
148 N  N   . HIS A 34 ? 0.2122 0.1881 0.1908 -0.0375 -0.0088 0.0027  605 HIS A N   
149 C  CA  . HIS A 34 ? 0.2266 0.2055 0.2111 -0.0374 -0.0086 0.0049  605 HIS A CA  
150 C  C   . HIS A 34 ? 0.2728 0.2554 0.2643 -0.0370 -0.0067 0.0097  605 HIS A C   
151 O  O   . HIS A 34 ? 0.2685 0.2536 0.2691 -0.0365 -0.0045 0.0132  605 HIS A O   
152 C  CB  . HIS A 34 ? 0.2389 0.2220 0.2196 -0.0363 -0.0116 0.0054  605 HIS A CB  
153 C  CG  . HIS A 34 ? 0.2707 0.2544 0.2471 -0.0364 -0.0120 0.0031  605 HIS A CG  
154 N  ND1 . HIS A 34 ? 0.3115 0.2956 0.2806 -0.0347 -0.0125 0.0024  605 HIS A ND1 
155 C  CD2 . HIS A 34 ? 0.2649 0.2506 0.2438 -0.0386 -0.0109 0.0016  605 HIS A CD2 
156 C  CE1 . HIS A 34 ? 0.2831 0.2730 0.2498 -0.0357 -0.0120 0.0014  605 HIS A CE1 
157 N  NE2 . HIS A 34 ? 0.2968 0.2873 0.2683 -0.0388 -0.0111 -0.0002 605 HIS A NE2 
158 N  N   . LYS A 35 ? 0.2368 0.2210 0.2249 -0.0373 -0.0066 0.0109  606 LYS A N   
159 C  CA  . LYS A 35 ? 0.2424 0.2344 0.2359 -0.0371 -0.0038 0.0168  606 LYS A CA  
160 C  C   . LYS A 35 ? 0.2519 0.2390 0.2513 -0.0354 0.0000  0.0182  606 LYS A C   
161 O  O   . LYS A 35 ? 0.2626 0.2549 0.2715 -0.0334 0.0041  0.0250  606 LYS A O   
162 C  CB  . LYS A 35 ? 0.2806 0.2768 0.2668 -0.0393 -0.0045 0.0167  606 LYS A CB  
163 C  CG  . LYS A 35 ? 0.4740 0.4793 0.4587 -0.0418 -0.0058 0.0155  606 LYS A CG  
164 C  CD  . LYS A 35 ? 0.5580 0.5738 0.5388 -0.0457 -0.0041 0.0166  606 LYS A CD  
165 C  CE  . LYS A 35 ? 0.6190 0.6462 0.5997 -0.0493 -0.0043 0.0133  606 LYS A CE  
166 N  NZ  . LYS A 35 ? 0.4802 0.5335 0.4686 -0.0515 -0.0018 0.0192  606 LYS A NZ  
167 N  N   . LEU A 36 ? 0.2321 0.2107 0.2273 -0.0359 -0.0003 0.0124  607 LEU A N   
168 C  CA  . LEU A 36 ? 0.2333 0.2071 0.2345 -0.0348 0.0040  0.0111  607 LEU A CA  
169 C  C   . LEU A 36 ? 0.3111 0.2805 0.3226 -0.0348 0.0079  0.0104  607 LEU A C   
170 O  O   . LEU A 36 ? 0.3039 0.2709 0.3260 -0.0326 0.0138  0.0141  607 LEU A O   
171 C  CB  . LEU A 36 ? 0.2525 0.2239 0.2480 -0.0364 0.0022  0.0037  607 LEU A CB  
172 C  CG  . LEU A 36 ? 0.3519 0.3270 0.3395 -0.0364 -0.0007 0.0052  607 LEU A CG  
173 C  CD1 . LEU A 36 ? 0.3784 0.3558 0.3613 -0.0382 -0.0041 -0.0001 607 LEU A CD1 
174 C  CD2 . LEU A 36 ? 0.3906 0.3674 0.3813 -0.0341 0.0025  0.0079  607 LEU A CD2 
175 N  N   . VAL A 37 ? 0.2530 0.2221 0.2621 -0.0371 0.0052  0.0066  608 VAL A N   
176 C  CA  . VAL A 37 ? 0.2551 0.2207 0.2729 -0.0384 0.0086  0.0057  608 VAL A CA  
177 C  C   . VAL A 37 ? 0.3014 0.2716 0.3304 -0.0355 0.0106  0.0161  608 VAL A C   
178 O  O   . VAL A 37 ? 0.3013 0.2669 0.3431 -0.0349 0.0166  0.0190  608 VAL A O   
179 C  CB  . VAL A 37 ? 0.3099 0.2781 0.3201 -0.0414 0.0045  0.0011  608 VAL A CB  
180 C  CG1 . VAL A 37 ? 0.3212 0.2877 0.3389 -0.0438 0.0070  0.0010  608 VAL A CG1 
181 C  CG2 . VAL A 37 ? 0.3110 0.2805 0.3134 -0.0443 0.0039  -0.0072 608 VAL A CG2 
182 N  N   . GLN A 38 ? 0.2497 0.2310 0.2752 -0.0342 0.0064  0.0217  609 GLN A N   
183 C  CA  . GLN A 38 ? 0.2423 0.2366 0.2790 -0.0319 0.0078  0.0325  609 GLN A CA  
184 C  C   . GLN A 38 ? 0.3312 0.3276 0.3785 -0.0284 0.0150  0.0408  609 GLN A C   
185 O  O   . GLN A 38 ? 0.3563 0.3606 0.4187 -0.0257 0.0195  0.0512  609 GLN A O   
186 C  CB  . GLN A 38 ? 0.2449 0.2538 0.2744 -0.0328 0.0025  0.0339  609 GLN A CB  
187 C  CG  . GLN A 38 ? 0.3881 0.4196 0.4295 -0.0314 0.0040  0.0452  609 GLN A CG  
188 C  CD  . GLN A 38 ? 0.4939 0.5405 0.5276 -0.0339 -0.0004 0.0429  609 GLN A CD  
189 O  OE1 . GLN A 38 ? 0.4349 0.4928 0.4705 -0.0348 -0.0042 0.0427  609 GLN A OE1 
190 N  NE2 . GLN A 38 ? 0.3928 0.4392 0.4172 -0.0358 0.0002  0.0398  609 GLN A NE2 
191 N  N   . ALA A 39 ? 0.3164 0.3075 0.3569 -0.0278 0.0164  0.0378  610 ALA A N   
192 C  CA  . ALA A 39 ? 0.3216 0.3154 0.3701 -0.0235 0.0235  0.0461  610 ALA A CA  
193 C  C   . ALA A 39 ? 0.4406 0.4212 0.5046 -0.0211 0.0318  0.0471  610 ALA A C   
194 O  O   . ALA A 39 ? 0.4625 0.4478 0.5405 -0.0160 0.0395  0.0588  610 ALA A O   
195 C  CB  . ALA A 39 ? 0.3201 0.3104 0.3562 -0.0239 0.0220  0.0410  610 ALA A CB  
196 N  N   . ILE A 40 ? 0.4285 0.3938 0.4904 -0.0249 0.0313  0.0352  611 ILE A N   
197 C  CA  . ILE A 40 ? 0.4738 0.4248 0.5501 -0.0248 0.0400  0.0329  611 ILE A CA  
198 C  C   . ILE A 40 ? 0.5569 0.5106 0.6446 -0.0257 0.0406  0.0394  611 ILE A C   
199 O  O   . ILE A 40 ? 0.5792 0.5288 0.6853 -0.0226 0.0492  0.0478  611 ILE A O   
200 C  CB  . ILE A 40 ? 0.5337 0.4718 0.6031 -0.0305 0.0401  0.0159  611 ILE A CB  
201 C  CG1 . ILE A 40 ? 0.5409 0.4818 0.5973 -0.0307 0.0363  0.0093  611 ILE A CG1 
202 C  CG2 . ILE A 40 ? 0.5690 0.4912 0.6540 -0.0316 0.0514  0.0111  611 ILE A CG2 
203 C  CD1 . ILE A 40 ? 0.7262 0.6711 0.7693 -0.0358 0.0287  0.0007  611 ILE A CD1 
204 N  N   . PHE A 41 ? 0.5052 0.4658 0.5829 -0.0298 0.0318  0.0357  612 PHE A N   
205 C  CA  . PHE A 41 ? 0.5112 0.4769 0.5974 -0.0312 0.0304  0.0409  612 PHE A CA  
206 C  C   . PHE A 41 ? 0.5104 0.4979 0.5929 -0.0298 0.0223  0.0491  612 PHE A C   
207 O  O   . PHE A 41 ? 0.4828 0.4745 0.5522 -0.0329 0.0144  0.0428  612 PHE A O   
208 C  CB  . PHE A 41 ? 0.5607 0.5158 0.6400 -0.0381 0.0290  0.0283  612 PHE A CB  
209 C  CG  . PHE A 41 ? 0.6262 0.5633 0.7171 -0.0406 0.0396  0.0223  612 PHE A CG  
210 C  CD1 . PHE A 41 ? 0.7014 0.6330 0.8131 -0.0385 0.0479  0.0316  612 PHE A CD1 
211 C  CD2 . PHE A 41 ? 0.6855 0.6125 0.7688 -0.0444 0.0425  0.0079  612 PHE A CD2 
212 C  CE1 . PHE A 41 ? 0.7412 0.6533 0.8654 -0.0408 0.0597  0.0251  612 PHE A CE1 
213 C  CE2 . PHE A 41 ? 0.7432 0.6543 0.8382 -0.0474 0.0535  0.0002  612 PHE A CE2 
214 C  CZ  . PHE A 41 ? 0.7357 0.6373 0.8511 -0.0455 0.0627  0.0083  612 PHE A CZ  
215 N  N   . PRO A 42 ? 0.4555 0.4597 0.5511 -0.0251 0.0254  0.0636  613 PRO A N   
216 C  CA  . PRO A 42 ? 0.4493 0.4793 0.5427 -0.0249 0.0186  0.0699  613 PRO A CA  
217 C  C   . PRO A 42 ? 0.4929 0.5346 0.5918 -0.0267 0.0132  0.0731  613 PRO A C   
218 O  O   . PRO A 42 ? 0.4936 0.5550 0.5871 -0.0276 0.0064  0.0735  613 PRO A O   
219 C  CB  . PRO A 42 ? 0.4738 0.5231 0.5814 -0.0200 0.0251  0.0853  613 PRO A CB  
220 C  CG  . PRO A 42 ? 0.5429 0.5765 0.6663 -0.0162 0.0356  0.0911  613 PRO A CG  
221 C  CD  . PRO A 42 ? 0.4965 0.4998 0.6083 -0.0197 0.0359  0.0744  613 PRO A CD  
222 N  N   . THR A 43 ? 0.4342 0.4646 0.5433 -0.0277 0.0164  0.0743  614 THR A N   
223 C  CA  . THR A 43 ? 0.4334 0.4749 0.5467 -0.0298 0.0106  0.0774  614 THR A CA  
224 C  C   . THR A 43 ? 0.4787 0.4979 0.5794 -0.0353 0.0093  0.0636  614 THR A C   
225 O  O   . THR A 43 ? 0.4943 0.4973 0.6042 -0.0374 0.0163  0.0626  614 THR A O   
226 C  CB  . THR A 43 ? 0.6224 0.6781 0.7621 -0.0265 0.0161  0.0950  614 THR A CB  
227 O  OG1 . THR A 43 ? 0.6759 0.7098 0.8281 -0.0249 0.0278  0.0970  614 THR A OG1 
228 C  CG2 . THR A 43 ? 0.6208 0.7098 0.7712 -0.0223 0.0158  0.1090  614 THR A CG2 
229 N  N   . PRO A 44 ? 0.4160 0.4347 0.4959 -0.0377 0.0018  0.0528  615 PRO A N   
230 C  CA  . PRO A 44 ? 0.4156 0.4181 0.4821 -0.0430 0.0016  0.0401  615 PRO A CA  
231 C  C   . PRO A 44 ? 0.4523 0.4602 0.5181 -0.0469 -0.0023 0.0407  615 PRO A C   
232 O  O   . PRO A 44 ? 0.4450 0.4548 0.4940 -0.0497 -0.0077 0.0334  615 PRO A O   
233 C  CB  . PRO A 44 ? 0.4402 0.4442 0.4871 -0.0424 -0.0041 0.0320  615 PRO A CB  
234 C  CG  . PRO A 44 ? 0.4852 0.5087 0.5334 -0.0388 -0.0099 0.0392  615 PRO A CG  
235 C  CD  . PRO A 44 ? 0.4288 0.4618 0.4972 -0.0359 -0.0051 0.0513  615 PRO A CD  
236 N  N   . ASP A 45 ? 0.3868 0.3980 0.4710 -0.0470 0.0010  0.0505  616 ASP A N   
237 C  CA  . ASP A 45 ? 0.3828 0.4013 0.4680 -0.0510 -0.0033 0.0531  616 ASP A CA  
238 C  C   . ASP A 45 ? 0.4756 0.4777 0.5490 -0.0592 0.0003  0.0399  616 ASP A C   
239 O  O   . ASP A 45 ? 0.4721 0.4558 0.5545 -0.0625 0.0103  0.0349  616 ASP A O   
240 C  CB  . ASP A 45 ? 0.3983 0.4235 0.5095 -0.0492 0.0010  0.0681  616 ASP A CB  
241 C  CG  . ASP A 45 ? 0.4905 0.5237 0.6060 -0.0537 -0.0029 0.0727  616 ASP A CG  
242 O  OD1 . ASP A 45 ? 0.5067 0.5424 0.6028 -0.0584 -0.0097 0.0643  616 ASP A OD1 
243 O  OD2 . ASP A 45 ? 0.5577 0.5953 0.6961 -0.0526 0.0013  0.0856  616 ASP A OD2 
244 N  N   . PRO A 46 ? 0.4676 0.4783 0.5215 -0.0625 -0.0071 0.0339  617 PRO A N   
245 C  CA  . PRO A 46 ? 0.4885 0.4905 0.5302 -0.0712 -0.0032 0.0215  617 PRO A CA  
246 C  C   . PRO A 46 ? 0.5732 0.5675 0.6265 -0.0793 0.0030  0.0211  617 PRO A C   
247 O  O   . PRO A 46 ? 0.5932 0.5795 0.6391 -0.0884 0.0089  0.0090  617 PRO A O   
248 C  CB  . PRO A 46 ? 0.5076 0.5263 0.5275 -0.0710 -0.0127 0.0198  617 PRO A CB  
249 C  CG  . PRO A 46 ? 0.5405 0.5760 0.5653 -0.0640 -0.0218 0.0317  617 PRO A CG  
250 C  CD  . PRO A 46 ? 0.4734 0.5043 0.5153 -0.0582 -0.0183 0.0378  617 PRO A CD  
251 N  N   . ALA A 47 ? 0.5468 0.5443 0.6197 -0.0768 0.0029  0.0342  618 ALA A N   
252 C  CA  . ALA A 47 ? 0.5748 0.5616 0.6630 -0.0839 0.0106  0.0355  618 ALA A CA  
253 C  C   . ALA A 47 ? 0.6871 0.6492 0.7934 -0.0840 0.0252  0.0317  618 ALA A C   
254 O  O   . ALA A 47 ? 0.6971 0.6426 0.8129 -0.0921 0.0354  0.0254  618 ALA A O   
255 C  CB  . ALA A 47 ? 0.5769 0.5795 0.6816 -0.0801 0.0051  0.0533  618 ALA A CB  
256 N  N   . ALA A 48 ? 0.6690 0.6293 0.7797 -0.0751 0.0264  0.0350  619 ALA A N   
257 C  CA  . ALA A 48 ? 0.6915 0.6316 0.8173 -0.0727 0.0392  0.0327  619 ALA A CA  
258 C  C   . ALA A 48 ? 0.7569 0.6865 0.8662 -0.0773 0.0423  0.0140  619 ALA A C   
259 O  O   . ALA A 48 ? 0.7821 0.6931 0.9000 -0.0822 0.0542  0.0040  619 ALA A O   
260 C  CB  . ALA A 48 ? 0.6899 0.6389 0.8282 -0.0610 0.0384  0.0480  619 ALA A CB  
261 N  N   . LEU A 49 ? 0.7195 0.6722 0.6704 -0.0309 0.0557  -0.0183 620 LEU A N   
262 C  CA  . LEU A 49 ? 0.6931 0.6550 0.6552 -0.0288 0.0482  -0.0259 620 LEU A CA  
263 C  C   . LEU A 49 ? 0.7027 0.6768 0.6793 -0.0317 0.0510  -0.0323 620 LEU A C   
264 O  O   . LEU A 49 ? 0.6986 0.6803 0.6721 -0.0308 0.0528  -0.0338 620 LEU A O   
265 C  CB  . LEU A 49 ? 0.6926 0.6578 0.6452 -0.0226 0.0409  -0.0274 620 LEU A CB  
266 C  CG  . LEU A 49 ? 0.7571 0.7205 0.6935 -0.0192 0.0418  -0.0238 620 LEU A CG  
267 C  CD1 . LEU A 49 ? 0.7451 0.7178 0.6815 -0.0155 0.0365  -0.0283 620 LEU A CD1 
268 C  CD2 . LEU A 49 ? 0.8011 0.7529 0.7244 -0.0158 0.0388  -0.0189 620 LEU A CD2 
269 N  N   . LYS A 50 ? 0.6402 0.6165 0.6333 -0.0344 0.0502  -0.0369 621 LYS A N   
270 C  CA  . LYS A 50 ? 0.6220 0.6091 0.6314 -0.0366 0.0513  -0.0445 621 LYS A CA  
271 C  C   . LYS A 50 ? 0.6310 0.6279 0.6401 -0.0317 0.0448  -0.0502 621 LYS A C   
272 O  O   . LYS A 50 ? 0.6240 0.6197 0.6233 -0.0271 0.0391  -0.0487 621 LYS A O   
273 C  CB  . LYS A 50 ? 0.6679 0.6536 0.6944 -0.0389 0.0496  -0.0487 621 LYS A CB  
274 N  N   . ASP A 51 ? 0.5556 0.5621 0.5765 -0.0328 0.0457  -0.0569 622 ASP A N   
275 C  CA  . ASP A 51 ? 0.5224 0.5375 0.5440 -0.0286 0.0403  -0.0623 622 ASP A CA  
276 C  C   . ASP A 51 ? 0.5156 0.5305 0.5352 -0.0235 0.0317  -0.0641 622 ASP A C   
277 O  O   . ASP A 51 ? 0.4812 0.4970 0.4909 -0.0199 0.0282  -0.0622 622 ASP A O   
278 C  CB  . ASP A 51 ? 0.5435 0.5679 0.5810 -0.0303 0.0418  -0.0705 622 ASP A CB  
279 N  N   . ARG A 52 ? 0.4287 0.4430 0.4582 -0.0231 0.0286  -0.0677 623 ARG A N   
280 C  CA  . ARG A 52 ? 0.4009 0.4164 0.4283 -0.0177 0.0209  -0.0699 623 ARG A CA  
281 C  C   . ARG A 52 ? 0.4033 0.4127 0.4173 -0.0158 0.0191  -0.0635 623 ARG A C   
282 O  O   . ARG A 52 ? 0.3808 0.3925 0.3885 -0.0115 0.0143  -0.0635 623 ARG A O   
283 C  CB  . ARG A 52 ? 0.4332 0.4498 0.4745 -0.0172 0.0178  -0.0760 623 ARG A CB  
284 C  CG  . ARG A 52 ? 0.6252 0.6499 0.6806 -0.0166 0.0167  -0.0848 623 ARG A CG  
285 C  CD  . ARG A 52 ? 0.8474 0.8779 0.8991 -0.0097 0.0095  -0.0891 623 ARG A CD  
286 N  NE  . ARG A 52 ? 1.0649 1.1016 1.1309 -0.0070 0.0055  -0.0990 623 ARG A NE  
287 C  CZ  . ARG A 52 ? 1.3107 1.3522 1.3744 -0.0001 -0.0012 -0.1039 623 ARG A CZ  
288 N  NH1 . ARG A 52 ? 1.1752 1.2159 1.2236 0.0036  -0.0036 -0.0990 623 ARG A NH1 
289 N  NH2 . ARG A 52 ? 1.1690 1.2159 1.2461 0.0031  -0.0056 -0.1138 623 ARG A NH2 
290 N  N   . ARG A 53 ? 0.3624 0.3639 0.3721 -0.0190 0.0231  -0.0582 624 ARG A N   
291 C  CA  . ARG A 53 ? 0.3618 0.3567 0.3591 -0.0169 0.0212  -0.0529 624 ARG A CA  
292 C  C   . ARG A 53 ? 0.4007 0.3982 0.3868 -0.0147 0.0208  -0.0503 624 ARG A C   
293 O  O   . ARG A 53 ? 0.3515 0.3496 0.3315 -0.0112 0.0165  -0.0496 624 ARG A O   
294 C  CB  . ARG A 53 ? 0.3923 0.3771 0.3865 -0.0204 0.0257  -0.0474 624 ARG A CB  
295 C  CG  . ARG A 53 ? 0.4219 0.3991 0.4046 -0.0174 0.0222  -0.0432 624 ARG A CG  
296 C  CD  . ARG A 53 ? 0.4666 0.4319 0.4464 -0.0203 0.0259  -0.0378 624 ARG A CD  
297 N  NE  . ARG A 53 ? 0.4565 0.4141 0.4240 -0.0166 0.0219  -0.0342 624 ARG A NE  
298 C  CZ  . ARG A 53 ? 0.6468 0.5920 0.6065 -0.0175 0.0239  -0.0284 624 ARG A CZ  
299 N  NH1 . ARG A 53 ? 0.5386 0.4775 0.5015 -0.0226 0.0308  -0.0246 624 ARG A NH1 
300 N  NH2 . ARG A 53 ? 0.5288 0.4675 0.4774 -0.0131 0.0192  -0.0263 624 ARG A NH2 
301 N  N   . MSE A 54 ? 0.3906 0.3906 0.3756 -0.0168 0.0252  -0.0497 625 MSE A N   
302 C  CA  . MSE A 54 ? 0.4043 0.4070 0.3808 -0.0147 0.0245  -0.0483 625 MSE A CA  
303 C  C   . MSE A 54 ? 0.3891 0.3982 0.3684 -0.0117 0.0194  -0.0519 625 MSE A C   
304 O  O   . MSE A 54 ? 0.3892 0.3987 0.3621 -0.0091 0.0166  -0.0502 625 MSE A O   
305 C  CB  . MSE A 54 ? 0.4572 0.4625 0.4340 -0.0172 0.0301  -0.0485 625 MSE A CB  
306 C  CG  . MSE A 54 ? 0.5948 0.6045 0.5662 -0.0148 0.0284  -0.0491 625 MSE A CG  
307 SE SE  . MSE A 54 ? 0.7702 0.7745 0.7270 -0.0109 0.0253  -0.0443 625 MSE A SE  
308 C  CE  . MSE A 54 ? 0.7466 0.7424 0.6938 -0.0126 0.0315  -0.0391 625 MSE A CE  
309 N  N   . GLU A 55 ? 0.3104 0.3245 0.2994 -0.0117 0.0183  -0.0568 626 GLU A N   
310 C  CA  . GLU A 55 ? 0.3125 0.3316 0.3029 -0.0082 0.0136  -0.0597 626 GLU A CA  
311 C  C   . GLU A 55 ? 0.3304 0.3485 0.3163 -0.0051 0.0097  -0.0582 626 GLU A C   
312 O  O   . GLU A 55 ? 0.3149 0.3352 0.2965 -0.0027 0.0072  -0.0571 626 GLU A O   
313 C  CB  . GLU A 55 ? 0.3398 0.3635 0.3410 -0.0078 0.0124  -0.0661 626 GLU A CB  
314 C  CG  . GLU A 55 ? 0.4647 0.4915 0.4711 -0.0104 0.0160  -0.0688 626 GLU A CG  
315 C  CD  . GLU A 55 ? 0.8101 0.8423 0.8296 -0.0105 0.0156  -0.0764 626 GLU A CD  
316 O  OE1 . GLU A 55 ? 0.7176 0.7500 0.7450 -0.0103 0.0142  -0.0797 626 GLU A OE1 
317 O  OE2 . GLU A 55 ? 0.7307 0.7673 0.7535 -0.0109 0.0165  -0.0797 626 GLU A OE2 
318 N  N   . ASN A 56 ? 0.2786 0.2936 0.2660 -0.0054 0.0093  -0.0581 627 ASN A N   
319 C  CA  . ASN A 56 ? 0.2899 0.3051 0.2736 -0.0022 0.0056  -0.0574 627 ASN A CA  
320 C  C   . ASN A 56 ? 0.3071 0.3204 0.2816 -0.0017 0.0057  -0.0530 627 ASN A C   
321 O  O   . ASN A 56 ? 0.2791 0.2956 0.2506 0.0009  0.0034  -0.0527 627 ASN A O   
322 C  CB  . ASN A 56 ? 0.3287 0.3401 0.3166 -0.0024 0.0047  -0.0587 627 ASN A CB  
323 C  CG  . ASN A 56 ? 0.3826 0.3946 0.3667 0.0011  0.0009  -0.0588 627 ASN A CG  
324 O  OD1 . ASN A 56 ? 0.3325 0.3394 0.3128 0.0009  0.0005  -0.0564 627 ASN A OD1 
325 N  ND2 . ASN A 56 ? 0.2484 0.2669 0.2332 0.0048  -0.0022 -0.0616 627 ASN A ND2 
326 N  N   . LEU A 57 ? 0.3081 0.3164 0.2784 -0.0038 0.0084  -0.0500 628 LEU A N   
327 C  CA  . LEU A 57 ? 0.3206 0.3273 0.2833 -0.0026 0.0079  -0.0472 628 LEU A CA  
328 C  C   . LEU A 57 ? 0.3365 0.3477 0.2986 -0.0021 0.0075  -0.0471 628 LEU A C   
329 O  O   . LEU A 57 ? 0.3107 0.3239 0.2708 -0.0005 0.0056  -0.0464 628 LEU A O   
330 C  CB  . LEU A 57 ? 0.3416 0.3417 0.2987 -0.0041 0.0107  -0.0443 628 LEU A CB  
331 C  CG  . LEU A 57 ? 0.4171 0.4100 0.3734 -0.0049 0.0112  -0.0430 628 LEU A CG  
332 C  CD1 . LEU A 57 ? 0.4267 0.4126 0.3759 -0.0064 0.0153  -0.0392 628 LEU A CD1 
333 C  CD2 . LEU A 57 ? 0.4384 0.4295 0.3923 -0.0018 0.0067  -0.0434 628 LEU A CD2 
334 N  N   . VAL A 58 ? 0.2799 0.2931 0.2453 -0.0035 0.0091  -0.0484 629 VAL A N   
335 C  CA  . VAL A 58 ? 0.2667 0.2832 0.2326 -0.0028 0.0081  -0.0486 629 VAL A CA  
336 C  C   . VAL A 58 ? 0.2909 0.3105 0.2580 -0.0009 0.0054  -0.0489 629 VAL A C   
337 O  O   . VAL A 58 ? 0.2656 0.2863 0.2314 -0.0002 0.0045  -0.0472 629 VAL A O   
338 C  CB  . VAL A 58 ? 0.3102 0.3282 0.2795 -0.0042 0.0098  -0.0509 629 VAL A CB  
339 C  CG1 . VAL A 58 ? 0.3149 0.3355 0.2855 -0.0030 0.0076  -0.0516 629 VAL A CG1 
340 C  CG2 . VAL A 58 ? 0.3021 0.3175 0.2681 -0.0057 0.0133  -0.0499 629 VAL A CG2 
341 N  N   . ALA A 59 ? 0.2772 0.2983 0.2471 0.0003  0.0045  -0.0510 630 ALA A N   
342 C  CA  . ALA A 59 ? 0.2748 0.2992 0.2439 0.0031  0.0023  -0.0512 630 ALA A CA  
343 C  C   . ALA A 59 ? 0.3025 0.3279 0.2678 0.0039  0.0020  -0.0486 630 ALA A C   
344 O  O   . ALA A 59 ? 0.2997 0.3273 0.2631 0.0050  0.0019  -0.0465 630 ALA A O   
345 C  CB  . ALA A 59 ? 0.2959 0.3223 0.2688 0.0051  0.0006  -0.0551 630 ALA A CB  
346 N  N   . TYR A 60 ? 0.2416 0.2653 0.2062 0.0035  0.0022  -0.0487 631 TYR A N   
347 C  CA  . TYR A 60 ? 0.2499 0.2756 0.2125 0.0046  0.0016  -0.0476 631 TYR A CA  
348 C  C   . TYR A 60 ? 0.2802 0.3053 0.2419 0.0032  0.0025  -0.0453 631 TYR A C   
349 O  O   . TYR A 60 ? 0.2882 0.3169 0.2504 0.0036  0.0029  -0.0441 631 TYR A O   
350 C  CB  . TYR A 60 ? 0.2993 0.3220 0.2613 0.0051  0.0006  -0.0490 631 TYR A CB  
351 C  CG  . TYR A 60 ? 0.3482 0.3740 0.3092 0.0070  -0.0010 -0.0497 631 TYR A CG  
352 C  CD1 . TYR A 60 ? 0.3617 0.3941 0.3229 0.0082  -0.0005 -0.0492 631 TYR A CD1 
353 C  CD2 . TYR A 60 ? 0.3805 0.4026 0.3404 0.0080  -0.0029 -0.0510 631 TYR A CD2 
354 C  CE1 . TYR A 60 ? 0.3812 0.4181 0.3429 0.0099  -0.0013 -0.0507 631 TYR A CE1 
355 C  CE2 . TYR A 60 ? 0.4012 0.4270 0.3612 0.0104  -0.0050 -0.0529 631 TYR A CE2 
356 C  CZ  . TYR A 60 ? 0.4709 0.5049 0.4323 0.0112  -0.0039 -0.0532 631 TYR A CZ  
357 O  OH  . TYR A 60 ? 0.5082 0.5474 0.4708 0.0134  -0.0054 -0.0559 631 TYR A OH  
358 N  N   . ALA A 61 ? 0.2403 0.2617 0.2016 0.0016  0.0032  -0.0451 632 ALA A N   
359 C  CA  . ALA A 61 ? 0.2509 0.2719 0.2124 0.0010  0.0031  -0.0442 632 ALA A CA  
360 C  C   . ALA A 61 ? 0.2868 0.3103 0.2514 0.0004  0.0033  -0.0428 632 ALA A C   
361 O  O   . ALA A 61 ? 0.2814 0.3064 0.2484 0.0000  0.0033  -0.0419 632 ALA A O   
362 C  CB  . ALA A 61 ? 0.2577 0.2751 0.2172 0.0005  0.0037  -0.0448 632 ALA A CB  
363 N  N   . LYS A 62 ? 0.2387 0.2621 0.2036 0.0005  0.0034  -0.0429 633 LYS A N   
364 C  CA  . LYS A 62 ? 0.2371 0.2610 0.2032 0.0006  0.0031  -0.0411 633 LYS A CA  
365 C  C   . LYS A 62 ? 0.2880 0.3146 0.2530 0.0011  0.0040  -0.0384 633 LYS A C   
366 O  O   . LYS A 62 ? 0.2883 0.3144 0.2550 0.0002  0.0046  -0.0356 633 LYS A O   
367 C  CB  . LYS A 62 ? 0.2679 0.2910 0.2337 0.0018  0.0020  -0.0426 633 LYS A CB  
368 C  CG  . LYS A 62 ? 0.2955 0.3170 0.2638 0.0007  0.0015  -0.0450 633 LYS A CG  
369 C  CD  . LYS A 62 ? 0.4961 0.5182 0.4661 0.0019  0.0005  -0.0482 633 LYS A CD  
370 C  CE  . LYS A 62 ? 0.7626 0.7836 0.7321 0.0040  -0.0020 -0.0476 633 LYS A CE  
371 N  NZ  . LYS A 62 ? 0.9274 0.9465 0.8994 0.0032  -0.0034 -0.0472 633 LYS A NZ  
372 N  N   . LYS A 63 ? 0.2588 0.2885 0.2217 0.0027  0.0044  -0.0392 634 LYS A N   
373 C  CA  . LYS A 63 ? 0.2636 0.2976 0.2250 0.0036  0.0060  -0.0371 634 LYS A CA  
374 C  C   . LYS A 63 ? 0.3365 0.3724 0.3019 0.0016  0.0074  -0.0364 634 LYS A C   
375 O  O   . LYS A 63 ? 0.3136 0.3520 0.2804 0.0006  0.0098  -0.0334 634 LYS A O   
376 C  CB  . LYS A 63 ? 0.2931 0.3308 0.2521 0.0065  0.0053  -0.0397 634 LYS A CB  
377 C  CG  . LYS A 63 ? 0.3042 0.3412 0.2606 0.0093  0.0034  -0.0413 634 LYS A CG  
378 C  CD  . LYS A 63 ? 0.3844 0.4255 0.3401 0.0124  0.0020  -0.0447 634 LYS A CD  
379 C  CE  . LYS A 63 ? 0.3496 0.3905 0.3047 0.0156  -0.0005 -0.0478 634 LYS A CE  
380 N  NZ  . LYS A 63 ? 0.3886 0.4333 0.3447 0.0189  -0.0028 -0.0522 634 LYS A NZ  
381 N  N   . VAL A 64 ? 0.2957 0.3303 0.2629 0.0012  0.0059  -0.0393 635 VAL A N   
382 C  CA  . VAL A 64 ? 0.2854 0.3221 0.2573 0.0002  0.0061  -0.0403 635 VAL A CA  
383 C  C   . VAL A 64 ? 0.2992 0.3339 0.2762 -0.0022 0.0065  -0.0387 635 VAL A C   
384 O  O   . VAL A 64 ? 0.2602 0.2980 0.2430 -0.0038 0.0083  -0.0377 635 VAL A O   
385 C  CB  . VAL A 64 ? 0.3354 0.3696 0.3059 0.0015  0.0035  -0.0439 635 VAL A CB  
386 C  CG1 . VAL A 64 ? 0.3294 0.3653 0.3048 0.0016  0.0024  -0.0462 635 VAL A CG1 
387 C  CG2 . VAL A 64 ? 0.3460 0.3814 0.3130 0.0037  0.0026  -0.0456 635 VAL A CG2 
388 N  N   . GLU A 65 ? 0.2536 0.2838 0.2299 -0.0024 0.0050  -0.0388 636 GLU A N   
389 C  CA  . GLU A 65 ? 0.2448 0.2729 0.2268 -0.0040 0.0044  -0.0380 636 GLU A CA  
390 C  C   . GLU A 65 ? 0.2834 0.3112 0.2668 -0.0056 0.0066  -0.0333 636 GLU A C   
391 O  O   . GLU A 65 ? 0.2880 0.3156 0.2786 -0.0077 0.0073  -0.0320 636 GLU A O   
392 C  CB  . GLU A 65 ? 0.2514 0.2757 0.2317 -0.0032 0.0021  -0.0397 636 GLU A CB  
393 C  CG  . GLU A 65 ? 0.3295 0.3518 0.3165 -0.0042 0.0003  -0.0402 636 GLU A CG  
394 C  CD  . GLU A 65 ? 0.4052 0.4247 0.3942 -0.0054 0.0005  -0.0366 636 GLU A CD  
395 O  OE1 . GLU A 65 ? 0.3453 0.3639 0.3285 -0.0047 0.0017  -0.0341 636 GLU A OE1 
396 O  OE2 . GLU A 65 ? 0.2681 0.2856 0.2644 -0.0066 -0.0009 -0.0365 636 GLU A OE2 
397 N  N   . GLY A 66 ? 0.2743 0.3015 0.2511 -0.0042 0.0074  -0.0311 637 GLY A N   
398 C  CA  . GLY A 66 ? 0.2891 0.3150 0.2636 -0.0044 0.0093  -0.0262 637 GLY A CA  
399 C  C   . GLY A 66 ? 0.3339 0.3640 0.3111 -0.0062 0.0135  -0.0230 637 GLY A C   
400 O  O   . GLY A 66 ? 0.3329 0.3605 0.3128 -0.0084 0.0158  -0.0182 637 GLY A O   
401 N  N   . ASP A 67 ? 0.2874 0.3237 0.2639 -0.0054 0.0147  -0.0254 638 ASP A N   
402 C  CA  . ASP A 67 ? 0.2930 0.3356 0.2736 -0.0070 0.0191  -0.0238 638 ASP A CA  
403 C  C   . ASP A 67 ? 0.3335 0.3761 0.3261 -0.0109 0.0198  -0.0244 638 ASP A C   
404 O  O   . ASP A 67 ? 0.3145 0.3591 0.3121 -0.0139 0.0244  -0.0205 638 ASP A O   
405 C  CB  . ASP A 67 ? 0.3255 0.3750 0.3044 -0.0048 0.0188  -0.0282 638 ASP A CB  
406 N  N   . MSE A 68 ? 0.2782 0.3187 0.2755 -0.0107 0.0157  -0.0293 639 MSE A N   
407 C  CA  A MSE A 68 ? 0.3187 0.3595 0.3285 -0.0133 0.0153  -0.0313 639 MSE A CA  
408 C  CA  B MSE A 68 ? 0.2171 0.2579 0.2270 -0.0133 0.0153  -0.0313 639 MSE A CA  
409 C  C   . MSE A 68 ? 0.3136 0.3482 0.3276 -0.0159 0.0156  -0.0269 639 MSE A C   
410 O  O   . MSE A 68 ? 0.3170 0.3524 0.3418 -0.0195 0.0180  -0.0252 639 MSE A O   
411 C  CB  A MSE A 68 ? 0.3839 0.4242 0.3954 -0.0110 0.0100  -0.0380 639 MSE A CB  
412 C  CB  B MSE A 68 ? 0.2027 0.2430 0.2150 -0.0111 0.0100  -0.0381 639 MSE A CB  
413 C  CG  A MSE A 68 ? 0.5321 0.5762 0.5561 -0.0118 0.0089  -0.0428 639 MSE A CG  
414 C  CG  B MSE A 68 ? 0.2285 0.2709 0.2549 -0.0127 0.0087  -0.0421 639 MSE A CG  
415 SE SE  A MSE A 68 ? 0.7053 0.7594 0.7313 -0.0108 0.0110  -0.0467 639 MSE A SE  
416 SE SE  B MSE A 68 ? 0.2643 0.3169 0.3010 -0.0149 0.0131  -0.0441 639 MSE A SE  
417 C  CE  A MSE A 68 ? 0.6561 0.7064 0.6680 -0.0048 0.0053  -0.0511 639 MSE A CE  
418 C  CE  B MSE A 68 ? 0.2305 0.2837 0.2866 -0.0192 0.0138  -0.0453 639 MSE A CE  
419 N  N   . TYR A 69 ? 0.2887 0.3172 0.2953 -0.0142 0.0130  -0.0252 640 TYR A N   
420 C  CA  . TYR A 69 ? 0.3058 0.3271 0.3157 -0.0159 0.0121  -0.0215 640 TYR A CA  
421 C  C   . TYR A 69 ? 0.3552 0.3753 0.3652 -0.0187 0.0176  -0.0138 640 TYR A C   
422 O  O   . TYR A 69 ? 0.3449 0.3606 0.3636 -0.0220 0.0185  -0.0108 640 TYR A O   
423 C  CB  . TYR A 69 ? 0.3091 0.3253 0.3103 -0.0128 0.0083  -0.0218 640 TYR A CB  
424 C  CG  . TYR A 69 ? 0.3238 0.3323 0.3281 -0.0135 0.0058  -0.0194 640 TYR A CG  
425 C  CD1 . TYR A 69 ? 0.3412 0.3477 0.3548 -0.0138 0.0015  -0.0237 640 TYR A CD1 
426 C  CD2 . TYR A 69 ? 0.3573 0.3601 0.3543 -0.0127 0.0068  -0.0135 640 TYR A CD2 
427 C  CE1 . TYR A 69 ? 0.3419 0.3412 0.3591 -0.0139 -0.0018 -0.0224 640 TYR A CE1 
428 C  CE2 . TYR A 69 ? 0.3604 0.3550 0.3597 -0.0127 0.0036  -0.0114 640 TYR A CE2 
429 C  CZ  . TYR A 69 ? 0.4222 0.4151 0.4321 -0.0133 -0.0010 -0.0162 640 TYR A CZ  
430 O  OH  . TYR A 69 ? 0.5035 0.4883 0.5160 -0.0128 -0.0051 -0.0152 640 TYR A OH  
431 N  N   . GLU A 70 ? 0.3397 0.3631 0.3396 -0.0171 0.0213  -0.0107 641 GLU A N   
432 C  CA  . GLU A 70 ? 0.3720 0.3950 0.3686 -0.0190 0.0274  -0.0028 641 GLU A CA  
433 C  C   . GLU A 70 ? 0.4370 0.4664 0.4449 -0.0235 0.0332  -0.0022 641 GLU A C   
434 O  O   . GLU A 70 ? 0.4567 0.4834 0.4682 -0.0272 0.0383  0.0046  641 GLU A O   
435 C  CB  . GLU A 70 ? 0.3985 0.4250 0.3805 -0.0147 0.0291  -0.0012 641 GLU A CB  
436 C  CG  . GLU A 70 ? 0.6010 0.6211 0.5718 -0.0102 0.0245  -0.0010 641 GLU A CG  
437 C  CD  . GLU A 70 ? 1.0374 1.0612 0.9951 -0.0054 0.0256  -0.0002 641 GLU A CD  
438 O  OE1 . GLU A 70 ? 1.0906 1.1154 1.0419 -0.0050 0.0306  0.0059  641 GLU A OE1 
439 O  OE2 . GLU A 70 ? 1.0381 1.0640 0.9922 -0.0018 0.0215  -0.0059 641 GLU A OE2 
440 N  N   . SER A 71 ? 0.3797 0.4179 0.3934 -0.0231 0.0326  -0.0090 642 SER A N   
441 C  CA  . SER A 71 ? 0.3741 0.4205 0.3994 -0.0269 0.0379  -0.0099 642 SER A CA  
442 C  C   . SER A 71 ? 0.4040 0.4501 0.4481 -0.0307 0.0364  -0.0139 642 SER A C   
443 O  O   . SER A 71 ? 0.4082 0.4588 0.4642 -0.0354 0.0421  -0.0122 642 SER A O   
444 C  CB  . SER A 71 ? 0.4469 0.5035 0.4692 -0.0239 0.0378  -0.0158 642 SER A CB  
445 O  OG  . SER A 71 ? 0.5659 0.6227 0.5919 -0.0215 0.0312  -0.0240 642 SER A OG  
446 N  N   . ALA A 72 ? 0.3127 0.3546 0.3602 -0.0288 0.0291  -0.0197 643 ALA A N   
447 C  CA  . ALA A 72 ? 0.2993 0.3417 0.3650 -0.0312 0.0264  -0.0250 643 ALA A CA  
448 C  C   . ALA A 72 ? 0.3626 0.3989 0.4391 -0.0366 0.0297  -0.0188 643 ALA A C   
449 O  O   . ALA A 72 ? 0.3388 0.3667 0.4062 -0.0368 0.0306  -0.0113 643 ALA A O   
450 C  CB  . ALA A 72 ? 0.2991 0.3376 0.3632 -0.0270 0.0179  -0.0316 643 ALA A CB  
451 N  N   . ASN A 73 ? 0.3430 0.3829 0.4393 -0.0406 0.0309  -0.0224 644 ASN A N   
452 C  CA  . ASN A 73 ? 0.3637 0.3974 0.4733 -0.0465 0.0343  -0.0168 644 ASN A CA  
453 C  C   . ASN A 73 ? 0.4144 0.4429 0.5381 -0.0461 0.0265  -0.0227 644 ASN A C   
454 O  O   . ASN A 73 ? 0.4130 0.4357 0.5505 -0.0508 0.0279  -0.0194 644 ASN A O   
455 C  CB  . ASN A 73 ? 0.4050 0.4470 0.5292 -0.0524 0.0430  -0.0154 644 ASN A CB  
456 C  CG  . ASN A 73 ? 0.6239 0.6691 0.7335 -0.0533 0.0517  -0.0069 644 ASN A CG  
457 O  OD1 . ASN A 73 ? 0.5585 0.5952 0.6528 -0.0527 0.0538  0.0025  644 ASN A OD1 
458 N  ND2 . ASN A 73 ? 0.5949 0.6526 0.7072 -0.0534 0.0559  -0.0109 644 ASN A ND2 
459 N  N   . SER A 74 ? 0.2319 0.3207 0.5159 -0.0145 -0.0478 0.0753  645 SER A N   
460 C  CA  . SER A 74 ? 0.2196 0.2842 0.5144 -0.0143 -0.0501 0.0666  645 SER A CA  
461 C  C   . SER A 74 ? 0.2527 0.3004 0.5278 -0.0111 -0.0451 0.0503  645 SER A C   
462 O  O   . SER A 74 ? 0.2025 0.2525 0.4545 -0.0091 -0.0405 0.0448  645 SER A O   
463 C  CB  . SER A 74 ? 0.2492 0.3057 0.5469 -0.0146 -0.0545 0.0631  645 SER A CB  
464 O  OG  . SER A 74 ? 0.2815 0.3319 0.5519 -0.0121 -0.0508 0.0514  645 SER A OG  
465 N  N   . ARG A 75 ? 0.2111 0.2435 0.4977 -0.0104 -0.0467 0.0425  646 ARG A N   
466 C  CA  . ARG A 75 ? 0.2053 0.2251 0.4751 -0.0072 -0.0431 0.0279  646 ARG A CA  
467 C  C   . ARG A 75 ? 0.2401 0.2549 0.4888 -0.0051 -0.0415 0.0167  646 ARG A C   
468 O  O   . ARG A 75 ? 0.2411 0.2545 0.4700 -0.0029 -0.0374 0.0107  646 ARG A O   
469 C  CB  . ARG A 75 ? 0.2576 0.2667 0.5477 -0.0065 -0.0465 0.0211  646 ARG A CB  
470 C  CG  . ARG A 75 ? 0.4416 0.4438 0.7189 -0.0034 -0.0435 0.0096  646 ARG A CG  
471 C  CD  . ARG A 75 ? 0.6268 0.6216 0.9280 -0.0023 -0.0479 0.0019  646 ARG A CD  
472 N  NE  . ARG A 75 ? 0.6742 0.6657 0.9894 -0.0020 -0.0528 -0.0078 646 ARG A NE  
473 C  CZ  . ARG A 75 ? 0.8865 0.8729 1.2287 -0.0010 -0.0582 -0.0170 646 ARG A CZ  
474 N  NH1 . ARG A 75 ? 0.6237 0.6069 0.9815 0.0000  -0.0594 -0.0176 646 ARG A NH1 
475 N  NH2 . ARG A 75 ? 0.8424 0.8276 1.1973 -0.0008 -0.0626 -0.0267 646 ARG A NH2 
476 N  N   . ASP A 76 ? 0.2303 0.2445 0.4852 -0.0060 -0.0447 0.0159  647 ASP A N   
477 C  CA  . ASP A 76 ? 0.2209 0.2335 0.4578 -0.0047 -0.0427 0.0077  647 ASP A CA  
478 C  C   . ASP A 76 ? 0.2576 0.2774 0.4752 -0.0041 -0.0391 0.0121  647 ASP A C   
479 O  O   . ASP A 76 ? 0.2638 0.2813 0.4655 -0.0022 -0.0357 0.0051  647 ASP A O   
480 C  CB  . ASP A 76 ? 0.2253 0.2375 0.4729 -0.0064 -0.0468 0.0083  647 ASP A CB  
481 C  CG  . ASP A 76 ? 0.3829 0.3881 0.6502 -0.0061 -0.0507 -0.0017 647 ASP A CG  
482 O  OD1 . ASP A 76 ? 0.3843 0.3863 0.6508 -0.0037 -0.0495 -0.0124 647 ASP A OD1 
483 O  OD2 . ASP A 76 ? 0.5005 0.5052 0.7834 -0.0079 -0.0552 -0.0005 647 ASP A OD2 
484 N  N   . GLU A 77 ? 0.2231 0.2548 0.4448 -0.0057 -0.0400 0.0237  648 GLU A N   
485 C  CA  . GLU A 77 ? 0.2295 0.2714 0.4354 -0.0046 -0.0372 0.0254  648 GLU A CA  
486 C  C   . GLU A 77 ? 0.2472 0.2873 0.4434 -0.0027 -0.0331 0.0204  648 GLU A C   
487 O  O   . GLU A 77 ? 0.2410 0.2803 0.4237 -0.0007 -0.0306 0.0144  648 GLU A O   
488 C  CB  . GLU A 77 ? 0.2589 0.3209 0.4737 -0.0063 -0.0398 0.0386  648 GLU A CB  
489 C  CG  . GLU A 77 ? 0.4183 0.4958 0.6200 -0.0046 -0.0379 0.0381  648 GLU A CG  
490 C  CD  . GLU A 77 ? 0.6109 0.7149 0.8224 -0.0061 -0.0414 0.0512  648 GLU A CD  
491 O  OE1 . GLU A 77 ? 0.7189 0.8298 0.9259 -0.0058 -0.0436 0.0533  648 GLU A OE1 
492 O  OE2 . GLU A 77 ? 0.3697 0.4894 0.5948 -0.0079 -0.0422 0.0609  648 GLU A OE2 
493 N  N   . TYR A 78 ? 0.1769 0.2173 0.3819 -0.0035 -0.0329 0.0236  649 TYR A N   
494 C  CA  . TYR A 78 ? 0.1623 0.2008 0.3577 -0.0019 -0.0291 0.0196  649 TYR A CA  
495 C  C   . TYR A 78 ? 0.2113 0.2368 0.3949 0.0004  -0.0278 0.0090  649 TYR A C   
496 O  O   . TYR A 78 ? 0.1871 0.2132 0.3599 0.0021  -0.0257 0.0053  649 TYR A O   
497 C  CB  . TYR A 78 ? 0.1823 0.2207 0.3897 -0.0032 -0.0292 0.0247  649 TYR A CB  
498 C  CG  . TYR A 78 ? 0.1765 0.2093 0.3741 -0.0017 -0.0258 0.0201  649 TYR A CG  
499 C  CD1 . TYR A 78 ? 0.1723 0.2149 0.3608 -0.0013 -0.0225 0.0211  649 TYR A CD1 
500 C  CD2 . TYR A 78 ? 0.1820 0.2021 0.3803 -0.0005 -0.0265 0.0142  649 TYR A CD2 
501 C  CE1 . TYR A 78 ? 0.1701 0.2077 0.3503 -0.0001 -0.0198 0.0179  649 TYR A CE1 
502 C  CE2 . TYR A 78 ? 0.1814 0.1979 0.3700 0.0010  -0.0239 0.0115  649 TYR A CE2 
503 C  CZ  . TYR A 78 ? 0.2142 0.2382 0.3935 0.0009  -0.0206 0.0141  649 TYR A CZ  
504 O  OH  . TYR A 78 ? 0.2329 0.2532 0.4030 0.0020  -0.0185 0.0123  649 TYR A OH  
505 N  N   . TYR A 79 ? 0.1937 0.2103 0.3825 0.0007  -0.0297 0.0043  650 TYR A N   
506 C  CA  . TYR A 79 ? 0.2047 0.2161 0.3844 0.0028  -0.0288 -0.0042 650 TYR A CA  
507 C  C   . TYR A 79 ? 0.2260 0.2397 0.3970 0.0034  -0.0279 -0.0063 650 TYR A C   
508 O  O   . TYR A 79 ? 0.2094 0.2236 0.3724 0.0048  -0.0262 -0.0081 650 TYR A O   
509 C  CB  . TYR A 79 ? 0.2371 0.2447 0.4267 0.0033  -0.0315 -0.0110 650 TYR A CB  
510 C  CG  . TYR A 79 ? 0.2675 0.2782 0.4489 0.0055  -0.0310 -0.0188 650 TYR A CG  
511 C  CD1 . TYR A 79 ? 0.2826 0.2949 0.4556 0.0073  -0.0297 -0.0198 650 TYR A CD1 
512 C  CD2 . TYR A 79 ? 0.2919 0.3073 0.4741 0.0054  -0.0315 -0.0235 650 TYR A CD2 
513 C  CE1 . TYR A 79 ? 0.3144 0.3352 0.4818 0.0090  -0.0297 -0.0235 650 TYR A CE1 
514 C  CE2 . TYR A 79 ? 0.3129 0.3376 0.4891 0.0069  -0.0306 -0.0281 650 TYR A CE2 
515 C  CZ  . TYR A 79 ? 0.3767 0.4053 0.5467 0.0088  -0.0301 -0.0276 650 TYR A CZ  
516 O  OH  . TYR A 79 ? 0.4606 0.5032 0.6276 0.0101  -0.0300 -0.0293 650 TYR A OH  
517 N  N   . HIS A 80 ? 0.1893 0.2047 0.3638 0.0022  -0.0291 -0.0053 651 HIS A N   
518 C  CA  . HIS A 80 ? 0.1949 0.2129 0.3620 0.0026  -0.0278 -0.0066 651 HIS A CA  
519 C  C   . HIS A 80 ? 0.2380 0.2594 0.3985 0.0033  -0.0263 -0.0039 651 HIS A C   
520 O  O   . HIS A 80 ? 0.2046 0.2266 0.3609 0.0044  -0.0250 -0.0058 651 HIS A O   
521 C  CB  . HIS A 80 ? 0.2003 0.2193 0.3714 0.0009  -0.0294 -0.0062 651 HIS A CB  
522 C  CG  . HIS A 80 ? 0.2416 0.2596 0.4202 0.0008  -0.0309 -0.0131 651 HIS A CG  
523 N  ND1 . HIS A 80 ? 0.2760 0.2909 0.4691 -0.0004 -0.0346 -0.0137 651 HIS A ND1 
524 C  CD2 . HIS A 80 ? 0.2464 0.2696 0.4226 0.0020  -0.0297 -0.0202 651 HIS A CD2 
525 C  CE1 . HIS A 80 ? 0.2667 0.2837 0.4653 0.0005  -0.0354 -0.0237 651 HIS A CE1 
526 N  NE2 . HIS A 80 ? 0.2767 0.3009 0.4646 0.0020  -0.0324 -0.0276 651 HIS A NE2 
527 N  N   . LEU A 81 ? 0.2149 0.2415 0.3775 0.0030  -0.0268 0.0001  652 LEU A N   
528 C  CA  . LEU A 81 ? 0.2318 0.2653 0.3904 0.0045  -0.0257 -0.0007 652 LEU A CA  
529 C  C   . LEU A 81 ? 0.2414 0.2718 0.3982 0.0061  -0.0242 -0.0044 652 LEU A C   
530 O  O   . LEU A 81 ? 0.2331 0.2647 0.3893 0.0077  -0.0238 -0.0079 652 LEU A O   
531 C  CB  . LEU A 81 ? 0.2628 0.3106 0.4246 0.0041  -0.0268 0.0038  652 LEU A CB  
532 C  CG  . LEU A 81 ? 0.3640 0.4183 0.5285 0.0026  -0.0293 0.0096  652 LEU A CG  
533 C  CD1 . LEU A 81 ? 0.3867 0.4624 0.5542 0.0028  -0.0309 0.0145  652 LEU A CD1 
534 C  CD2 . LEU A 81 ? 0.4184 0.4670 0.5763 0.0034  -0.0288 0.0063  652 LEU A CD2 
535 N  N   . LEU A 82 ? 0.1681 0.1940 0.3256 0.0057  -0.0239 -0.0037 653 LEU A N   
536 C  CA  . LEU A 82 ? 0.1708 0.1934 0.3258 0.0070  -0.0230 -0.0061 653 LEU A CA  
537 C  C   . LEU A 82 ? 0.2136 0.2318 0.3677 0.0078  -0.0236 -0.0078 653 LEU A C   
538 O  O   . LEU A 82 ? 0.2163 0.2347 0.3720 0.0090  -0.0238 -0.0086 653 LEU A O   
539 C  CB  . LEU A 82 ? 0.1873 0.2075 0.3422 0.0064  -0.0224 -0.0043 653 LEU A CB  
540 C  CG  . LEU A 82 ? 0.2728 0.3003 0.4283 0.0060  -0.0208 -0.0024 653 LEU A CG  
541 C  CD1 . LEU A 82 ? 0.2829 0.3067 0.4380 0.0053  -0.0198 0.0003  653 LEU A CD1 
542 C  CD2 . LEU A 82 ? 0.2475 0.2783 0.4013 0.0077  -0.0202 -0.0071 653 LEU A CD2 
543 N  N   . ALA A 83 ? 0.1968 0.2143 0.3512 0.0072  -0.0241 -0.0079 654 ALA A N   
544 C  CA  . ALA A 83 ? 0.2082 0.2290 0.3633 0.0077  -0.0244 -0.0081 654 ALA A CA  
545 C  C   . ALA A 83 ? 0.2471 0.2702 0.4047 0.0078  -0.0239 -0.0066 654 ALA A C   
546 O  O   . ALA A 83 ? 0.2365 0.2630 0.3989 0.0084  -0.0245 -0.0043 654 ALA A O   
547 C  CB  . ALA A 83 ? 0.2197 0.2442 0.3760 0.0070  -0.0249 -0.0106 654 ALA A CB  
548 N  N   . GLU A 84 ? 0.2230 0.2460 0.3796 0.0074  -0.0234 -0.0071 655 GLU A N   
549 C  CA  . GLU A 84 ? 0.2221 0.2478 0.3817 0.0079  -0.0232 -0.0068 655 GLU A CA  
550 C  C   . GLU A 84 ? 0.2958 0.3210 0.4615 0.0098  -0.0242 -0.0091 655 GLU A C   
551 O  O   . GLU A 84 ? 0.2814 0.3073 0.4559 0.0106  -0.0248 -0.0082 655 GLU A O   
552 C  CB  . GLU A 84 ? 0.2653 0.2934 0.4212 0.0074  -0.0232 -0.0069 655 GLU A CB  
553 C  CG  . GLU A 84 ? 0.4587 0.4911 0.6169 0.0089  -0.0234 -0.0084 655 GLU A CG  
554 C  CD  . GLU A 84 ? 0.7117 0.7443 0.8750 0.0091  -0.0226 -0.0068 655 GLU A CD  
555 O  OE1 . GLU A 84 ? 0.5980 0.6332 0.7668 0.0109  -0.0233 -0.0096 655 GLU A OE1 
556 O  OE2 . GLU A 84 ? 0.5735 0.6066 0.7373 0.0076  -0.0213 -0.0030 655 GLU A OE2 
557 N  N   . LYS A 85 ? 0.2540 0.2789 0.4181 0.0104  -0.0244 -0.0118 656 LYS A N   
558 C  CA  . LYS A 85 ? 0.2692 0.2949 0.4404 0.0122  -0.0254 -0.0159 656 LYS A CA  
559 C  C   . LYS A 85 ? 0.3048 0.3259 0.4823 0.0122  -0.0268 -0.0125 656 LYS A C   
560 O  O   . LYS A 85 ? 0.3108 0.3318 0.5009 0.0135  -0.0288 -0.0135 656 LYS A O   
561 C  CB  . LYS A 85 ? 0.3202 0.3508 0.4877 0.0123  -0.0246 -0.0187 656 LYS A CB  
562 C  CG  . LYS A 85 ? 0.4947 0.5286 0.6701 0.0142  -0.0256 -0.0253 656 LYS A CG  
563 C  CD  . LYS A 85 ? 0.6717 0.7195 0.8528 0.0162  -0.0263 -0.0336 656 LYS A CD  
564 C  CE  . LYS A 85 ? 0.8684 0.9317 1.0435 0.0156  -0.0246 -0.0333 656 LYS A CE  
565 N  NZ  . LYS A 85 ? 0.9697 1.0535 1.1508 0.0181  -0.0258 -0.0421 656 LYS A NZ  
566 N  N   . ILE A 86 ? 0.2299 0.2493 0.4009 0.0112  -0.0264 -0.0082 657 ILE A N   
567 C  CA  . ILE A 86 ? 0.2313 0.2518 0.4071 0.0112  -0.0284 -0.0032 657 ILE A CA  
568 C  C   . ILE A 86 ? 0.2861 0.3125 0.4738 0.0110  -0.0297 0.0021  657 ILE A C   
569 O  O   . ILE A 86 ? 0.2816 0.3098 0.4827 0.0114  -0.0325 0.0064  657 ILE A O   
570 C  CB  . ILE A 86 ? 0.2565 0.2786 0.4230 0.0107  -0.0279 -0.0012 657 ILE A CB  
571 C  CG1 . ILE A 86 ? 0.2219 0.2387 0.3808 0.0108  -0.0268 -0.0038 657 ILE A CG1 
572 C  CG2 . ILE A 86 ? 0.2887 0.3197 0.4603 0.0110  -0.0305 0.0054  657 ILE A CG2 
573 C  CD1 . ILE A 86 ? 0.2552 0.2716 0.4069 0.0103  -0.0259 -0.0046 657 ILE A CD1 
574 N  N   . TYR A 87 ? 0.2553 0.2858 0.4403 0.0100  -0.0279 0.0028  658 TYR A N   
575 C  CA  . TYR A 87 ? 0.2728 0.3120 0.4692 0.0093  -0.0283 0.0092  658 TYR A CA  
576 C  C   . TYR A 87 ? 0.3507 0.3864 0.5608 0.0102  -0.0294 0.0082  658 TYR A C   
577 O  O   . TYR A 87 ? 0.3791 0.4210 0.6065 0.0098  -0.0312 0.0156  658 TYR A O   
578 C  CB  . TYR A 87 ? 0.2980 0.3431 0.4867 0.0079  -0.0254 0.0093  658 TYR A CB  
579 C  CG  . TYR A 87 ? 0.3242 0.3776 0.5058 0.0074  -0.0252 0.0091  658 TYR A CG  
580 C  CD1 . TYR A 87 ? 0.3508 0.4179 0.5387 0.0075  -0.0271 0.0149  658 TYR A CD1 
581 C  CD2 . TYR A 87 ? 0.3373 0.3870 0.5083 0.0069  -0.0238 0.0028  658 TYR A CD2 
582 C  CE1 . TYR A 87 ? 0.3809 0.4589 0.5630 0.0078  -0.0274 0.0124  658 TYR A CE1 
583 C  CE2 . TYR A 87 ? 0.3647 0.4224 0.5326 0.0070  -0.0242 -0.0001 658 TYR A CE2 
584 C  CZ  . TYR A 87 ? 0.4731 0.5458 0.6457 0.0078  -0.0259 0.0036  658 TYR A CZ  
585 O  OH  . TYR A 87 ? 0.5453 0.6295 0.7157 0.0086  -0.0269 -0.0015 658 TYR A OH  
586 N  N   . LYS A 88 ? 0.3292 0.3578 0.5345 0.0115  -0.0288 -0.0005 659 LYS A N   
587 C  CA  . LYS A 88 ? 0.3454 0.3726 0.5646 0.0133  -0.0305 -0.0055 659 LYS A CA  
588 C  C   . LYS A 88 ? 0.4175 0.4422 0.6545 0.0145  -0.0344 -0.0055 659 LYS A C   
589 O  O   . LYS A 88 ? 0.4278 0.4537 0.6867 0.0150  -0.0372 -0.0029 659 LYS A O   
590 C  CB  . LYS A 88 ? 0.3914 0.4181 0.6005 0.0150  -0.0295 -0.0155 659 LYS A CB  
591 C  CG  . LYS A 88 ? 0.6198 0.6497 0.8410 0.0175  -0.0312 -0.0229 659 LYS A CG  
592 C  CD  . LYS A 88 ? 0.7682 0.8053 0.9805 0.0194  -0.0310 -0.0327 659 LYS A CD  
593 C  CE  . LYS A 88 ? 0.9521 0.9946 1.1514 0.0188  -0.0292 -0.0307 659 LYS A CE  
594 N  NZ  . LYS A 88 ? 1.1080 1.1644 1.3034 0.0210  -0.0302 -0.0390 659 LYS A NZ  
595 N  N   . ILE A 89 ? 0.3433 0.3653 0.5733 0.0146  -0.0349 -0.0074 660 ILE A N   
596 C  CA  . ILE A 89 ? 0.3293 0.3488 0.5739 0.0154  -0.0387 -0.0072 660 ILE A CA  
597 C  C   . ILE A 89 ? 0.3711 0.3955 0.6306 0.0139  -0.0417 0.0068  660 ILE A C   
598 O  O   . ILE A 89 ? 0.4028 0.4269 0.6867 0.0144  -0.0464 0.0097  660 ILE A O   
599 C  CB  . ILE A 89 ? 0.3702 0.3868 0.6000 0.0154  -0.0376 -0.0106 660 ILE A CB  
600 C  CG1 . ILE A 89 ? 0.3928 0.4112 0.6144 0.0168  -0.0352 -0.0229 660 ILE A CG1 
601 C  CG2 . ILE A 89 ? 0.3740 0.3886 0.6172 0.0156  -0.0417 -0.0075 660 ILE A CG2 
602 C  CD1 . ILE A 89 ? 0.4598 0.4783 0.6643 0.0160  -0.0326 -0.0234 660 ILE A CD1 
603 N  N   . GLN A 90 ? 0.2941 0.3259 0.5416 0.0121  -0.0399 0.0152  661 GLN A N   
604 C  CA  . GLN A 90 ? 0.3159 0.3610 0.5762 0.0106  -0.0425 0.0298  661 GLN A CA  
605 C  C   . GLN A 90 ? 0.4234 0.4748 0.7090 0.0099  -0.0443 0.0369  661 GLN A C   
606 O  O   . GLN A 90 ? 0.4382 0.4977 0.7485 0.0092  -0.0491 0.0485  661 GLN A O   
607 C  CB  . GLN A 90 ? 0.3339 0.3904 0.5762 0.0095  -0.0396 0.0332  661 GLN A CB  
608 C  CG  . GLN A 90 ? 0.5179 0.5957 0.7706 0.0083  -0.0426 0.0474  661 GLN A CG  
609 C  CD  . GLN A 90 ? 0.8418 0.9342 1.0787 0.0078  -0.0394 0.0465  661 GLN A CD  
610 O  OE1 . GLN A 90 ? 0.8079 0.8971 1.0273 0.0088  -0.0385 0.0396  661 GLN A OE1 
611 N  NE2 . GLN A 90 ? 0.8175 0.9266 1.0619 0.0063  -0.0377 0.0523  661 GLN A NE2 
612 N  N   . LYS A 91 ? 0.3986 0.4468 0.6795 0.0101  -0.0409 0.0308  662 LYS A N   
613 C  CA  . LYS A 91 ? 0.4108 0.4638 0.7140 0.0096  -0.0416 0.0363  662 LYS A CA  
614 C  C   . LYS A 91 ? 0.4964 0.5408 0.8276 0.0115  -0.0468 0.0322  662 LYS A C   
615 O  O   . LYS A 91 ? 0.4909 0.5425 0.8528 0.0105  -0.0510 0.0439  662 LYS A O   
616 C  CB  . LYS A 91 ? 0.4406 0.4908 0.7280 0.0098  -0.0365 0.0291  662 LYS A CB  
617 N  N   . GLU A 92 ? 0.4633 0.4953 0.7868 0.0143  -0.0471 0.0159  663 GLU A N   
618 C  CA  . GLU A 92 ? 0.4618 0.4869 0.8108 0.0168  -0.0522 0.0066  663 GLU A CA  
619 C  C   . GLU A 92 ? 0.5228 0.5484 0.8945 0.0160  -0.0583 0.0156  663 GLU A C   
620 O  O   . GLU A 92 ? 0.5143 0.5382 0.9212 0.0168  -0.0643 0.0161  663 GLU A O   
621 C  CB  . GLU A 92 ? 0.4812 0.5006 0.8130 0.0196  -0.0505 -0.0128 663 GLU A CB  
622 C  CG  . GLU A 92 ? 0.6406 0.6622 0.9604 0.0212  -0.0471 -0.0225 663 GLU A CG  
623 C  CD  . GLU A 92 ? 0.9563 0.9801 1.2569 0.0235  -0.0450 -0.0380 663 GLU A CD  
624 O  OE1 . GLU A 92 ? 0.9428 0.9658 1.2401 0.0239  -0.0458 -0.0430 663 GLU A OE1 
625 O  OE2 . GLU A 92 ? 0.8283 0.8573 1.1177 0.0247  -0.0426 -0.0438 663 GLU A OE2 
626 N  N   . CYS A 93 ? 0.4659 0.4945 0.8195 0.0144  -0.0575 0.0230  664 CYS A N   
627 C  CA  . CYS A 93 ? 0.4593 0.4904 0.8304 0.0135  -0.0633 0.0332  664 CYS A CA  
628 C  C   . CYS A 93 ? 0.4842 0.5317 0.8781 0.0108  -0.0672 0.0560  664 CYS A C   
629 O  O   . CYS A 93 ? 0.4868 0.5372 0.9112 0.0103  -0.0744 0.0659  664 CYS A O   
630 C  CB  . CYS A 93 ? 0.4680 0.4963 0.8102 0.0135  -0.0613 0.0306  664 CYS A CB  
631 S  SG  . CYS A 93 ? 0.5342 0.5495 0.8601 0.0161  -0.0584 0.0076  664 CYS A SG  
632 N  N   . GLU A 94 ? 0.4164 0.4778 0.7991 0.0090  -0.0629 0.0649  665 GLU A N   
633 C  CA  . GLU A 94 ? 0.6593 0.7446 1.0640 0.0061  -0.0657 0.0873  665 GLU A CA  
634 C  C   . GLU A 94 ? 1.1766 1.2636 1.6239 0.0055  -0.0701 0.0953  665 GLU A C   
635 O  O   . GLU A 94 ? 0.7128 0.8100 1.1946 0.0041  -0.0774 0.1114  665 GLU A O   
636 C  CB  . GLU A 94 ? 0.6699 0.7720 1.0514 0.0045  -0.0592 0.0915  665 GLU A CB  
# 
